data_3I4J
#
_entry.id   3I4J
#
_cell.length_a   64.746
_cell.length_b   193.124
_cell.length_c   64.769
_cell.angle_alpha   90.00
_cell.angle_beta   105.41
_cell.angle_gamma   90.00
#
_symmetry.space_group_name_H-M   'P 1 21 1'
#
loop_
_entity.id
_entity.type
_entity.pdbx_description
1 polymer 'Aminotransferase, class III'
2 non-polymer 'SULFATE ION'
3 water water
#
_entity_poly.entity_id   1
_entity_poly.type   'polypeptide(L)'
_entity_poly.pdbx_seq_one_letter_code
;MSNVFYRSSKPYPVAVRGEGVFLYDDAGRRYLDGSSGALVANIGHGRAEVGERMAAQAARLPFVHGSQFSSDVLEEYAGR
LARFVGLPTFRFWAVSGGSEATESAVKLARQYHVERGEPGRFKVITRVPSYHGASLGSLAASGMGARRELYTPLMRPEAW
PKLPKPDPARNGAEDAEGLRALLEREGPETVAAFMAEPVVGASDAALAPAPGYYERVRDICDEAGIIFIADEVMSGMGRC
GSPLALSRWSGVTPDIAVLGKGLAAGYAPLAGLLAAPQVYETVMGGSGAFMHGFTYAGHPVSVAAGLSVLDIVEREDLTG
AAKERGAQLLAGLQALQARFPQMMQVRGTGLLLGVVLGDLATGQAFETPGIASRIGAAALKRGLITYPGSGAEPNGRGDH
LLLGPPLSITAAEVDGLLALLAGALEDVLG
;
_entity_poly.pdbx_strand_id   A,B,C,D
#
# COMPACT_ATOMS: atom_id res chain seq x y z
N ASN A 3 -15.00 -3.14 4.62
CA ASN A 3 -15.90 -3.56 3.50
C ASN A 3 -15.93 -2.54 2.36
N VAL A 4 -14.96 -1.64 2.35
CA VAL A 4 -14.90 -0.63 1.30
C VAL A 4 -14.19 -1.12 0.03
N PHE A 5 -14.82 -0.87 -1.13
CA PHE A 5 -14.24 -1.26 -2.40
C PHE A 5 -13.30 -0.12 -2.79
N TYR A 6 -12.02 -0.25 -2.45
CA TYR A 6 -11.06 0.79 -2.77
C TYR A 6 -10.81 0.85 -4.27
N ARG A 7 -10.35 2.01 -4.74
CA ARG A 7 -10.10 2.21 -6.15
C ARG A 7 -8.89 1.45 -6.67
N SER A 8 -7.99 1.08 -5.76
CA SER A 8 -6.79 0.35 -6.15
C SER A 8 -6.16 -0.28 -4.92
N SER A 9 -5.04 -0.95 -5.13
CA SER A 9 -4.31 -1.63 -4.06
C SER A 9 -3.47 -0.69 -3.20
N LYS A 10 -3.28 0.55 -3.65
CA LYS A 10 -2.48 1.49 -2.88
C LYS A 10 -3.22 1.95 -1.62
N PRO A 11 -2.49 2.56 -0.66
CA PRO A 11 -3.11 3.02 0.58
C PRO A 11 -4.05 4.22 0.42
N TYR A 12 -5.16 4.17 1.14
CA TYR A 12 -6.13 5.25 1.13
C TYR A 12 -6.40 5.60 2.59
N PRO A 13 -5.63 6.57 3.12
CA PRO A 13 -5.80 7.00 4.52
C PRO A 13 -7.26 7.30 4.82
N VAL A 14 -7.69 6.98 6.02
CA VAL A 14 -9.08 7.24 6.41
C VAL A 14 -9.20 8.65 6.98
N ALA A 15 -9.87 9.53 6.23
CA ALA A 15 -10.06 10.91 6.68
C ALA A 15 -11.16 10.94 7.73
N VAL A 16 -11.00 11.79 8.75
CA VAL A 16 -12.01 11.89 9.79
C VAL A 16 -12.48 13.31 10.06
N ARG A 17 -11.64 14.29 9.73
CA ARG A 17 -12.00 15.69 9.96
C ARG A 17 -11.45 16.62 8.89
N GLY A 18 -12.25 17.64 8.57
CA GLY A 18 -11.85 18.63 7.58
C GLY A 18 -12.17 19.97 8.19
N GLU A 19 -11.18 20.87 8.24
CA GLU A 19 -11.39 22.18 8.83
C GLU A 19 -10.64 23.26 8.06
N GLY A 20 -11.38 24.14 7.40
CA GLY A 20 -10.74 25.19 6.62
C GLY A 20 -10.05 24.56 5.44
N VAL A 21 -8.74 24.79 5.31
CA VAL A 21 -7.99 24.21 4.21
C VAL A 21 -7.26 22.94 4.62
N PHE A 22 -7.56 22.45 5.83
CA PHE A 22 -6.91 21.26 6.34
C PHE A 22 -7.77 20.01 6.50
N LEU A 23 -7.14 18.87 6.26
CA LEU A 23 -7.78 17.56 6.40
C LEU A 23 -6.96 16.77 7.42
N TYR A 24 -7.64 15.92 8.19
CA TYR A 24 -7.00 15.09 9.21
C TYR A 24 -7.48 13.64 9.11
N ASP A 25 -6.55 12.69 9.18
CA ASP A 25 -6.94 11.27 9.11
C ASP A 25 -7.03 10.65 10.51
N ASP A 26 -7.52 9.42 10.58
CA ASP A 26 -7.67 8.74 11.87
C ASP A 26 -6.35 8.36 12.51
N ALA A 27 -5.25 8.68 11.85
CA ALA A 27 -3.93 8.38 12.37
C ALA A 27 -3.33 9.64 12.99
N GLY A 28 -4.08 10.74 12.94
CA GLY A 28 -3.61 11.99 13.50
C GLY A 28 -3.00 12.97 12.51
N ARG A 29 -2.65 12.48 11.32
CA ARG A 29 -2.04 13.31 10.29
C ARG A 29 -2.87 14.49 9.81
N ARG A 30 -2.17 15.59 9.50
CA ARG A 30 -2.83 16.78 8.98
C ARG A 30 -2.28 17.02 7.57
N TYR A 31 -3.15 17.46 6.68
CA TYR A 31 -2.76 17.73 5.29
C TYR A 31 -3.32 19.08 4.86
N LEU A 32 -2.54 19.82 4.05
CA LEU A 32 -3.01 21.10 3.53
C LEU A 32 -3.63 20.74 2.18
N ASP A 33 -4.92 21.03 2.02
CA ASP A 33 -5.63 20.70 0.79
C ASP A 33 -5.29 21.69 -0.33
N GLY A 34 -4.12 21.48 -0.94
CA GLY A 34 -3.65 22.37 -1.99
C GLY A 34 -4.41 22.38 -3.29
N SER A 35 -5.24 21.37 -3.53
CA SER A 35 -6.02 21.31 -4.76
C SER A 35 -7.51 21.21 -4.46
N SER A 36 -7.88 21.49 -3.21
CA SER A 36 -9.28 21.44 -2.77
C SER A 36 -9.88 20.10 -3.21
N GLY A 37 -9.10 19.04 -3.08
CA GLY A 37 -9.54 17.71 -3.50
C GLY A 37 -9.24 17.66 -4.99
N ALA A 38 -10.27 17.86 -5.80
CA ALA A 38 -10.13 17.89 -7.25
C ALA A 38 -10.73 19.24 -7.66
N LEU A 39 -10.23 20.30 -7.03
CA LEU A 39 -10.71 21.67 -7.24
C LEU A 39 -12.22 21.71 -7.02
N VAL A 40 -12.62 21.10 -5.91
CA VAL A 40 -14.01 20.98 -5.49
C VAL A 40 -14.38 21.82 -4.24
N ALA A 41 -13.60 21.65 -3.18
CA ALA A 41 -13.83 22.33 -1.90
C ALA A 41 -13.49 23.81 -1.91
N ASN A 42 -14.20 24.55 -2.75
CA ASN A 42 -13.96 25.98 -2.92
C ASN A 42 -14.11 26.89 -1.72
N ILE A 43 -14.93 26.51 -0.74
CA ILE A 43 -15.11 27.37 0.42
C ILE A 43 -14.53 26.81 1.72
N GLY A 44 -13.69 25.78 1.57
CA GLY A 44 -13.07 25.18 2.73
C GLY A 44 -13.95 24.10 3.36
N HIS A 45 -13.36 23.33 4.26
CA HIS A 45 -14.06 22.25 4.92
C HIS A 45 -14.65 22.58 6.29
N GLY A 46 -15.71 21.86 6.64
CA GLY A 46 -16.37 22.02 7.91
C GLY A 46 -17.28 23.23 8.11
N ARG A 47 -17.92 23.70 7.03
CA ARG A 47 -18.81 24.85 7.15
C ARG A 47 -20.13 24.38 7.77
N ALA A 48 -20.26 24.57 9.07
CA ALA A 48 -21.47 24.15 9.78
C ALA A 48 -22.68 24.91 9.24
N GLU A 49 -22.43 26.07 8.65
CA GLU A 49 -23.51 26.87 8.08
C GLU A 49 -24.20 26.10 6.98
N VAL A 50 -23.41 25.51 6.10
CA VAL A 50 -23.97 24.74 4.99
C VAL A 50 -24.69 23.52 5.53
N GLY A 51 -24.09 22.88 6.54
CA GLY A 51 -24.72 21.70 7.12
C GLY A 51 -26.10 22.02 7.64
N GLU A 52 -26.24 23.14 8.35
CA GLU A 52 -27.53 23.52 8.89
C GLU A 52 -28.57 23.81 7.80
N ARG A 53 -28.12 24.38 6.69
CA ARG A 53 -29.04 24.68 5.59
C ARG A 53 -29.52 23.38 4.94
N MET A 54 -28.62 22.40 4.83
CA MET A 54 -28.99 21.10 4.26
C MET A 54 -29.96 20.39 5.20
N ALA A 55 -29.70 20.45 6.50
CA ALA A 55 -30.56 19.81 7.48
C ALA A 55 -31.97 20.44 7.44
N ALA A 56 -32.03 21.75 7.31
CA ALA A 56 -33.32 22.44 7.25
C ALA A 56 -34.11 21.98 6.03
N GLN A 57 -33.41 21.76 4.91
CA GLN A 57 -34.08 21.33 3.69
C GLN A 57 -34.53 19.89 3.80
N ALA A 58 -33.70 19.05 4.39
CA ALA A 58 -34.04 17.65 4.56
C ALA A 58 -35.30 17.51 5.39
N ALA A 59 -35.42 18.35 6.42
CA ALA A 59 -36.59 18.30 7.30
C ALA A 59 -37.85 18.93 6.70
N ARG A 60 -37.66 19.79 5.71
CA ARG A 60 -38.79 20.47 5.08
C ARG A 60 -39.29 19.79 3.80
N LEU A 61 -38.37 19.52 2.88
CA LEU A 61 -38.68 18.88 1.60
C LEU A 61 -37.37 18.33 1.04
N PRO A 62 -37.05 17.07 1.36
CA PRO A 62 -35.80 16.48 0.87
C PRO A 62 -35.77 16.05 -0.59
N PHE A 63 -36.91 15.58 -1.10
CA PHE A 63 -36.94 15.06 -2.46
C PHE A 63 -38.22 15.18 -3.29
N VAL A 64 -38.05 15.53 -4.54
CA VAL A 64 -39.14 15.57 -5.52
C VAL A 64 -38.45 15.19 -6.82
N HIS A 65 -39.15 14.50 -7.71
CA HIS A 65 -38.57 14.13 -8.98
C HIS A 65 -38.98 15.20 -9.97
N GLY A 66 -38.00 15.71 -10.73
CA GLY A 66 -38.24 16.78 -11.69
C GLY A 66 -39.30 16.58 -12.75
N SER A 67 -39.70 15.34 -12.98
CA SER A 67 -40.74 15.08 -13.97
C SER A 67 -42.11 15.34 -13.37
N GLN A 68 -42.15 15.50 -12.05
CA GLN A 68 -43.40 15.71 -11.32
C GLN A 68 -43.53 17.07 -10.66
N PHE A 69 -42.44 17.54 -10.05
CA PHE A 69 -42.46 18.83 -9.34
C PHE A 69 -41.15 19.61 -9.43
N SER A 70 -41.28 20.93 -9.28
CA SER A 70 -40.11 21.81 -9.19
C SER A 70 -40.15 22.02 -7.68
N SER A 71 -39.29 22.86 -7.13
CA SER A 71 -39.33 23.11 -5.68
C SER A 71 -39.07 24.57 -5.46
N ASP A 72 -39.48 25.09 -4.30
CA ASP A 72 -39.26 26.50 -4.04
C ASP A 72 -37.76 26.80 -3.90
N VAL A 73 -37.01 25.88 -3.32
CA VAL A 73 -35.58 26.11 -3.16
C VAL A 73 -34.87 26.13 -4.52
N LEU A 74 -35.32 25.32 -5.48
CA LEU A 74 -34.70 25.31 -6.80
C LEU A 74 -35.05 26.61 -7.53
N GLU A 75 -36.30 27.06 -7.41
CA GLU A 75 -36.73 28.29 -8.06
C GLU A 75 -35.87 29.45 -7.51
N GLU A 76 -35.66 29.45 -6.21
CA GLU A 76 -34.87 30.50 -5.55
C GLU A 76 -33.41 30.44 -6.02
N TYR A 77 -32.81 29.26 -5.89
CA TYR A 77 -31.42 29.05 -6.28
C TYR A 77 -31.16 29.38 -7.75
N ALA A 78 -32.03 28.94 -8.64
CA ALA A 78 -31.84 29.20 -10.07
C ALA A 78 -31.65 30.68 -10.34
N GLY A 79 -32.50 31.51 -9.75
CA GLY A 79 -32.39 32.94 -9.94
C GLY A 79 -31.14 33.53 -9.32
N ARG A 80 -30.83 33.12 -8.09
CA ARG A 80 -29.64 33.62 -7.38
C ARG A 80 -28.35 33.28 -8.12
N LEU A 81 -28.24 32.03 -8.59
CA LEU A 81 -27.05 31.58 -9.31
C LEU A 81 -26.89 32.33 -10.62
N ALA A 82 -27.99 32.41 -11.38
CA ALA A 82 -27.98 33.10 -12.65
C ALA A 82 -27.47 34.52 -12.47
N ARG A 83 -27.98 35.21 -11.46
CA ARG A 83 -27.55 36.58 -11.18
C ARG A 83 -26.07 36.63 -10.78
N PHE A 84 -25.65 35.75 -9.87
CA PHE A 84 -24.26 35.77 -9.45
C PHE A 84 -23.25 35.61 -10.60
N VAL A 85 -23.52 34.69 -11.51
CA VAL A 85 -22.59 34.45 -12.61
C VAL A 85 -22.65 35.44 -13.77
N GLY A 86 -23.56 36.41 -13.69
CA GLY A 86 -23.66 37.38 -14.76
C GLY A 86 -24.51 36.95 -15.93
N LEU A 87 -25.35 35.92 -15.72
CA LEU A 87 -26.24 35.42 -16.76
C LEU A 87 -27.63 35.38 -16.11
N PRO A 88 -28.07 36.52 -15.57
CA PRO A 88 -29.36 36.68 -14.89
C PRO A 88 -30.65 36.16 -15.52
N THR A 89 -30.75 36.16 -16.84
CA THR A 89 -31.97 35.67 -17.48
C THR A 89 -31.88 34.22 -17.95
N PHE A 90 -30.71 33.59 -17.79
CA PHE A 90 -30.51 32.21 -18.23
C PHE A 90 -31.28 31.18 -17.41
N ARG A 91 -31.53 30.03 -18.02
CA ARG A 91 -32.28 28.94 -17.40
C ARG A 91 -31.36 27.87 -16.85
N PHE A 92 -31.54 27.54 -15.58
CA PHE A 92 -30.72 26.55 -14.89
C PHE A 92 -31.26 25.14 -14.92
N TRP A 93 -30.43 24.23 -15.43
CA TRP A 93 -30.74 22.80 -15.54
C TRP A 93 -29.81 22.10 -14.53
N ALA A 94 -30.39 21.67 -13.43
CA ALA A 94 -29.63 21.03 -12.35
C ALA A 94 -29.48 19.52 -12.49
N VAL A 95 -28.26 19.03 -12.27
CA VAL A 95 -27.96 17.60 -12.31
C VAL A 95 -27.05 17.29 -11.11
N SER A 96 -26.53 16.08 -11.01
CA SER A 96 -25.72 15.75 -9.84
C SER A 96 -24.20 15.67 -9.98
N GLY A 97 -23.71 15.75 -11.22
CA GLY A 97 -22.27 15.68 -11.44
C GLY A 97 -21.84 16.37 -12.71
N GLY A 98 -20.55 16.71 -12.79
CA GLY A 98 -20.00 17.38 -13.96
C GLY A 98 -20.24 16.67 -15.28
N SER A 99 -20.05 15.35 -15.31
CA SER A 99 -20.27 14.63 -16.55
C SER A 99 -21.71 14.68 -17.01
N GLU A 100 -22.65 14.67 -16.06
CA GLU A 100 -24.05 14.76 -16.42
C GLU A 100 -24.32 16.14 -17.00
N ALA A 101 -23.63 17.14 -16.47
CA ALA A 101 -23.82 18.52 -16.93
C ALA A 101 -23.31 18.72 -18.34
N THR A 102 -22.12 18.20 -18.62
CA THR A 102 -21.52 18.33 -19.95
C THR A 102 -22.35 17.54 -20.97
N GLU A 103 -22.78 16.34 -20.57
CA GLU A 103 -23.60 15.50 -21.44
C GLU A 103 -24.89 16.26 -21.80
N SER A 104 -25.49 16.90 -20.80
CA SER A 104 -26.72 17.66 -20.99
C SER A 104 -26.50 18.83 -21.93
N ALA A 105 -25.35 19.49 -21.80
CA ALA A 105 -25.03 20.63 -22.65
C ALA A 105 -24.92 20.22 -24.10
N VAL A 106 -24.25 19.10 -24.37
CA VAL A 106 -24.12 18.63 -25.74
C VAL A 106 -25.46 18.19 -26.32
N LYS A 107 -26.27 17.50 -25.52
CA LYS A 107 -27.57 17.07 -26.01
C LYS A 107 -28.46 18.29 -26.29
N LEU A 108 -28.34 19.31 -25.45
CA LEU A 108 -29.14 20.53 -25.63
C LEU A 108 -28.74 21.26 -26.90
N ALA A 109 -27.44 21.36 -27.15
CA ALA A 109 -26.93 22.06 -28.33
C ALA A 109 -27.41 21.36 -29.60
N ARG A 110 -27.39 20.04 -29.58
CA ARG A 110 -27.82 19.27 -30.75
C ARG A 110 -29.32 19.37 -30.94
N GLN A 111 -30.07 19.29 -29.86
CA GLN A 111 -31.53 19.38 -29.96
C GLN A 111 -31.96 20.76 -30.46
N TYR A 112 -31.20 21.79 -30.08
CA TYR A 112 -31.50 23.16 -30.49
C TYR A 112 -31.66 23.26 -32.01
N HIS A 113 -30.73 22.65 -32.74
CA HIS A 113 -30.77 22.68 -34.19
C HIS A 113 -31.84 21.79 -34.79
N VAL A 114 -32.13 20.69 -34.10
CA VAL A 114 -33.18 19.79 -34.56
C VAL A 114 -34.52 20.52 -34.48
N GLU A 115 -34.72 21.29 -33.42
CA GLU A 115 -35.94 22.05 -33.23
C GLU A 115 -36.07 23.12 -34.31
N ARG A 116 -34.93 23.61 -34.80
CA ARG A 116 -34.92 24.64 -35.83
C ARG A 116 -34.91 24.06 -37.25
N GLY A 117 -35.11 22.75 -37.36
CA GLY A 117 -35.13 22.12 -38.67
C GLY A 117 -33.77 21.95 -39.32
N GLU A 118 -32.72 21.87 -38.52
CA GLU A 118 -31.36 21.68 -39.04
C GLU A 118 -30.70 20.50 -38.34
N PRO A 119 -31.25 19.29 -38.53
CA PRO A 119 -30.71 18.07 -37.91
C PRO A 119 -29.29 17.72 -38.40
N GLY A 120 -28.85 18.39 -39.46
CA GLY A 120 -27.53 18.15 -39.99
C GLY A 120 -26.42 18.67 -39.11
N ARG A 121 -26.75 19.64 -38.26
CA ARG A 121 -25.76 20.22 -37.34
C ARG A 121 -25.60 19.28 -36.15
N PHE A 122 -24.66 18.35 -36.26
CA PHE A 122 -24.45 17.37 -35.20
C PHE A 122 -23.04 17.38 -34.59
N LYS A 123 -22.09 17.99 -35.28
CA LYS A 123 -20.72 18.03 -34.79
C LYS A 123 -20.50 18.98 -33.61
N VAL A 124 -19.72 18.52 -32.64
CA VAL A 124 -19.38 19.32 -31.47
C VAL A 124 -17.88 19.52 -31.49
N ILE A 125 -17.46 20.75 -31.75
CA ILE A 125 -16.03 21.06 -31.80
C ILE A 125 -15.53 21.26 -30.38
N THR A 126 -14.42 20.60 -30.05
CA THR A 126 -13.78 20.77 -28.75
C THR A 126 -12.34 21.15 -29.05
N ARG A 127 -11.56 21.43 -28.02
CA ARG A 127 -10.18 21.87 -28.21
C ARG A 127 -9.16 21.01 -27.49
N VAL A 128 -8.09 20.64 -28.20
CA VAL A 128 -7.02 19.85 -27.59
C VAL A 128 -6.44 20.62 -26.40
N PRO A 129 -6.13 19.94 -25.28
CA PRO A 129 -6.30 18.50 -25.02
C PRO A 129 -7.47 18.25 -24.08
N SER A 130 -8.37 19.22 -23.99
CA SER A 130 -9.54 19.11 -23.12
C SER A 130 -10.40 17.91 -23.52
N ARG A 156 -18.98 8.97 -32.98
CA ARG A 156 -18.02 8.78 -34.06
C ARG A 156 -17.01 9.91 -34.10
N PRO A 157 -15.73 9.59 -34.42
CA PRO A 157 -14.65 10.58 -34.49
C PRO A 157 -14.97 11.82 -35.32
N GLU A 158 -15.60 11.64 -36.48
CA GLU A 158 -15.92 12.78 -37.35
C GLU A 158 -16.87 13.77 -36.69
N ALA A 159 -17.64 13.29 -35.71
CA ALA A 159 -18.60 14.16 -35.02
C ALA A 159 -17.93 15.02 -33.96
N TRP A 160 -16.64 14.81 -33.75
CA TRP A 160 -15.93 15.57 -32.75
C TRP A 160 -14.63 16.20 -33.24
N PRO A 161 -14.73 17.24 -34.09
CA PRO A 161 -13.58 17.96 -34.64
C PRO A 161 -12.76 18.58 -33.51
N LYS A 162 -11.46 18.69 -33.72
CA LYS A 162 -10.58 19.26 -32.68
C LYS A 162 -9.86 20.53 -33.10
N LEU A 163 -9.99 21.56 -32.28
CA LEU A 163 -9.30 22.83 -32.53
C LEU A 163 -7.97 22.70 -31.80
N PRO A 164 -6.89 23.24 -32.37
CA PRO A 164 -5.56 23.16 -31.73
C PRO A 164 -5.58 23.81 -30.34
N LYS A 165 -4.72 23.34 -29.44
CA LYS A 165 -4.70 23.93 -28.11
C LYS A 165 -4.32 25.40 -28.20
N PRO A 166 -4.75 26.19 -27.21
CA PRO A 166 -4.44 27.63 -27.21
C PRO A 166 -2.95 27.89 -27.10
N ASP A 167 -2.51 29.01 -27.65
CA ASP A 167 -1.11 29.42 -27.62
C ASP A 167 -1.09 30.86 -27.09
N PRO A 168 -0.91 31.04 -25.77
CA PRO A 168 -0.88 32.38 -25.17
C PRO A 168 0.24 33.28 -25.69
N ALA A 169 1.25 32.67 -26.31
CA ALA A 169 2.36 33.44 -26.85
C ALA A 169 1.89 34.09 -28.15
N ARG A 170 0.81 33.56 -28.69
CA ARG A 170 0.21 34.05 -29.93
C ARG A 170 -0.86 35.08 -29.59
N ASN A 171 -1.23 35.90 -30.58
CA ASN A 171 -2.26 36.91 -30.35
C ASN A 171 -3.61 36.21 -30.10
N GLY A 172 -4.33 36.69 -29.09
CA GLY A 172 -5.62 36.10 -28.75
C GLY A 172 -6.60 35.93 -29.89
N ALA A 173 -6.86 37.02 -30.62
CA ALA A 173 -7.78 36.97 -31.75
C ALA A 173 -7.21 36.12 -32.87
N GLU A 174 -5.90 36.27 -33.12
CA GLU A 174 -5.22 35.51 -34.15
C GLU A 174 -5.34 34.02 -33.84
N ASP A 175 -5.13 33.67 -32.58
CA ASP A 175 -5.20 32.29 -32.12
C ASP A 175 -6.61 31.73 -32.34
N ALA A 176 -7.62 32.49 -31.92
CA ALA A 176 -9.01 32.07 -32.06
C ALA A 176 -9.49 31.95 -33.50
N GLU A 177 -8.89 32.71 -34.40
CA GLU A 177 -9.27 32.67 -35.82
C GLU A 177 -9.28 31.24 -36.35
N GLY A 178 -8.47 30.39 -35.75
CA GLY A 178 -8.40 29.00 -36.19
C GLY A 178 -9.74 28.29 -36.12
N LEU A 179 -10.64 28.80 -35.27
CA LEU A 179 -11.97 28.18 -35.15
C LEU A 179 -12.78 28.41 -36.43
N ARG A 180 -12.64 29.59 -37.02
CA ARG A 180 -13.36 29.90 -38.25
C ARG A 180 -12.87 29.02 -39.39
N ALA A 181 -11.56 28.89 -39.49
CA ALA A 181 -10.95 28.08 -40.54
C ALA A 181 -11.43 26.64 -40.40
N LEU A 182 -11.53 26.16 -39.17
CA LEU A 182 -11.99 24.79 -38.91
C LEU A 182 -13.45 24.63 -39.30
N LEU A 183 -14.25 25.66 -39.04
CA LEU A 183 -15.67 25.63 -39.38
C LEU A 183 -15.87 25.53 -40.90
N GLU A 184 -15.05 26.27 -41.64
CA GLU A 184 -15.13 26.26 -43.09
C GLU A 184 -14.67 24.92 -43.64
N ARG A 185 -13.73 24.30 -42.93
CA ARG A 185 -13.19 23.00 -43.30
C ARG A 185 -14.24 21.92 -43.07
N GLU A 186 -14.98 22.05 -41.96
CA GLU A 186 -16.01 21.08 -41.59
C GLU A 186 -17.35 21.35 -42.25
N GLY A 187 -17.61 22.62 -42.55
CA GLY A 187 -18.89 22.98 -43.13
C GLY A 187 -19.79 23.36 -41.97
N PRO A 188 -19.94 24.66 -41.68
CA PRO A 188 -20.79 25.10 -40.57
C PRO A 188 -22.18 24.48 -40.50
N GLU A 189 -22.73 24.09 -41.65
CA GLU A 189 -24.06 23.50 -41.67
C GLU A 189 -24.08 22.13 -41.01
N THR A 190 -22.91 21.60 -40.67
CA THR A 190 -22.83 20.30 -40.03
C THR A 190 -22.34 20.41 -38.58
N VAL A 191 -22.16 21.64 -38.12
CA VAL A 191 -21.70 21.86 -36.76
C VAL A 191 -22.79 22.41 -35.84
N ALA A 192 -22.91 21.81 -34.67
CA ALA A 192 -23.90 22.23 -33.69
C ALA A 192 -23.31 23.16 -32.64
N ALA A 193 -22.06 22.94 -32.27
CA ALA A 193 -21.48 23.78 -31.24
C ALA A 193 -19.97 23.71 -31.10
N PHE A 194 -19.46 24.64 -30.30
CA PHE A 194 -18.05 24.70 -29.96
C PHE A 194 -18.06 24.71 -28.43
N MET A 195 -17.38 23.74 -27.81
CA MET A 195 -17.33 23.67 -26.35
C MET A 195 -15.88 23.82 -25.91
N ALA A 196 -15.64 24.62 -24.88
CA ALA A 196 -14.28 24.83 -24.39
C ALA A 196 -14.22 25.26 -22.94
N GLU A 197 -13.14 24.88 -22.27
CA GLU A 197 -12.90 25.30 -20.89
C GLU A 197 -12.24 26.68 -21.06
N PRO A 198 -12.80 27.75 -20.49
CA PRO A 198 -12.17 29.07 -20.65
C PRO A 198 -10.69 28.98 -20.30
N VAL A 199 -10.40 28.42 -19.13
CA VAL A 199 -9.04 28.20 -18.67
C VAL A 199 -9.01 26.67 -18.55
N VAL A 200 -8.03 26.04 -19.18
CA VAL A 200 -7.93 24.58 -19.17
C VAL A 200 -7.61 23.98 -17.80
N GLY A 201 -8.18 22.81 -17.54
CA GLY A 201 -7.97 22.12 -16.28
C GLY A 201 -6.77 21.19 -16.29
N ALA A 202 -6.95 19.98 -15.76
CA ALA A 202 -5.87 18.99 -15.67
C ALA A 202 -5.21 18.63 -17.01
N SER A 203 -5.99 18.66 -18.09
CA SER A 203 -5.48 18.32 -19.42
C SER A 203 -4.17 19.06 -19.74
N ASP A 204 -4.13 20.32 -19.34
CA ASP A 204 -2.96 21.18 -19.56
C ASP A 204 -3.08 22.25 -18.48
N ALA A 205 -2.63 21.88 -17.28
CA ALA A 205 -2.69 22.72 -16.08
C ALA A 205 -2.77 24.23 -16.24
N ALA A 206 -3.99 24.74 -16.05
CA ALA A 206 -4.26 26.18 -16.12
C ALA A 206 -3.88 26.91 -17.39
N LEU A 207 -3.88 26.21 -18.52
CA LEU A 207 -3.55 26.85 -19.79
C LEU A 207 -4.65 27.85 -20.13
N ALA A 208 -4.26 29.11 -20.35
CA ALA A 208 -5.23 30.16 -20.67
C ALA A 208 -4.83 30.92 -21.93
N PRO A 209 -5.81 31.15 -22.83
CA PRO A 209 -5.63 31.86 -24.09
C PRO A 209 -5.28 33.32 -23.80
N ALA A 210 -4.68 34.00 -24.78
CA ALA A 210 -4.32 35.40 -24.61
C ALA A 210 -5.54 36.30 -24.76
N PRO A 211 -5.43 37.57 -24.33
CA PRO A 211 -6.55 38.50 -24.43
C PRO A 211 -7.09 38.56 -25.86
N GLY A 212 -8.41 38.74 -25.99
CA GLY A 212 -9.02 38.82 -27.30
C GLY A 212 -9.50 37.50 -27.89
N TYR A 213 -9.07 36.40 -27.29
CA TYR A 213 -9.44 35.07 -27.77
C TYR A 213 -10.93 34.76 -27.78
N TYR A 214 -11.57 34.79 -26.61
CA TYR A 214 -12.99 34.47 -26.54
C TYR A 214 -13.90 35.52 -27.15
N GLU A 215 -13.42 36.75 -27.26
CA GLU A 215 -14.21 37.79 -27.90
C GLU A 215 -14.36 37.37 -29.35
N ARG A 216 -13.25 36.90 -29.94
CA ARG A 216 -13.28 36.45 -31.32
C ARG A 216 -14.10 35.16 -31.45
N VAL A 217 -13.97 34.27 -30.47
CA VAL A 217 -14.73 33.01 -30.49
C VAL A 217 -16.23 33.31 -30.52
N ARG A 218 -16.67 34.24 -29.68
CA ARG A 218 -18.07 34.64 -29.59
C ARG A 218 -18.59 35.10 -30.94
N ASP A 219 -17.83 35.96 -31.62
CA ASP A 219 -18.24 36.45 -32.92
C ASP A 219 -18.30 35.35 -33.97
N ILE A 220 -17.29 34.48 -33.98
CA ILE A 220 -17.26 33.38 -34.94
C ILE A 220 -18.46 32.45 -34.77
N CYS A 221 -18.82 32.15 -33.53
CA CYS A 221 -19.96 31.28 -33.27
C CYS A 221 -21.25 31.96 -33.72
N ASP A 222 -21.39 33.24 -33.40
CA ASP A 222 -22.58 33.99 -33.79
C ASP A 222 -22.74 33.96 -35.30
N GLU A 223 -21.65 34.24 -36.01
CA GLU A 223 -21.65 34.25 -37.47
C GLU A 223 -22.02 32.87 -38.02
N ALA A 224 -21.43 31.83 -37.45
CA ALA A 224 -21.68 30.46 -37.89
C ALA A 224 -23.04 29.93 -37.44
N GLY A 225 -23.63 30.61 -36.45
CA GLY A 225 -24.93 30.18 -35.96
C GLY A 225 -24.82 28.91 -35.12
N ILE A 226 -23.66 28.69 -34.51
CA ILE A 226 -23.45 27.51 -33.68
C ILE A 226 -23.51 27.91 -32.22
N ILE A 227 -23.75 26.91 -31.37
CA ILE A 227 -23.85 27.12 -29.94
C ILE A 227 -22.48 27.14 -29.27
N PHE A 228 -22.21 28.19 -28.50
CA PHE A 228 -20.94 28.33 -27.79
C PHE A 228 -21.16 27.81 -26.38
N ILE A 229 -20.48 26.71 -26.03
CA ILE A 229 -20.61 26.11 -24.70
C ILE A 229 -19.35 26.34 -23.89
N ALA A 230 -19.50 26.99 -22.73
CA ALA A 230 -18.36 27.25 -21.87
C ALA A 230 -18.39 26.23 -20.74
N ASP A 231 -17.36 25.38 -20.69
CA ASP A 231 -17.27 24.36 -19.66
C ASP A 231 -16.55 24.99 -18.47
N GLU A 232 -17.34 25.42 -17.48
CA GLU A 232 -16.79 26.05 -16.29
C GLU A 232 -16.95 25.17 -15.07
N VAL A 233 -16.99 23.87 -15.28
CA VAL A 233 -17.15 22.93 -14.17
C VAL A 233 -16.04 23.12 -13.15
N MET A 234 -14.82 23.37 -13.63
CA MET A 234 -13.68 23.59 -12.74
C MET A 234 -13.33 25.07 -12.62
N SER A 235 -13.45 25.80 -13.73
CA SER A 235 -13.10 27.22 -13.75
C SER A 235 -14.11 28.21 -13.19
N GLY A 236 -15.36 27.79 -13.02
CA GLY A 236 -16.38 28.69 -12.53
C GLY A 236 -16.52 28.89 -11.03
N MET A 237 -17.52 29.70 -10.69
CA MET A 237 -17.88 30.04 -9.31
C MET A 237 -16.80 30.75 -8.48
N GLY A 238 -16.04 31.63 -9.12
CA GLY A 238 -15.02 32.38 -8.41
C GLY A 238 -13.62 31.81 -8.46
N ARG A 239 -13.52 30.56 -8.89
CA ARG A 239 -12.24 29.85 -8.99
C ARG A 239 -11.15 30.66 -9.67
N CYS A 240 -11.48 31.31 -10.77
CA CYS A 240 -10.49 32.08 -11.52
C CYS A 240 -10.57 33.60 -11.32
N GLY A 241 -11.06 34.03 -10.17
CA GLY A 241 -11.13 35.45 -9.89
C GLY A 241 -12.27 36.18 -10.59
N SER A 242 -13.27 35.41 -11.01
CA SER A 242 -14.46 35.95 -11.66
C SER A 242 -15.58 34.94 -11.45
N PRO A 243 -16.84 35.40 -11.41
CA PRO A 243 -17.96 34.46 -11.22
C PRO A 243 -17.84 33.31 -12.21
N LEU A 244 -17.54 33.67 -13.46
CA LEU A 244 -17.31 32.70 -14.53
C LEU A 244 -16.00 33.17 -15.16
N ALA A 245 -15.08 32.25 -15.41
CA ALA A 245 -13.80 32.63 -15.99
C ALA A 245 -13.92 33.29 -17.36
N LEU A 246 -14.89 32.86 -18.15
CA LEU A 246 -15.08 33.40 -19.48
C LEU A 246 -15.28 34.92 -19.50
N SER A 247 -15.92 35.42 -18.45
CA SER A 247 -16.21 36.85 -18.32
C SER A 247 -14.97 37.73 -18.25
N ARG A 248 -13.83 37.12 -17.93
CA ARG A 248 -12.57 37.87 -17.86
C ARG A 248 -12.19 38.40 -19.23
N TRP A 249 -12.79 37.81 -20.26
CA TRP A 249 -12.55 38.23 -21.63
C TRP A 249 -13.67 39.19 -22.09
N SER A 250 -13.54 40.45 -21.70
CA SER A 250 -14.51 41.48 -22.08
C SER A 250 -15.99 41.16 -21.78
N GLY A 251 -16.24 40.46 -20.68
CA GLY A 251 -17.63 40.14 -20.34
C GLY A 251 -18.37 39.24 -21.30
N VAL A 252 -17.62 38.51 -22.13
CA VAL A 252 -18.24 37.59 -23.09
C VAL A 252 -19.12 36.58 -22.37
N THR A 253 -20.27 36.28 -22.98
CA THR A 253 -21.21 35.32 -22.42
C THR A 253 -21.45 34.20 -23.42
N PRO A 254 -21.59 32.97 -22.94
CA PRO A 254 -21.82 31.83 -23.82
C PRO A 254 -23.31 31.60 -24.02
N ASP A 255 -23.64 30.62 -24.85
CA ASP A 255 -25.04 30.28 -25.07
C ASP A 255 -25.42 29.26 -24.01
N ILE A 256 -24.43 28.54 -23.53
CA ILE A 256 -24.62 27.55 -22.46
C ILE A 256 -23.38 27.56 -21.60
N ALA A 257 -23.55 27.69 -20.29
CA ALA A 257 -22.42 27.66 -19.36
C ALA A 257 -22.61 26.41 -18.52
N VAL A 258 -21.60 25.55 -18.45
CA VAL A 258 -21.67 24.33 -17.67
C VAL A 258 -20.97 24.54 -16.34
N LEU A 259 -21.65 24.17 -15.25
CA LEU A 259 -21.11 24.34 -13.91
C LEU A 259 -21.09 23.03 -13.12
N GLY A 260 -20.27 23.02 -12.05
CA GLY A 260 -20.14 21.84 -11.21
C GLY A 260 -19.07 22.09 -10.15
N LYS A 261 -18.68 21.04 -9.44
CA LYS A 261 -17.66 21.15 -8.40
C LYS A 261 -17.87 22.30 -7.40
N GLY A 262 -17.35 23.47 -7.74
CA GLY A 262 -17.48 24.62 -6.86
C GLY A 262 -18.92 25.05 -6.59
N LEU A 263 -19.86 24.48 -7.33
CA LEU A 263 -21.27 24.83 -7.16
C LEU A 263 -21.72 24.59 -5.72
N ALA A 264 -21.58 23.36 -5.24
CA ALA A 264 -21.94 23.05 -3.87
C ALA A 264 -20.65 22.90 -3.05
N ALA A 265 -19.53 23.17 -3.71
CA ALA A 265 -18.20 23.13 -3.09
C ALA A 265 -17.90 21.93 -2.19
N GLY A 266 -18.31 20.75 -2.62
CA GLY A 266 -18.04 19.55 -1.86
C GLY A 266 -19.06 19.20 -0.79
N TYR A 267 -20.10 20.01 -0.64
CA TYR A 267 -21.10 19.72 0.38
C TYR A 267 -22.24 18.85 -0.12
N ALA A 268 -22.40 18.77 -1.44
CA ALA A 268 -23.44 17.94 -2.07
C ALA A 268 -23.09 17.72 -3.54
N PRO A 269 -23.51 16.57 -4.12
CA PRO A 269 -23.22 16.32 -5.53
C PRO A 269 -24.16 17.23 -6.33
N LEU A 270 -23.63 18.33 -6.83
CA LEU A 270 -24.46 19.28 -7.56
C LEU A 270 -23.69 19.85 -8.74
N ALA A 271 -24.36 19.93 -9.89
CA ALA A 271 -23.78 20.49 -11.10
C ALA A 271 -24.94 20.96 -11.96
N GLY A 272 -24.64 21.48 -13.14
CA GLY A 272 -25.73 21.93 -13.98
C GLY A 272 -25.26 22.81 -15.10
N LEU A 273 -26.22 23.42 -15.79
CA LEU A 273 -25.90 24.32 -16.88
C LEU A 273 -26.90 25.46 -16.90
N LEU A 274 -26.47 26.58 -17.47
CA LEU A 274 -27.32 27.77 -17.60
C LEU A 274 -27.41 27.97 -19.10
N ALA A 275 -28.64 27.99 -19.61
CA ALA A 275 -28.87 28.15 -21.04
C ALA A 275 -29.52 29.48 -21.34
N ALA A 276 -29.09 30.12 -22.43
CA ALA A 276 -29.67 31.40 -22.82
C ALA A 276 -31.15 31.20 -23.13
N PRO A 277 -31.98 32.21 -22.83
CA PRO A 277 -33.42 32.14 -23.08
C PRO A 277 -33.73 31.62 -24.48
N GLN A 278 -32.94 32.09 -25.45
CA GLN A 278 -33.09 31.71 -26.86
C GLN A 278 -33.04 30.18 -27.01
N VAL A 279 -32.08 29.55 -26.34
CA VAL A 279 -31.91 28.11 -26.39
C VAL A 279 -33.05 27.40 -25.67
N TYR A 280 -33.36 27.86 -24.46
CA TYR A 280 -34.43 27.25 -23.67
C TYR A 280 -35.78 27.33 -24.38
N GLU A 281 -36.15 28.52 -24.85
CA GLU A 281 -37.44 28.72 -25.52
C GLU A 281 -37.56 27.96 -26.83
N THR A 282 -36.43 27.71 -27.50
CA THR A 282 -36.46 27.00 -28.76
C THR A 282 -36.87 25.54 -28.51
N VAL A 283 -36.32 24.93 -27.47
CA VAL A 283 -36.69 23.55 -27.17
C VAL A 283 -38.10 23.48 -26.60
N MET A 284 -38.44 24.40 -25.70
CA MET A 284 -39.77 24.42 -25.11
C MET A 284 -40.85 24.78 -26.12
N GLY A 285 -40.50 25.64 -27.07
CA GLY A 285 -41.45 26.07 -28.09
C GLY A 285 -41.60 25.08 -29.23
N GLY A 286 -40.72 24.10 -29.28
CA GLY A 286 -40.78 23.10 -30.33
C GLY A 286 -41.44 21.84 -29.82
N SER A 287 -40.64 20.78 -29.68
CA SER A 287 -41.15 19.51 -29.18
C SER A 287 -41.67 19.72 -27.77
N GLY A 288 -41.11 20.70 -27.08
CA GLY A 288 -41.54 21.01 -25.72
C GLY A 288 -41.03 20.05 -24.66
N ALA A 289 -39.96 19.31 -24.96
CA ALA A 289 -39.39 18.37 -24.01
C ALA A 289 -37.88 18.28 -24.20
N PHE A 290 -37.15 18.10 -23.10
CA PHE A 290 -35.70 18.02 -23.14
C PHE A 290 -35.12 16.65 -22.75
N MET A 291 -34.96 16.41 -21.45
CA MET A 291 -34.41 15.13 -20.98
C MET A 291 -35.31 14.47 -19.93
N HIS A 292 -35.26 13.14 -19.85
CA HIS A 292 -36.09 12.40 -18.91
C HIS A 292 -35.30 11.65 -17.84
N GLY A 293 -33.99 11.56 -18.01
CA GLY A 293 -33.17 10.84 -17.04
C GLY A 293 -32.71 11.71 -15.87
N PHE A 294 -31.84 11.14 -15.04
CA PHE A 294 -31.28 11.84 -13.88
C PHE A 294 -32.25 11.94 -12.72
N THR A 295 -32.35 10.86 -11.97
CA THR A 295 -33.24 10.76 -10.82
C THR A 295 -33.09 11.90 -9.82
N TYR A 296 -31.85 12.22 -9.44
CA TYR A 296 -31.61 13.27 -8.46
C TYR A 296 -31.42 14.67 -9.04
N ALA A 297 -31.76 14.86 -10.31
CA ALA A 297 -31.63 16.19 -10.91
C ALA A 297 -32.59 17.14 -10.20
N GLY A 298 -32.06 18.26 -9.71
CA GLY A 298 -32.89 19.24 -8.99
C GLY A 298 -33.08 18.89 -7.53
N HIS A 299 -32.41 17.83 -7.09
CA HIS A 299 -32.51 17.38 -5.70
C HIS A 299 -32.54 18.54 -4.71
N PRO A 300 -33.68 18.73 -4.01
CA PRO A 300 -33.80 19.82 -3.03
C PRO A 300 -32.65 19.99 -2.03
N VAL A 301 -32.26 18.92 -1.35
CA VAL A 301 -31.19 19.04 -0.35
C VAL A 301 -29.87 19.50 -0.95
N SER A 302 -29.52 18.95 -2.11
CA SER A 302 -28.27 19.32 -2.77
C SER A 302 -28.36 20.76 -3.27
N VAL A 303 -29.52 21.15 -3.77
CA VAL A 303 -29.72 22.50 -4.27
C VAL A 303 -29.60 23.50 -3.11
N ALA A 304 -30.12 23.11 -1.94
CA ALA A 304 -30.05 23.96 -0.74
C ALA A 304 -28.59 24.16 -0.34
N ALA A 305 -27.76 23.14 -0.53
CA ALA A 305 -26.35 23.25 -0.21
C ALA A 305 -25.74 24.27 -1.19
N GLY A 306 -26.15 24.17 -2.44
CA GLY A 306 -25.63 25.10 -3.44
C GLY A 306 -26.02 26.53 -3.10
N LEU A 307 -27.24 26.71 -2.62
CA LEU A 307 -27.71 28.05 -2.27
C LEU A 307 -26.92 28.61 -1.07
N SER A 308 -26.64 27.76 -0.09
CA SER A 308 -25.88 28.17 1.08
C SER A 308 -24.44 28.51 0.70
N VAL A 309 -23.84 27.67 -0.15
CA VAL A 309 -22.48 27.90 -0.63
C VAL A 309 -22.44 29.23 -1.36
N LEU A 310 -23.48 29.50 -2.16
CA LEU A 310 -23.54 30.76 -2.89
C LEU A 310 -23.61 31.94 -1.92
N ASP A 311 -24.40 31.80 -0.86
CA ASP A 311 -24.50 32.88 0.14
C ASP A 311 -23.12 33.23 0.68
N ILE A 312 -22.34 32.20 1.00
CA ILE A 312 -21.00 32.37 1.54
C ILE A 312 -20.05 32.98 0.51
N VAL A 313 -20.07 32.45 -0.71
CA VAL A 313 -19.21 32.95 -1.77
C VAL A 313 -19.42 34.45 -1.99
N GLU A 314 -20.67 34.89 -1.93
CA GLU A 314 -20.98 36.31 -2.14
C GLU A 314 -20.67 37.13 -0.89
N ARG A 315 -21.03 36.62 0.28
CA ARG A 315 -20.79 37.32 1.53
C ARG A 315 -19.31 37.57 1.82
N GLU A 316 -18.49 36.55 1.64
CA GLU A 316 -17.05 36.65 1.89
C GLU A 316 -16.25 37.10 0.67
N ASP A 317 -16.96 37.47 -0.40
CA ASP A 317 -16.34 37.90 -1.66
C ASP A 317 -15.17 37.00 -2.04
N LEU A 318 -15.44 35.69 -2.09
CA LEU A 318 -14.39 34.73 -2.43
C LEU A 318 -13.87 34.88 -3.85
N THR A 319 -14.64 35.53 -4.71
CA THR A 319 -14.20 35.76 -6.08
C THR A 319 -13.05 36.78 -6.00
N GLY A 320 -13.21 37.77 -5.13
CA GLY A 320 -12.16 38.76 -4.97
C GLY A 320 -10.98 38.14 -4.25
N ALA A 321 -11.27 37.27 -3.29
CA ALA A 321 -10.22 36.58 -2.53
C ALA A 321 -9.36 35.74 -3.47
N ALA A 322 -9.99 35.05 -4.40
CA ALA A 322 -9.27 34.21 -5.35
C ALA A 322 -8.27 35.02 -6.15
N LYS A 323 -8.64 36.26 -6.49
CA LYS A 323 -7.75 37.11 -7.25
C LYS A 323 -6.54 37.51 -6.43
N GLU A 324 -6.76 37.85 -5.17
CA GLU A 324 -5.67 38.26 -4.30
C GLU A 324 -4.77 37.10 -3.90
N ARG A 325 -5.38 36.03 -3.40
CA ARG A 325 -4.61 34.86 -3.00
C ARG A 325 -3.97 34.20 -4.22
N GLY A 326 -4.62 34.31 -5.37
CA GLY A 326 -4.09 33.75 -6.60
C GLY A 326 -2.84 34.47 -7.05
N ALA A 327 -2.82 35.79 -6.90
CA ALA A 327 -1.67 36.58 -7.31
C ALA A 327 -0.50 36.25 -6.39
N GLN A 328 -0.78 36.05 -5.11
CA GLN A 328 0.24 35.73 -4.13
C GLN A 328 0.87 34.37 -4.43
N LEU A 329 0.03 33.38 -4.70
CA LEU A 329 0.51 32.04 -4.98
C LEU A 329 1.28 31.99 -6.30
N LEU A 330 0.81 32.70 -7.31
CA LEU A 330 1.49 32.73 -8.61
C LEU A 330 2.87 33.35 -8.46
N ALA A 331 2.95 34.46 -7.73
CA ALA A 331 4.23 35.13 -7.50
C ALA A 331 5.16 34.16 -6.78
N GLY A 332 4.58 33.38 -5.86
CA GLY A 332 5.36 32.40 -5.13
C GLY A 332 5.91 31.31 -6.04
N LEU A 333 5.12 30.90 -7.03
CA LEU A 333 5.53 29.86 -7.96
C LEU A 333 6.62 30.38 -8.90
N GLN A 334 6.49 31.66 -9.27
CA GLN A 334 7.46 32.26 -10.17
C GLN A 334 8.81 32.41 -9.47
N ALA A 335 8.78 32.68 -8.16
CA ALA A 335 10.01 32.81 -7.40
C ALA A 335 10.68 31.43 -7.37
N LEU A 336 9.89 30.38 -7.24
CA LEU A 336 10.41 29.02 -7.22
C LEU A 336 10.96 28.62 -8.58
N GLN A 337 10.35 29.13 -9.65
CA GLN A 337 10.78 28.83 -11.00
C GLN A 337 12.22 29.32 -11.22
N ALA A 338 12.58 30.43 -10.57
CA ALA A 338 13.91 30.99 -10.71
C ALA A 338 14.94 30.06 -10.06
N ARG A 339 14.47 29.27 -9.10
CA ARG A 339 15.32 28.33 -8.38
C ARG A 339 15.35 26.95 -9.05
N PHE A 340 14.21 26.54 -9.59
CA PHE A 340 14.07 25.25 -10.26
C PHE A 340 13.73 25.45 -11.73
N PRO A 341 14.76 25.60 -12.59
CA PRO A 341 14.53 25.80 -14.03
C PRO A 341 13.70 24.70 -14.68
N GLN A 342 13.56 23.56 -13.98
CA GLN A 342 12.76 22.46 -14.52
C GLN A 342 11.31 22.90 -14.64
N MET A 343 10.94 23.93 -13.87
CA MET A 343 9.59 24.49 -13.91
C MET A 343 9.54 25.33 -15.18
N MET A 344 9.40 24.65 -16.32
CA MET A 344 9.36 25.30 -17.62
C MET A 344 8.34 26.42 -17.73
N GLN A 345 7.15 26.19 -17.20
CA GLN A 345 6.11 27.21 -17.24
C GLN A 345 5.31 27.24 -15.95
N VAL A 346 4.95 28.45 -15.52
CA VAL A 346 4.16 28.67 -14.33
C VAL A 346 2.99 29.53 -14.78
N ARG A 347 1.78 29.04 -14.57
CA ARG A 347 0.59 29.77 -15.00
C ARG A 347 -0.45 29.90 -13.91
N GLY A 348 -1.32 30.88 -14.06
CA GLY A 348 -2.36 31.08 -13.08
C GLY A 348 -3.39 32.13 -13.44
N THR A 349 -4.65 31.82 -13.16
CA THR A 349 -5.75 32.75 -13.37
C THR A 349 -6.53 32.58 -12.08
N GLY A 350 -6.50 33.60 -11.22
CA GLY A 350 -7.19 33.46 -9.95
C GLY A 350 -6.52 32.31 -9.20
N LEU A 351 -7.32 31.45 -8.57
CA LEU A 351 -6.75 30.32 -7.84
C LEU A 351 -6.71 28.99 -8.59
N LEU A 352 -6.57 29.08 -9.92
CA LEU A 352 -6.43 27.90 -10.76
C LEU A 352 -5.02 28.10 -11.32
N LEU A 353 -4.06 27.33 -10.81
CA LEU A 353 -2.68 27.47 -11.25
C LEU A 353 -2.05 26.17 -11.74
N GLY A 354 -1.01 26.30 -12.56
CA GLY A 354 -0.35 25.13 -13.09
C GLY A 354 1.15 25.30 -13.24
N VAL A 355 1.86 24.18 -13.18
CA VAL A 355 3.30 24.19 -13.33
C VAL A 355 3.64 23.11 -14.35
N VAL A 356 4.28 23.54 -15.44
CA VAL A 356 4.69 22.64 -16.51
C VAL A 356 6.15 22.29 -16.26
N LEU A 357 6.44 21.00 -16.18
CA LEU A 357 7.78 20.54 -15.91
C LEU A 357 8.41 19.85 -17.12
N GLY A 358 9.74 19.91 -17.19
CA GLY A 358 10.45 19.28 -18.29
C GLY A 358 11.59 18.41 -17.81
N ILE A 371 7.42 13.21 -13.87
CA ILE A 371 8.06 14.26 -13.07
C ILE A 371 7.06 14.90 -12.12
N ALA A 372 5.91 15.32 -12.66
CA ALA A 372 4.87 15.94 -11.85
C ALA A 372 4.32 14.92 -10.84
N SER A 373 4.24 13.66 -11.27
CA SER A 373 3.74 12.61 -10.41
C SER A 373 4.64 12.43 -9.19
N ARG A 374 5.95 12.46 -9.40
CA ARG A 374 6.89 12.31 -8.30
C ARG A 374 6.82 13.50 -7.35
N ILE A 375 6.61 14.69 -7.90
CA ILE A 375 6.50 15.88 -7.07
C ILE A 375 5.25 15.76 -6.20
N GLY A 376 4.18 15.25 -6.80
CA GLY A 376 2.94 15.06 -6.06
C GLY A 376 3.12 14.08 -4.93
N ALA A 377 3.85 13.00 -5.19
CA ALA A 377 4.09 11.98 -4.17
C ALA A 377 4.95 12.55 -3.05
N ALA A 378 5.97 13.33 -3.42
CA ALA A 378 6.85 13.94 -2.45
C ALA A 378 6.08 14.98 -1.63
N ALA A 379 5.14 15.65 -2.30
CA ALA A 379 4.34 16.66 -1.63
C ALA A 379 3.39 16.02 -0.62
N LEU A 380 2.79 14.88 -0.99
CA LEU A 380 1.87 14.20 -0.10
C LEU A 380 2.59 13.72 1.15
N LYS A 381 3.82 13.25 0.97
CA LYS A 381 4.61 12.77 2.10
C LYS A 381 4.86 13.93 3.06
N ARG A 382 4.92 15.14 2.53
CA ARG A 382 5.14 16.33 3.34
C ARG A 382 3.82 16.92 3.88
N GLY A 383 2.70 16.33 3.48
CA GLY A 383 1.42 16.82 3.96
C GLY A 383 0.68 17.79 3.06
N LEU A 384 1.05 17.84 1.78
CA LEU A 384 0.39 18.73 0.83
C LEU A 384 -0.38 17.94 -0.21
N ILE A 385 -1.69 18.16 -0.25
CA ILE A 385 -2.57 17.48 -1.21
C ILE A 385 -2.47 18.22 -2.54
N THR A 386 -2.29 17.47 -3.63
CA THR A 386 -2.21 18.04 -4.96
C THR A 386 -3.27 17.36 -5.82
N TYR A 387 -3.56 17.91 -6.99
CA TYR A 387 -4.58 17.33 -7.86
C TYR A 387 -4.33 15.85 -8.12
N ASP A 399 3.34 15.37 -16.76
CA ASP A 399 4.35 16.41 -16.56
C ASP A 399 3.72 17.77 -16.22
N HIS A 400 2.46 17.74 -15.79
CA HIS A 400 1.75 18.95 -15.41
C HIS A 400 1.30 18.84 -13.97
N LEU A 401 1.38 19.93 -13.23
CA LEU A 401 0.95 19.94 -11.84
C LEU A 401 -0.13 21.02 -11.70
N LEU A 402 -1.32 20.62 -11.29
CA LEU A 402 -2.42 21.56 -11.12
C LEU A 402 -2.61 21.90 -9.66
N LEU A 403 -2.67 23.19 -9.35
CA LEU A 403 -2.83 23.63 -7.97
C LEU A 403 -4.09 24.49 -7.87
N GLY A 404 -4.77 24.41 -6.74
CA GLY A 404 -5.98 25.19 -6.54
C GLY A 404 -6.58 24.96 -5.18
N PRO A 405 -6.07 25.67 -4.15
CA PRO A 405 -6.58 25.51 -2.79
C PRO A 405 -7.92 26.22 -2.63
N PRO A 406 -8.60 26.02 -1.48
CA PRO A 406 -9.89 26.66 -1.25
C PRO A 406 -9.78 28.18 -1.39
N LEU A 407 -10.81 28.79 -1.99
CA LEU A 407 -10.81 30.24 -2.20
C LEU A 407 -10.76 31.00 -0.87
N SER A 408 -11.06 30.31 0.21
CA SER A 408 -11.07 30.88 1.55
C SER A 408 -9.71 30.78 2.25
N ILE A 409 -8.71 30.31 1.52
CA ILE A 409 -7.37 30.17 2.07
C ILE A 409 -6.82 31.53 2.50
N THR A 410 -6.06 31.55 3.60
CA THR A 410 -5.50 32.82 4.09
C THR A 410 -4.13 33.05 3.50
N ALA A 411 -3.64 34.28 3.62
CA ALA A 411 -2.31 34.61 3.09
C ALA A 411 -1.24 33.75 3.77
N ALA A 412 -1.38 33.53 5.07
CA ALA A 412 -0.41 32.72 5.78
C ALA A 412 -0.44 31.29 5.27
N GLU A 413 -1.63 30.78 4.96
CA GLU A 413 -1.75 29.42 4.47
C GLU A 413 -1.21 29.27 3.05
N VAL A 414 -1.27 30.33 2.26
CA VAL A 414 -0.71 30.26 0.92
C VAL A 414 0.80 30.08 1.06
N ASP A 415 1.41 30.84 1.97
CA ASP A 415 2.85 30.73 2.19
C ASP A 415 3.20 29.33 2.69
N GLY A 416 2.33 28.76 3.51
CA GLY A 416 2.56 27.42 4.02
C GLY A 416 2.52 26.42 2.89
N LEU A 417 1.60 26.62 1.95
CA LEU A 417 1.46 25.74 0.80
C LEU A 417 2.74 25.79 -0.03
N LEU A 418 3.24 27.01 -0.24
CA LEU A 418 4.46 27.22 -1.01
C LEU A 418 5.68 26.59 -0.35
N ALA A 419 5.73 26.61 0.97
CA ALA A 419 6.86 26.03 1.70
C ALA A 419 6.86 24.51 1.52
N LEU A 420 5.67 23.90 1.57
CA LEU A 420 5.55 22.46 1.40
C LEU A 420 5.93 22.08 -0.03
N LEU A 421 5.45 22.86 -1.00
CA LEU A 421 5.74 22.60 -2.40
C LEU A 421 7.23 22.73 -2.67
N ALA A 422 7.85 23.76 -2.10
CA ALA A 422 9.28 23.97 -2.28
C ALA A 422 10.04 22.74 -1.81
N GLY A 423 9.61 22.18 -0.68
CA GLY A 423 10.25 20.99 -0.14
C GLY A 423 10.10 19.80 -1.07
N ALA A 424 8.91 19.63 -1.65
CA ALA A 424 8.65 18.53 -2.56
C ALA A 424 9.50 18.69 -3.82
N LEU A 425 9.62 19.93 -4.28
CA LEU A 425 10.42 20.23 -5.45
C LEU A 425 11.89 19.90 -5.22
N GLU A 426 12.41 20.27 -4.06
CA GLU A 426 13.82 20.00 -3.73
C GLU A 426 14.05 18.49 -3.67
N ASP A 427 13.08 17.76 -3.13
CA ASP A 427 13.19 16.31 -3.03
C ASP A 427 13.37 15.68 -4.40
N VAL A 428 12.58 16.16 -5.37
CA VAL A 428 12.62 15.62 -6.73
C VAL A 428 13.63 16.27 -7.68
N LEU A 429 13.83 17.58 -7.53
CA LEU A 429 14.75 18.29 -8.42
C LEU A 429 16.10 18.66 -7.80
N ASN B 3 36.40 -16.40 29.43
CA ASN B 3 35.08 -17.02 29.08
C ASN B 3 34.81 -16.94 27.58
N VAL B 4 35.84 -16.66 26.81
CA VAL B 4 35.67 -16.56 25.36
C VAL B 4 35.85 -17.90 24.67
N PHE B 5 34.93 -18.22 23.76
CA PHE B 5 35.00 -19.45 23.00
C PHE B 5 35.86 -19.09 21.79
N TYR B 6 37.16 -19.35 21.89
CA TYR B 6 38.07 -19.03 20.79
C TYR B 6 37.80 -19.95 19.60
N ARG B 7 38.16 -19.49 18.40
CA ARG B 7 37.96 -20.26 17.17
C ARG B 7 38.84 -21.51 17.10
N SER B 8 39.95 -21.51 17.83
CA SER B 8 40.84 -22.65 17.82
C SER B 8 41.73 -22.68 19.05
N SER B 9 42.55 -23.72 19.15
CA SER B 9 43.45 -23.94 20.27
C SER B 9 44.69 -23.05 20.27
N LYS B 10 44.93 -22.33 19.18
CA LYS B 10 46.09 -21.47 19.10
C LYS B 10 45.93 -20.22 19.97
N PRO B 11 47.05 -19.57 20.31
CA PRO B 11 46.99 -18.36 21.15
C PRO B 11 46.39 -17.20 20.36
N TYR B 12 45.47 -16.48 20.98
CA TYR B 12 44.83 -15.33 20.33
C TYR B 12 45.20 -14.06 21.07
N PRO B 13 45.97 -13.17 20.41
CA PRO B 13 46.34 -11.92 21.08
C PRO B 13 45.06 -11.16 21.39
N VAL B 14 45.05 -10.39 22.48
CA VAL B 14 43.88 -9.61 22.84
C VAL B 14 44.07 -8.17 22.40
N ALA B 15 43.36 -7.77 21.36
CA ALA B 15 43.46 -6.41 20.84
C ALA B 15 42.79 -5.44 21.82
N VAL B 16 43.37 -4.26 21.98
CA VAL B 16 42.80 -3.27 22.88
C VAL B 16 42.56 -1.94 22.18
N ARG B 17 43.24 -1.71 21.06
CA ARG B 17 43.09 -0.44 20.34
C ARG B 17 43.41 -0.51 18.85
N GLY B 18 42.73 0.31 18.08
CA GLY B 18 42.95 0.38 16.65
C GLY B 18 43.02 1.85 16.28
N GLU B 19 44.09 2.24 15.59
CA GLU B 19 44.28 3.64 15.21
C GLU B 19 44.85 3.71 13.79
N GLY B 20 44.06 4.22 12.86
CA GLY B 20 44.52 4.31 11.48
C GLY B 20 44.68 2.92 10.91
N VAL B 21 45.87 2.61 10.40
CA VAL B 21 46.14 1.30 9.84
C VAL B 21 46.76 0.37 10.88
N PHE B 22 46.81 0.81 12.13
CA PHE B 22 47.45 0.02 13.19
C PHE B 22 46.55 -0.57 14.27
N LEU B 23 46.95 -1.73 14.77
CA LEU B 23 46.25 -2.42 15.84
C LEU B 23 47.24 -2.59 16.99
N TYR B 24 46.74 -2.53 18.22
CA TYR B 24 47.59 -2.67 19.40
C TYR B 24 47.00 -3.73 20.33
N ASP B 25 47.83 -4.61 20.88
CA ASP B 25 47.29 -5.62 21.78
C ASP B 25 47.61 -5.31 23.24
N ASP B 26 47.17 -6.17 24.16
CA ASP B 26 47.37 -5.93 25.58
C ASP B 26 48.70 -6.42 26.11
N ALA B 27 49.62 -6.73 25.20
CA ALA B 27 50.94 -7.22 25.58
C ALA B 27 52.03 -6.30 25.06
N GLY B 28 51.65 -5.10 24.64
CA GLY B 28 52.62 -4.14 24.13
C GLY B 28 52.95 -4.18 22.64
N ARG B 29 52.29 -5.05 21.88
CA ARG B 29 52.58 -5.19 20.45
C ARG B 29 51.77 -4.27 19.55
N ARG B 30 52.40 -3.78 18.48
CA ARG B 30 51.71 -2.94 17.50
C ARG B 30 51.78 -3.70 16.17
N TYR B 31 50.71 -3.62 15.39
CA TYR B 31 50.63 -4.32 14.11
C TYR B 31 50.10 -3.41 13.01
N LEU B 32 50.61 -3.58 11.79
CA LEU B 32 50.11 -2.81 10.66
C LEU B 32 49.07 -3.75 10.06
N ASP B 33 47.83 -3.28 9.93
CA ASP B 33 46.74 -4.10 9.40
C ASP B 33 46.82 -4.18 7.88
N GLY B 34 47.75 -4.99 7.40
CA GLY B 34 47.98 -5.15 5.97
C GLY B 34 46.83 -5.70 5.15
N SER B 35 45.87 -6.36 5.80
CA SER B 35 44.72 -6.92 5.10
C SER B 35 43.39 -6.36 5.62
N SER B 36 43.47 -5.24 6.36
CA SER B 36 42.27 -4.59 6.91
C SER B 36 41.43 -5.65 7.62
N GLY B 37 42.11 -6.51 8.38
CA GLY B 37 41.42 -7.59 9.06
C GLY B 37 41.25 -8.64 7.96
N ALA B 38 40.08 -8.66 7.37
CA ALA B 38 39.78 -9.59 6.27
C ALA B 38 39.15 -8.73 5.18
N LEU B 39 39.88 -7.68 4.80
CA LEU B 39 39.46 -6.71 3.79
C LEU B 39 38.13 -6.09 4.20
N VAL B 40 38.06 -5.72 5.48
CA VAL B 40 36.88 -5.13 6.09
C VAL B 40 37.07 -3.66 6.48
N ALA B 41 38.16 -3.36 7.17
CA ALA B 41 38.42 -1.99 7.67
C ALA B 41 38.94 -1.01 6.62
N ASN B 42 38.10 -0.75 5.62
CA ASN B 42 38.46 0.12 4.52
C ASN B 42 38.85 1.56 4.83
N ILE B 43 38.29 2.15 5.88
CA ILE B 43 38.64 3.53 6.19
C ILE B 43 39.55 3.71 7.40
N GLY B 44 40.11 2.60 7.87
CA GLY B 44 41.00 2.67 9.01
C GLY B 44 40.26 2.48 10.32
N HIS B 45 41.03 2.30 11.39
CA HIS B 45 40.47 2.07 12.72
C HIS B 45 40.40 3.31 13.58
N GLY B 46 39.44 3.33 14.51
CA GLY B 46 39.27 4.42 15.45
C GLY B 46 38.61 5.70 14.97
N ARG B 47 37.72 5.61 13.98
CA ARG B 47 37.05 6.80 13.47
C ARG B 47 35.99 7.29 14.46
N ALA B 48 36.33 8.32 15.22
CA ALA B 48 35.39 8.89 16.18
C ALA B 48 34.17 9.42 15.46
N GLU B 49 34.36 9.90 14.23
CA GLU B 49 33.27 10.44 13.43
C GLU B 49 32.15 9.40 13.29
N VAL B 50 32.53 8.19 12.91
CA VAL B 50 31.56 7.12 12.73
C VAL B 50 30.90 6.79 14.06
N GLY B 51 31.72 6.70 15.11
CA GLY B 51 31.19 6.39 16.44
C GLY B 51 30.13 7.38 16.88
N GLU B 52 30.38 8.66 16.62
CA GLU B 52 29.43 9.71 17.00
C GLU B 52 28.13 9.57 16.22
N ARG B 53 28.23 9.19 14.95
CA ARG B 53 27.06 9.02 14.10
C ARG B 53 26.21 7.84 14.58
N MET B 54 26.87 6.79 15.08
CA MET B 54 26.17 5.62 15.58
C MET B 54 25.48 5.97 16.90
N ALA B 55 26.18 6.74 17.74
CA ALA B 55 25.63 7.15 19.03
C ALA B 55 24.38 8.00 18.82
N ALA B 56 24.44 8.93 17.87
CA ALA B 56 23.30 9.78 17.57
C ALA B 56 22.09 8.95 17.12
N GLN B 57 22.34 7.92 16.30
CA GLN B 57 21.24 7.09 15.84
C GLN B 57 20.67 6.23 16.96
N ALA B 58 21.53 5.74 17.85
CA ALA B 58 21.06 4.91 18.96
C ALA B 58 20.16 5.72 19.89
N ALA B 59 20.51 6.98 20.09
CA ALA B 59 19.74 7.87 20.96
C ALA B 59 18.42 8.32 20.32
N ARG B 60 18.38 8.33 18.99
CA ARG B 60 17.22 8.78 18.25
C ARG B 60 16.23 7.67 17.86
N LEU B 61 16.73 6.64 17.18
CA LEU B 61 15.92 5.52 16.72
C LEU B 61 16.86 4.35 16.47
N PRO B 62 17.10 3.51 17.47
CA PRO B 62 18.01 2.38 17.30
C PRO B 62 17.50 1.17 16.53
N PHE B 63 16.21 0.87 16.68
CA PHE B 63 15.67 -0.33 16.06
C PHE B 63 14.22 -0.35 15.61
N VAL B 64 14.01 -0.92 14.44
CA VAL B 64 12.70 -1.15 13.86
C VAL B 64 12.91 -2.40 13.05
N HIS B 65 11.89 -3.24 12.98
CA HIS B 65 11.96 -4.46 12.20
C HIS B 65 11.44 -4.09 10.82
N GLY B 66 12.20 -4.47 9.80
CA GLY B 66 11.84 -4.15 8.43
C GLY B 66 10.48 -4.60 7.94
N SER B 67 9.89 -5.57 8.63
CA SER B 67 8.57 -6.04 8.23
C SER B 67 7.50 -5.07 8.71
N GLN B 68 7.90 -4.12 9.56
CA GLN B 68 6.95 -3.16 10.12
C GLN B 68 7.23 -1.71 9.71
N PHE B 69 8.50 -1.31 9.73
CA PHE B 69 8.86 0.06 9.38
C PHE B 69 10.14 0.17 8.58
N SER B 70 10.26 1.28 7.86
CA SER B 70 11.46 1.62 7.14
C SER B 70 11.98 2.67 8.11
N SER B 71 13.05 3.38 7.76
CA SER B 71 13.57 4.43 8.67
C SER B 71 14.11 5.56 7.83
N ASP B 72 14.15 6.77 8.38
CA ASP B 72 14.67 7.90 7.62
C ASP B 72 16.13 7.68 7.24
N VAL B 73 16.91 7.08 8.13
CA VAL B 73 18.32 6.86 7.83
C VAL B 73 18.53 5.84 6.73
N LEU B 74 17.67 4.82 6.65
CA LEU B 74 17.78 3.82 5.60
C LEU B 74 17.37 4.46 4.27
N GLU B 75 16.30 5.25 4.30
CA GLU B 75 15.83 5.93 3.08
C GLU B 75 16.97 6.81 2.56
N GLU B 76 17.61 7.54 3.47
CA GLU B 76 18.70 8.44 3.10
C GLU B 76 19.91 7.68 2.55
N TYR B 77 20.34 6.67 3.29
CA TYR B 77 21.50 5.87 2.91
C TYR B 77 21.31 5.14 1.58
N ALA B 78 20.13 4.54 1.36
CA ALA B 78 19.87 3.81 0.14
C ALA B 78 20.13 4.68 -1.08
N GLY B 79 19.64 5.92 -1.04
CA GLY B 79 19.84 6.85 -2.14
C GLY B 79 21.29 7.27 -2.28
N ARG B 80 21.94 7.56 -1.16
CA ARG B 80 23.33 7.97 -1.16
C ARG B 80 24.22 6.87 -1.72
N LEU B 81 23.98 5.65 -1.27
CA LEU B 81 24.78 4.52 -1.70
C LEU B 81 24.59 4.23 -3.20
N ALA B 82 23.34 4.17 -3.63
CA ALA B 82 23.03 3.92 -5.03
C ALA B 82 23.78 4.90 -5.94
N ARG B 83 23.76 6.18 -5.57
CA ARG B 83 24.42 7.20 -6.36
C ARG B 83 25.95 7.05 -6.35
N PHE B 84 26.51 6.76 -5.18
CA PHE B 84 27.96 6.61 -5.08
C PHE B 84 28.49 5.54 -6.01
N VAL B 85 27.84 4.38 -6.03
CA VAL B 85 28.29 3.28 -6.87
C VAL B 85 27.91 3.38 -8.34
N GLY B 86 27.27 4.47 -8.73
CA GLY B 86 26.90 4.64 -10.12
C GLY B 86 25.69 3.85 -10.56
N LEU B 87 24.82 3.53 -9.60
CA LEU B 87 23.59 2.79 -9.86
C LEU B 87 22.46 3.57 -9.17
N PRO B 88 22.33 4.87 -9.51
CA PRO B 88 21.32 5.76 -8.93
C PRO B 88 19.85 5.31 -8.88
N THR B 89 19.45 4.45 -9.80
CA THR B 89 18.06 3.99 -9.82
C THR B 89 17.85 2.64 -9.14
N PHE B 90 18.93 1.99 -8.73
CA PHE B 90 18.83 0.68 -8.09
C PHE B 90 18.23 0.71 -6.68
N ARG B 91 17.68 -0.44 -6.28
CA ARG B 91 17.04 -0.62 -4.99
C ARG B 91 17.94 -1.37 -4.01
N PHE B 92 18.10 -0.81 -2.81
CA PHE B 92 18.97 -1.38 -1.80
C PHE B 92 18.27 -2.29 -0.79
N TRP B 93 18.73 -3.53 -0.74
CA TRP B 93 18.21 -4.53 0.18
C TRP B 93 19.30 -4.70 1.23
N ALA B 94 19.05 -4.18 2.43
CA ALA B 94 20.04 -4.23 3.49
C ALA B 94 19.93 -5.45 4.37
N VAL B 95 21.09 -6.05 4.67
CA VAL B 95 21.16 -7.22 5.54
C VAL B 95 22.37 -7.03 6.45
N SER B 96 22.68 -8.05 7.25
CA SER B 96 23.79 -7.92 8.21
C SER B 96 25.13 -8.51 7.78
N GLY B 97 25.10 -9.48 6.87
CA GLY B 97 26.36 -10.10 6.45
C GLY B 97 26.42 -10.44 4.97
N GLY B 98 27.63 -10.68 4.48
CA GLY B 98 27.83 -11.00 3.08
C GLY B 98 27.12 -12.26 2.63
N SER B 99 27.14 -13.28 3.47
CA SER B 99 26.48 -14.53 3.13
C SER B 99 24.98 -14.30 2.92
N GLU B 100 24.36 -13.54 3.82
CA GLU B 100 22.93 -13.24 3.70
C GLU B 100 22.67 -12.46 2.41
N ALA B 101 23.57 -11.55 2.09
CA ALA B 101 23.42 -10.72 0.89
C ALA B 101 23.51 -11.57 -0.38
N THR B 102 24.45 -12.50 -0.39
CA THR B 102 24.65 -13.39 -1.52
C THR B 102 23.44 -14.30 -1.70
N GLU B 103 22.95 -14.89 -0.62
CA GLU B 103 21.79 -15.76 -0.73
C GLU B 103 20.56 -14.98 -1.18
N SER B 104 20.46 -13.72 -0.76
CA SER B 104 19.33 -12.88 -1.16
C SER B 104 19.38 -12.66 -2.67
N ALA B 105 20.59 -12.46 -3.18
CA ALA B 105 20.78 -12.21 -4.61
C ALA B 105 20.36 -13.42 -5.44
N VAL B 106 20.72 -14.61 -4.97
CA VAL B 106 20.37 -15.85 -5.65
C VAL B 106 18.85 -16.05 -5.62
N LYS B 107 18.26 -15.83 -4.45
CA LYS B 107 16.82 -15.99 -4.28
C LYS B 107 16.10 -15.05 -5.24
N LEU B 108 16.57 -13.80 -5.29
CA LEU B 108 15.99 -12.79 -6.17
C LEU B 108 16.08 -13.14 -7.65
N ALA B 109 17.23 -13.65 -8.08
CA ALA B 109 17.41 -14.02 -9.47
C ALA B 109 16.41 -15.11 -9.84
N ARG B 110 16.24 -16.08 -8.96
CA ARG B 110 15.30 -17.17 -9.21
C ARG B 110 13.86 -16.63 -9.23
N GLN B 111 13.50 -15.84 -8.24
CA GLN B 111 12.14 -15.29 -8.18
C GLN B 111 11.81 -14.45 -9.41
N TYR B 112 12.77 -13.66 -9.86
CA TYR B 112 12.58 -12.81 -11.04
C TYR B 112 12.01 -13.58 -12.22
N HIS B 113 12.61 -14.73 -12.52
CA HIS B 113 12.16 -15.54 -13.65
C HIS B 113 10.83 -16.23 -13.40
N VAL B 114 10.61 -16.68 -12.17
CA VAL B 114 9.35 -17.33 -11.83
C VAL B 114 8.17 -16.34 -11.96
N GLU B 115 8.40 -15.11 -11.53
CA GLU B 115 7.38 -14.07 -11.58
C GLU B 115 7.04 -13.73 -13.04
N ARG B 116 8.01 -13.88 -13.93
CA ARG B 116 7.83 -13.59 -15.35
C ARG B 116 7.28 -14.78 -16.13
N GLY B 117 6.94 -15.86 -15.42
CA GLY B 117 6.39 -17.02 -16.08
C GLY B 117 7.41 -17.91 -16.77
N GLU B 118 8.65 -17.87 -16.28
CA GLU B 118 9.72 -18.67 -16.84
C GLU B 118 10.40 -19.48 -15.74
N PRO B 119 9.64 -20.39 -15.11
CA PRO B 119 10.15 -21.23 -14.02
C PRO B 119 11.20 -22.24 -14.47
N GLY B 120 11.43 -22.32 -15.78
CA GLY B 120 12.42 -23.23 -16.29
C GLY B 120 13.83 -22.74 -16.01
N ARG B 121 13.96 -21.43 -15.79
CA ARG B 121 15.28 -20.83 -15.52
C ARG B 121 15.61 -20.97 -14.02
N PHE B 122 16.50 -21.91 -13.70
CA PHE B 122 16.86 -22.15 -12.31
C PHE B 122 18.36 -22.21 -12.02
N LYS B 123 19.17 -22.47 -13.05
CA LYS B 123 20.61 -22.58 -12.87
C LYS B 123 21.32 -21.27 -12.58
N VAL B 124 22.30 -21.33 -11.68
CA VAL B 124 23.10 -20.16 -11.34
C VAL B 124 24.54 -20.51 -11.69
N ILE B 125 25.04 -19.92 -12.78
CA ILE B 125 26.40 -20.16 -13.19
C ILE B 125 27.36 -19.38 -12.31
N THR B 126 28.40 -20.06 -11.82
CA THR B 126 29.44 -19.41 -11.03
C THR B 126 30.75 -19.80 -11.71
N ARG B 127 31.83 -19.14 -11.33
CA ARG B 127 33.12 -19.35 -11.98
C ARG B 127 34.22 -19.91 -11.07
N VAL B 128 35.02 -20.82 -11.63
CA VAL B 128 36.14 -21.40 -10.89
C VAL B 128 37.10 -20.26 -10.57
N PRO B 129 37.65 -20.23 -9.34
CA PRO B 129 37.47 -21.17 -8.22
C PRO B 129 36.68 -20.48 -7.09
N SER B 130 35.95 -19.43 -7.44
CA SER B 130 35.17 -18.68 -6.47
C SER B 130 34.13 -19.53 -5.76
N ARG B 148 7.95 -22.02 -1.75
CA ARG B 148 8.98 -22.96 -1.30
C ARG B 148 9.28 -23.98 -2.40
N GLU B 149 8.22 -24.57 -2.96
CA GLU B 149 8.38 -25.55 -4.03
C GLU B 149 8.94 -24.84 -5.27
N LEU B 150 8.97 -23.52 -5.22
CA LEU B 150 9.49 -22.71 -6.33
C LEU B 150 11.00 -22.52 -6.26
N TYR B 151 11.59 -22.86 -5.11
CA TYR B 151 13.02 -22.68 -4.92
C TYR B 151 13.82 -23.97 -4.74
N THR B 152 13.13 -25.09 -4.65
CA THR B 152 13.79 -26.37 -4.49
C THR B 152 14.73 -26.72 -5.67
N PRO B 153 14.48 -26.16 -6.87
CA PRO B 153 15.40 -26.52 -7.95
C PRO B 153 16.85 -26.12 -7.66
N LEU B 154 17.03 -25.10 -6.82
CA LEU B 154 18.36 -24.61 -6.47
C LEU B 154 19.14 -25.63 -5.63
N MET B 155 18.44 -26.63 -5.12
CA MET B 155 19.07 -27.67 -4.30
C MET B 155 19.72 -28.75 -5.15
N ARG B 156 19.36 -28.80 -6.43
CA ARG B 156 19.93 -29.81 -7.33
C ARG B 156 21.35 -29.47 -7.76
N PRO B 157 22.22 -30.48 -7.81
CA PRO B 157 23.62 -30.29 -8.22
C PRO B 157 23.69 -29.65 -9.60
N GLU B 158 22.74 -30.01 -10.45
CA GLU B 158 22.69 -29.48 -11.82
C GLU B 158 22.36 -27.99 -11.90
N ALA B 159 21.98 -27.40 -10.76
CA ALA B 159 21.65 -25.98 -10.73
C ALA B 159 22.91 -25.13 -10.61
N TRP B 160 24.06 -25.77 -10.41
CA TRP B 160 25.28 -25.00 -10.25
C TRP B 160 26.42 -25.31 -11.21
N PRO B 161 26.22 -25.03 -12.51
CA PRO B 161 27.26 -25.27 -13.51
C PRO B 161 28.42 -24.32 -13.27
N LYS B 162 29.62 -24.73 -13.69
CA LYS B 162 30.81 -23.92 -13.49
C LYS B 162 31.48 -23.42 -14.76
N LEU B 163 31.83 -22.13 -14.75
CA LEU B 163 32.52 -21.50 -15.87
C LEU B 163 34.01 -21.58 -15.53
N PRO B 164 34.86 -21.77 -16.56
CA PRO B 164 36.30 -21.86 -16.33
C PRO B 164 36.90 -20.61 -15.70
N LYS B 165 38.02 -20.79 -15.00
CA LYS B 165 38.71 -19.67 -14.37
C LYS B 165 39.11 -18.68 -15.46
N PRO B 166 39.06 -17.38 -15.17
CA PRO B 166 39.43 -16.42 -16.21
C PRO B 166 40.93 -16.49 -16.51
N ASP B 167 41.30 -16.14 -17.74
CA ASP B 167 42.69 -16.15 -18.14
C ASP B 167 43.09 -14.75 -18.56
N PRO B 168 43.70 -13.99 -17.65
CA PRO B 168 44.13 -12.61 -17.93
C PRO B 168 45.14 -12.46 -19.07
N ALA B 169 45.74 -13.57 -19.49
CA ALA B 169 46.73 -13.51 -20.58
C ALA B 169 46.04 -13.63 -21.94
N ARG B 170 44.74 -13.90 -21.91
CA ARG B 170 43.97 -14.05 -23.14
C ARG B 170 43.14 -12.80 -23.40
N ASN B 171 42.80 -12.57 -24.66
CA ASN B 171 41.97 -11.43 -25.03
C ASN B 171 40.69 -11.54 -24.18
N GLY B 172 40.38 -10.50 -23.42
CA GLY B 172 39.21 -10.50 -22.55
C GLY B 172 37.90 -10.96 -23.14
N ALA B 173 37.54 -10.39 -24.28
CA ALA B 173 36.29 -10.75 -24.94
C ALA B 173 36.29 -12.22 -25.35
N GLU B 174 37.39 -12.69 -25.93
CA GLU B 174 37.48 -14.09 -26.34
C GLU B 174 37.38 -15.01 -25.13
N ASP B 175 37.97 -14.60 -24.03
CA ASP B 175 37.94 -15.39 -22.80
C ASP B 175 36.51 -15.46 -22.26
N ALA B 176 35.80 -14.34 -22.31
CA ALA B 176 34.41 -14.27 -21.83
C ALA B 176 33.47 -15.11 -22.69
N GLU B 177 33.86 -15.34 -23.93
CA GLU B 177 33.05 -16.12 -24.87
C GLU B 177 32.78 -17.51 -24.28
N GLY B 178 33.57 -17.90 -23.30
CA GLY B 178 33.36 -19.18 -22.65
C GLY B 178 31.99 -19.25 -22.02
N LEU B 179 31.43 -18.09 -21.66
CA LEU B 179 30.11 -18.05 -21.06
C LEU B 179 29.05 -18.46 -22.07
N ARG B 180 29.21 -18.04 -23.32
CA ARG B 180 28.24 -18.42 -24.34
C ARG B 180 28.30 -19.93 -24.55
N ALA B 181 29.52 -20.47 -24.57
CA ALA B 181 29.71 -21.92 -24.75
C ALA B 181 29.02 -22.71 -23.63
N LEU B 182 29.14 -22.24 -22.41
CA LEU B 182 28.52 -22.93 -21.28
C LEU B 182 27.00 -22.85 -21.40
N LEU B 183 26.49 -21.67 -21.74
CA LEU B 183 25.06 -21.48 -21.89
C LEU B 183 24.52 -22.44 -22.95
N GLU B 184 25.24 -22.58 -24.05
CA GLU B 184 24.82 -23.46 -25.13
C GLU B 184 24.73 -24.90 -24.66
N ARG B 185 25.71 -25.33 -23.86
CA ARG B 185 25.75 -26.68 -23.34
C ARG B 185 24.64 -26.93 -22.31
N GLU B 186 24.39 -25.92 -21.47
CA GLU B 186 23.38 -26.03 -20.42
C GLU B 186 21.96 -25.82 -20.92
N GLY B 187 21.82 -24.99 -21.96
CA GLY B 187 20.51 -24.66 -22.47
C GLY B 187 20.18 -23.33 -21.82
N PRO B 188 20.30 -22.22 -22.56
CA PRO B 188 20.02 -20.88 -22.03
C PRO B 188 18.69 -20.74 -21.30
N GLU B 189 17.69 -21.50 -21.75
CA GLU B 189 16.36 -21.43 -21.16
C GLU B 189 16.27 -22.08 -19.78
N THR B 190 17.35 -22.71 -19.35
CA THR B 190 17.37 -23.37 -18.05
C THR B 190 18.21 -22.58 -17.05
N VAL B 191 18.77 -21.47 -17.51
CA VAL B 191 19.64 -20.64 -16.66
C VAL B 191 19.00 -19.37 -16.12
N ALA B 192 19.17 -19.13 -14.82
CA ALA B 192 18.62 -17.95 -14.16
C ALA B 192 19.63 -16.81 -14.04
N ALA B 193 20.89 -17.15 -13.80
CA ALA B 193 21.88 -16.09 -13.62
C ALA B 193 23.32 -16.55 -13.73
N PHE B 194 24.21 -15.56 -13.74
CA PHE B 194 25.64 -15.76 -13.75
C PHE B 194 26.15 -14.85 -12.65
N MET B 195 26.87 -15.40 -11.70
CA MET B 195 27.39 -14.62 -10.59
C MET B 195 28.91 -14.74 -10.55
N ALA B 196 29.59 -13.62 -10.36
CA ALA B 196 31.05 -13.63 -10.29
C ALA B 196 31.61 -12.43 -9.54
N GLU B 197 32.78 -12.61 -8.94
CA GLU B 197 33.49 -11.52 -8.26
C GLU B 197 34.22 -10.86 -9.42
N PRO B 198 34.08 -9.54 -9.61
CA PRO B 198 34.80 -8.92 -10.72
C PRO B 198 36.29 -9.22 -10.63
N VAL B 199 36.84 -9.04 -9.43
CA VAL B 199 38.24 -9.33 -9.12
C VAL B 199 38.11 -10.38 -8.03
N VAL B 200 38.77 -11.52 -8.22
CA VAL B 200 38.70 -12.63 -7.26
C VAL B 200 39.37 -12.33 -5.93
N GLY B 201 38.79 -12.86 -4.85
CA GLY B 201 39.34 -12.66 -3.52
C GLY B 201 40.20 -13.80 -3.05
N ALA B 202 39.95 -14.25 -1.81
CA ALA B 202 40.71 -15.33 -1.20
C ALA B 202 40.91 -16.57 -2.07
N SER B 203 39.90 -16.94 -2.85
CA SER B 203 39.97 -18.11 -3.73
C SER B 203 41.22 -18.15 -4.59
N ASP B 204 41.47 -17.06 -5.30
CA ASP B 204 42.63 -16.93 -6.17
C ASP B 204 43.02 -15.46 -6.06
N ALA B 205 43.79 -15.16 -5.03
CA ALA B 205 44.24 -13.82 -4.69
C ALA B 205 44.34 -12.76 -5.78
N ALA B 206 43.35 -11.88 -5.82
CA ALA B 206 43.31 -10.76 -6.75
C ALA B 206 43.34 -11.08 -8.24
N LEU B 207 42.91 -12.27 -8.61
CA LEU B 207 42.88 -12.64 -10.03
C LEU B 207 41.87 -11.73 -10.73
N ALA B 208 42.29 -11.10 -11.82
CA ALA B 208 41.43 -10.22 -12.57
C ALA B 208 41.46 -10.54 -14.06
N PRO B 209 40.29 -10.58 -14.69
CA PRO B 209 40.20 -10.88 -16.12
C PRO B 209 40.81 -9.73 -16.91
N ALA B 210 41.12 -9.97 -18.17
CA ALA B 210 41.70 -8.95 -19.03
C ALA B 210 40.64 -7.95 -19.49
N PRO B 211 41.07 -6.79 -20.00
CA PRO B 211 40.08 -5.82 -20.46
C PRO B 211 39.19 -6.46 -21.52
N GLY B 212 37.95 -5.99 -21.59
CA GLY B 212 36.99 -6.51 -22.54
C GLY B 212 36.16 -7.69 -22.04
N TYR B 213 36.61 -8.31 -20.95
CA TYR B 213 35.93 -9.47 -20.40
C TYR B 213 34.50 -9.23 -19.91
N TYR B 214 34.32 -8.30 -18.98
CA TYR B 214 32.98 -8.06 -18.47
C TYR B 214 32.04 -7.36 -19.45
N GLU B 215 32.62 -6.64 -20.40
CA GLU B 215 31.80 -5.99 -21.41
C GLU B 215 31.12 -7.10 -22.20
N ARG B 216 31.88 -8.13 -22.55
CA ARG B 216 31.35 -9.27 -23.29
C ARG B 216 30.38 -10.09 -22.43
N VAL B 217 30.73 -10.27 -21.16
CA VAL B 217 29.86 -11.00 -20.25
C VAL B 217 28.50 -10.31 -20.15
N ARG B 218 28.52 -8.98 -19.98
CA ARG B 218 27.29 -8.21 -19.88
C ARG B 218 26.41 -8.42 -21.11
N ASP B 219 27.02 -8.36 -22.28
CA ASP B 219 26.32 -8.56 -23.54
C ASP B 219 25.77 -9.97 -23.69
N ILE B 220 26.57 -10.97 -23.33
CA ILE B 220 26.12 -12.35 -23.42
C ILE B 220 24.92 -12.58 -22.50
N CYS B 221 24.97 -12.01 -21.29
CA CYS B 221 23.87 -12.16 -20.34
C CYS B 221 22.61 -11.50 -20.91
N ASP B 222 22.77 -10.33 -21.52
CA ASP B 222 21.63 -9.65 -22.10
C ASP B 222 20.97 -10.51 -23.19
N GLU B 223 21.79 -11.02 -24.12
CA GLU B 223 21.27 -11.86 -25.19
C GLU B 223 20.56 -13.11 -24.66
N ALA B 224 21.12 -13.69 -23.60
CA ALA B 224 20.55 -14.91 -23.02
C ALA B 224 19.37 -14.65 -22.08
N GLY B 225 19.22 -13.40 -21.66
CA GLY B 225 18.13 -13.06 -20.76
C GLY B 225 18.37 -13.52 -19.34
N ILE B 226 19.62 -13.70 -18.95
CA ILE B 226 19.94 -14.13 -17.59
C ILE B 226 20.38 -12.95 -16.72
N ILE B 227 20.20 -13.11 -15.41
CA ILE B 227 20.56 -12.07 -14.46
C ILE B 227 22.07 -12.08 -14.18
N PHE B 228 22.71 -10.93 -14.35
CA PHE B 228 24.13 -10.81 -14.10
C PHE B 228 24.33 -10.26 -12.68
N ILE B 229 24.86 -11.10 -11.81
CA ILE B 229 25.10 -10.73 -10.42
C ILE B 229 26.59 -10.49 -10.20
N ALA B 230 26.94 -9.30 -9.71
CA ALA B 230 28.34 -9.00 -9.42
C ALA B 230 28.54 -9.13 -7.93
N ASP B 231 29.39 -10.09 -7.52
CA ASP B 231 29.68 -10.29 -6.11
C ASP B 231 30.82 -9.33 -5.76
N GLU B 232 30.46 -8.18 -5.18
CA GLU B 232 31.44 -7.17 -4.81
C GLU B 232 31.63 -7.07 -3.30
N VAL B 233 31.33 -8.16 -2.60
CA VAL B 233 31.48 -8.14 -1.15
C VAL B 233 32.89 -7.75 -0.73
N MET B 234 33.88 -8.17 -1.51
CA MET B 234 35.26 -7.83 -1.17
C MET B 234 35.89 -6.77 -2.09
N SER B 235 35.45 -6.74 -3.34
CA SER B 235 36.01 -5.81 -4.33
C SER B 235 35.35 -4.44 -4.42
N GLY B 236 34.20 -4.28 -3.79
CA GLY B 236 33.48 -3.02 -3.87
C GLY B 236 33.83 -1.91 -2.89
N MET B 237 33.09 -0.81 -3.02
CA MET B 237 33.24 0.37 -2.18
C MET B 237 34.63 1.03 -2.20
N GLY B 238 35.22 1.11 -3.40
CA GLY B 238 36.51 1.75 -3.56
C GLY B 238 37.75 0.87 -3.40
N ARG B 239 37.56 -0.33 -2.85
CA ARG B 239 38.67 -1.26 -2.64
C ARG B 239 39.58 -1.41 -3.86
N CYS B 240 38.97 -1.53 -5.03
CA CYS B 240 39.74 -1.72 -6.27
C CYS B 240 39.96 -0.47 -7.12
N GLY B 241 39.88 0.71 -6.49
CA GLY B 241 40.09 1.94 -7.23
C GLY B 241 38.89 2.48 -8.00
N SER B 242 37.71 1.98 -7.67
CA SER B 242 36.46 2.42 -8.29
C SER B 242 35.33 2.09 -7.32
N PRO B 243 34.21 2.84 -7.38
CA PRO B 243 33.09 2.57 -6.47
C PRO B 243 32.77 1.08 -6.45
N LEU B 244 32.63 0.50 -7.64
CA LEU B 244 32.40 -0.94 -7.78
C LEU B 244 33.49 -1.37 -8.76
N ALA B 245 34.15 -2.49 -8.47
CA ALA B 245 35.23 -2.97 -9.33
C ALA B 245 34.79 -3.27 -10.75
N LEU B 246 33.55 -3.72 -10.91
CA LEU B 246 33.03 -4.06 -12.23
C LEU B 246 33.10 -2.89 -13.20
N SER B 247 32.92 -1.67 -12.66
CA SER B 247 32.94 -0.44 -13.46
C SER B 247 34.26 -0.17 -14.16
N ARG B 248 35.33 -0.80 -13.69
CA ARG B 248 36.63 -0.59 -14.30
C ARG B 248 36.63 -1.11 -15.74
N TRP B 249 35.66 -1.97 -16.04
CA TRP B 249 35.52 -2.51 -17.38
C TRP B 249 34.48 -1.70 -18.16
N SER B 250 34.90 -0.56 -18.68
CA SER B 250 34.04 0.33 -19.46
C SER B 250 32.74 0.74 -18.78
N GLY B 251 32.76 0.85 -17.46
CA GLY B 251 31.57 1.25 -16.74
C GLY B 251 30.43 0.25 -16.74
N VAL B 252 30.73 -1.00 -17.04
CA VAL B 252 29.71 -2.05 -17.07
C VAL B 252 28.98 -2.11 -15.73
N THR B 253 27.67 -2.34 -15.79
CA THR B 253 26.86 -2.45 -14.59
C THR B 253 26.12 -3.79 -14.61
N PRO B 254 25.92 -4.39 -13.43
CA PRO B 254 25.23 -5.68 -13.30
C PRO B 254 23.74 -5.46 -13.08
N ASP B 255 23.00 -6.56 -12.98
CA ASP B 255 21.57 -6.48 -12.72
C ASP B 255 21.39 -6.47 -11.20
N ILE B 256 22.35 -7.07 -10.51
CA ILE B 256 22.34 -7.12 -9.04
C ILE B 256 23.79 -7.01 -8.57
N ALA B 257 24.06 -6.07 -7.65
CA ALA B 257 25.41 -5.90 -7.11
C ALA B 257 25.34 -6.28 -5.63
N VAL B 258 26.18 -7.22 -5.21
CA VAL B 258 26.19 -7.67 -3.81
C VAL B 258 27.32 -6.97 -3.07
N LEU B 259 26.97 -6.38 -1.92
CA LEU B 259 27.92 -5.63 -1.10
C LEU B 259 28.02 -6.20 0.33
N GLY B 260 29.17 -5.96 0.95
CA GLY B 260 29.39 -6.44 2.31
C GLY B 260 30.74 -6.00 2.84
N LYS B 261 31.13 -6.54 4.00
CA LYS B 261 32.41 -6.21 4.63
C LYS B 261 32.74 -4.73 4.69
N GLY B 262 33.27 -4.20 3.60
CA GLY B 262 33.65 -2.80 3.56
C GLY B 262 32.53 -1.78 3.55
N LEU B 263 31.28 -2.24 3.46
CA LEU B 263 30.14 -1.33 3.42
C LEU B 263 30.14 -0.41 4.64
N ALA B 264 30.23 -0.99 5.84
CA ALA B 264 30.29 -0.19 7.06
C ALA B 264 31.72 -0.23 7.61
N ALA B 265 32.62 -0.75 6.78
CA ALA B 265 34.05 -0.84 7.09
C ALA B 265 34.47 -1.23 8.50
N GLY B 266 33.83 -2.26 9.05
CA GLY B 266 34.18 -2.72 10.37
C GLY B 266 33.51 -2.04 11.54
N TYR B 267 32.71 -1.01 11.27
CA TYR B 267 32.03 -0.27 12.34
C TYR B 267 30.68 -0.88 12.73
N ALA B 268 30.10 -1.66 11.83
CA ALA B 268 28.82 -2.31 12.10
C ALA B 268 28.60 -3.45 11.13
N PRO B 269 27.83 -4.47 11.53
CA PRO B 269 27.58 -5.61 10.63
C PRO B 269 26.54 -5.15 9.61
N LEU B 270 27.02 -4.76 8.44
CA LEU B 270 26.15 -4.28 7.37
C LEU B 270 26.60 -4.87 6.04
N ALA B 271 25.63 -5.24 5.21
CA ALA B 271 25.85 -5.81 3.89
C ALA B 271 24.53 -5.61 3.14
N GLY B 272 24.48 -6.05 1.89
CA GLY B 272 23.26 -5.88 1.14
C GLY B 272 23.47 -6.02 -0.35
N LEU B 273 22.44 -5.72 -1.11
CA LEU B 273 22.55 -5.79 -2.56
C LEU B 273 21.78 -4.63 -3.18
N LEU B 274 22.16 -4.29 -4.40
CA LEU B 274 21.48 -3.23 -5.14
C LEU B 274 20.93 -3.95 -6.37
N ALA B 275 19.62 -3.84 -6.55
CA ALA B 275 18.94 -4.49 -7.67
C ALA B 275 18.40 -3.49 -8.67
N ALA B 276 18.51 -3.84 -9.95
CA ALA B 276 18.02 -2.96 -11.02
C ALA B 276 16.53 -2.75 -10.82
N PRO B 277 16.03 -1.52 -11.07
CA PRO B 277 14.60 -1.25 -10.89
C PRO B 277 13.70 -2.29 -11.57
N GLN B 278 14.15 -2.78 -12.72
CA GLN B 278 13.43 -3.80 -13.48
C GLN B 278 13.21 -5.06 -12.65
N VAL B 279 14.25 -5.48 -11.93
CA VAL B 279 14.18 -6.67 -11.11
C VAL B 279 13.32 -6.44 -9.87
N TYR B 280 13.52 -5.29 -9.22
CA TYR B 280 12.74 -4.93 -8.03
C TYR B 280 11.25 -4.89 -8.34
N GLU B 281 10.88 -4.17 -9.39
CA GLU B 281 9.49 -4.04 -9.79
C GLU B 281 8.83 -5.39 -10.10
N THR B 282 9.60 -6.30 -10.68
CA THR B 282 9.08 -7.62 -11.01
C THR B 282 8.73 -8.41 -9.77
N VAL B 283 9.60 -8.36 -8.76
CA VAL B 283 9.35 -9.08 -7.53
C VAL B 283 8.26 -8.41 -6.67
N MET B 284 8.14 -7.09 -6.77
CA MET B 284 7.12 -6.37 -6.00
C MET B 284 5.73 -6.65 -6.55
N GLY B 285 5.64 -6.87 -7.85
CA GLY B 285 4.36 -7.14 -8.48
C GLY B 285 3.91 -8.57 -8.35
N GLY B 286 4.68 -9.37 -7.59
CA GLY B 286 4.32 -10.77 -7.42
C GLY B 286 4.08 -11.15 -5.97
N PHE B 290 9.11 -10.34 -0.85
CA PHE B 290 10.44 -10.80 -1.24
C PHE B 290 11.02 -11.79 -0.23
N MET B 291 11.25 -11.34 1.00
CA MET B 291 11.80 -12.19 2.05
C MET B 291 11.18 -11.86 3.41
N HIS B 292 11.27 -12.78 4.38
CA HIS B 292 10.66 -12.59 5.69
C HIS B 292 11.50 -12.40 6.97
N GLY B 293 12.42 -13.33 7.23
CA GLY B 293 13.23 -13.23 8.44
C GLY B 293 14.07 -11.98 8.65
N PHE B 294 15.38 -12.19 8.73
CA PHE B 294 16.37 -11.12 8.90
C PHE B 294 16.00 -10.07 9.97
N THR B 295 16.12 -10.46 11.23
CA THR B 295 15.79 -9.57 12.34
C THR B 295 16.48 -8.20 12.25
N TYR B 296 17.78 -8.20 11.98
CA TYR B 296 18.54 -6.97 11.92
C TYR B 296 18.71 -6.35 10.53
N ALA B 297 17.95 -6.84 9.55
CA ALA B 297 18.03 -6.29 8.19
C ALA B 297 17.55 -4.83 8.24
N GLY B 298 18.38 -3.92 7.76
CA GLY B 298 18.02 -2.50 7.76
C GLY B 298 18.20 -1.80 9.10
N HIS B 299 18.82 -2.50 10.05
CA HIS B 299 19.08 -1.98 11.39
C HIS B 299 19.56 -0.53 11.34
N PRO B 300 18.78 0.41 11.89
CA PRO B 300 19.14 1.84 11.89
C PRO B 300 20.54 2.22 12.34
N VAL B 301 21.01 1.68 13.46
CA VAL B 301 22.34 2.05 13.93
C VAL B 301 23.42 1.58 12.96
N SER B 302 23.26 0.37 12.42
CA SER B 302 24.23 -0.15 11.48
C SER B 302 24.18 0.64 10.17
N VAL B 303 22.97 1.01 9.76
CA VAL B 303 22.80 1.77 8.53
C VAL B 303 23.46 3.15 8.72
N ALA B 304 23.29 3.73 9.90
CA ALA B 304 23.89 5.02 10.22
C ALA B 304 25.41 4.92 10.08
N ALA B 305 25.98 3.78 10.49
CA ALA B 305 27.42 3.57 10.39
C ALA B 305 27.81 3.56 8.93
N GLY B 306 27.03 2.86 8.11
CA GLY B 306 27.31 2.79 6.69
C GLY B 306 27.27 4.17 6.07
N LEU B 307 26.28 4.97 6.45
CA LEU B 307 26.15 6.32 5.92
C LEU B 307 27.34 7.19 6.29
N SER B 308 27.80 7.09 7.53
CA SER B 308 28.95 7.87 7.99
C SER B 308 30.22 7.43 7.26
N VAL B 309 30.38 6.12 7.10
CA VAL B 309 31.54 5.58 6.40
C VAL B 309 31.51 6.11 4.96
N LEU B 310 30.34 6.12 4.34
CA LEU B 310 30.22 6.61 2.98
C LEU B 310 30.61 8.10 2.88
N ASP B 311 30.20 8.90 3.87
CA ASP B 311 30.56 10.33 3.86
C ASP B 311 32.07 10.47 3.78
N ILE B 312 32.77 9.64 4.55
CA ILE B 312 34.22 9.65 4.62
C ILE B 312 34.87 9.17 3.33
N VAL B 313 34.35 8.08 2.78
CA VAL B 313 34.86 7.53 1.53
C VAL B 313 34.80 8.59 0.42
N GLU B 314 33.69 9.33 0.37
CA GLU B 314 33.53 10.36 -0.65
C GLU B 314 34.35 11.62 -0.35
N ARG B 315 34.30 12.08 0.90
CA ARG B 315 35.04 13.28 1.27
C ARG B 315 36.55 13.15 1.12
N GLU B 316 37.10 12.00 1.53
CA GLU B 316 38.54 11.78 1.43
C GLU B 316 38.93 11.16 0.09
N ASP B 317 37.95 10.95 -0.78
CA ASP B 317 38.18 10.34 -2.09
C ASP B 317 39.04 9.10 -1.93
N LEU B 318 38.59 8.20 -1.06
CA LEU B 318 39.34 6.98 -0.81
C LEU B 318 39.40 6.07 -2.04
N THR B 319 38.47 6.25 -2.97
CA THR B 319 38.48 5.45 -4.18
C THR B 319 39.70 5.88 -5.00
N GLY B 320 39.95 7.18 -5.04
CA GLY B 320 41.09 7.70 -5.78
C GLY B 320 42.38 7.32 -5.07
N ALA B 321 42.32 7.33 -3.74
CA ALA B 321 43.48 6.97 -2.93
C ALA B 321 43.84 5.51 -3.15
N ALA B 322 42.81 4.66 -3.31
CA ALA B 322 43.03 3.24 -3.53
C ALA B 322 43.81 3.00 -4.83
N LYS B 323 43.57 3.84 -5.82
CA LYS B 323 44.27 3.71 -7.10
C LYS B 323 45.74 4.08 -6.94
N GLU B 324 45.98 5.22 -6.28
CA GLU B 324 47.34 5.70 -6.08
C GLU B 324 48.16 4.78 -5.16
N ARG B 325 47.62 4.49 -3.98
CA ARG B 325 48.32 3.63 -3.04
C ARG B 325 48.41 2.20 -3.58
N GLY B 326 47.38 1.79 -4.33
CA GLY B 326 47.37 0.45 -4.90
C GLY B 326 48.50 0.30 -5.92
N ALA B 327 48.71 1.34 -6.72
CA ALA B 327 49.76 1.34 -7.72
C ALA B 327 51.13 1.24 -7.02
N GLN B 328 51.30 2.03 -5.97
CA GLN B 328 52.55 2.03 -5.21
C GLN B 328 52.84 0.68 -4.59
N LEU B 329 51.84 0.09 -3.95
CA LEU B 329 52.04 -1.20 -3.31
C LEU B 329 52.33 -2.29 -4.34
N LEU B 330 51.61 -2.30 -5.46
CA LEU B 330 51.85 -3.30 -6.50
C LEU B 330 53.29 -3.19 -7.02
N ALA B 331 53.72 -1.95 -7.26
CA ALA B 331 55.08 -1.72 -7.75
C ALA B 331 56.07 -2.28 -6.73
N GLY B 332 55.75 -2.10 -5.45
CA GLY B 332 56.61 -2.59 -4.39
C GLY B 332 56.70 -4.11 -4.36
N LEU B 333 55.58 -4.78 -4.58
CA LEU B 333 55.57 -6.25 -4.57
C LEU B 333 56.36 -6.77 -5.77
N GLN B 334 56.25 -6.08 -6.90
CA GLN B 334 56.96 -6.48 -8.10
C GLN B 334 58.47 -6.30 -7.89
N ALA B 335 58.85 -5.26 -7.14
CA ALA B 335 60.25 -5.01 -6.86
C ALA B 335 60.83 -6.12 -5.97
N LEU B 336 60.00 -6.65 -5.07
CA LEU B 336 60.44 -7.71 -4.18
C LEU B 336 60.72 -9.03 -4.89
N GLN B 337 60.11 -9.24 -6.05
CA GLN B 337 60.31 -10.49 -6.79
C GLN B 337 61.77 -10.74 -7.17
N ALA B 338 62.51 -9.67 -7.44
CA ALA B 338 63.91 -9.79 -7.81
C ALA B 338 64.68 -10.48 -6.68
N ARG B 339 64.37 -10.09 -5.46
CA ARG B 339 65.03 -10.66 -4.28
C ARG B 339 64.40 -12.01 -3.90
N PHE B 340 63.10 -12.14 -4.13
CA PHE B 340 62.38 -13.35 -3.79
C PHE B 340 61.65 -13.94 -4.98
N PRO B 341 62.38 -14.64 -5.86
CA PRO B 341 61.76 -15.24 -7.05
C PRO B 341 60.78 -16.37 -6.73
N GLN B 342 60.60 -16.67 -5.45
CA GLN B 342 59.64 -17.70 -5.04
C GLN B 342 58.25 -17.09 -5.22
N MET B 343 58.23 -15.77 -5.43
CA MET B 343 56.98 -15.06 -5.66
C MET B 343 56.65 -15.35 -7.14
N MET B 344 55.91 -16.43 -7.36
CA MET B 344 55.52 -16.87 -8.71
C MET B 344 54.77 -15.82 -9.52
N GLN B 345 53.89 -15.09 -8.85
CA GLN B 345 53.10 -14.07 -9.52
C GLN B 345 52.61 -13.01 -8.55
N VAL B 346 52.58 -11.77 -9.03
CA VAL B 346 52.12 -10.64 -8.23
C VAL B 346 51.01 -9.96 -9.03
N ARG B 347 49.89 -9.68 -8.36
CA ARG B 347 48.75 -9.06 -9.01
C ARG B 347 48.10 -8.02 -8.13
N GLY B 348 47.44 -7.05 -8.75
CA GLY B 348 46.76 -6.04 -7.97
C GLY B 348 45.83 -5.17 -8.78
N THR B 349 44.68 -4.84 -8.19
CA THR B 349 43.70 -3.96 -8.79
C THR B 349 43.32 -3.05 -7.63
N GLY B 350 43.76 -1.80 -7.67
CA GLY B 350 43.48 -0.90 -6.57
C GLY B 350 44.20 -1.47 -5.35
N LEU B 351 43.53 -1.49 -4.19
CA LEU B 351 44.16 -2.03 -2.99
C LEU B 351 43.74 -3.45 -2.66
N LEU B 352 43.54 -4.25 -3.70
CA LEU B 352 43.23 -5.67 -3.55
C LEU B 352 44.39 -6.31 -4.31
N LEU B 353 45.34 -6.89 -3.58
CA LEU B 353 46.50 -7.49 -4.24
C LEU B 353 46.72 -8.93 -3.82
N GLY B 354 47.50 -9.65 -4.63
CA GLY B 354 47.77 -11.03 -4.33
C GLY B 354 49.16 -11.45 -4.72
N VAL B 355 49.71 -12.40 -3.98
CA VAL B 355 51.04 -12.92 -4.24
C VAL B 355 50.93 -14.43 -4.27
N VAL B 356 51.35 -15.03 -5.38
CA VAL B 356 51.33 -16.49 -5.53
C VAL B 356 52.75 -16.98 -5.25
N LEU B 357 52.87 -17.92 -4.32
CA LEU B 357 54.16 -18.46 -3.93
C LEU B 357 54.39 -19.89 -4.41
N GLY B 358 55.65 -20.26 -4.56
CA GLY B 358 56.00 -21.61 -5.00
C GLY B 358 57.47 -21.92 -4.94
N ASP B 359 57.83 -23.14 -5.36
CA ASP B 359 59.22 -23.61 -5.36
C ASP B 359 59.99 -23.07 -6.57
N LEU B 360 61.27 -22.78 -6.38
CA LEU B 360 62.10 -22.25 -7.46
C LEU B 360 62.36 -23.31 -8.53
N ILE B 371 52.65 -22.84 3.04
CA ILE B 371 53.68 -21.86 2.72
C ILE B 371 53.17 -20.44 2.96
N ALA B 372 51.92 -20.20 2.59
CA ALA B 372 51.31 -18.89 2.78
C ALA B 372 51.16 -18.64 4.27
N SER B 373 50.97 -19.73 5.02
CA SER B 373 50.83 -19.63 6.47
C SER B 373 52.19 -19.38 7.12
N ARG B 374 53.25 -19.89 6.49
CA ARG B 374 54.60 -19.71 6.99
C ARG B 374 54.93 -18.22 6.97
N ILE B 375 54.84 -17.62 5.78
CA ILE B 375 55.12 -16.20 5.61
C ILE B 375 54.13 -15.41 6.46
N GLY B 376 52.89 -15.86 6.50
CA GLY B 376 51.87 -15.17 7.28
C GLY B 376 52.22 -15.13 8.75
N ALA B 377 52.72 -16.25 9.27
CA ALA B 377 53.10 -16.34 10.67
C ALA B 377 54.33 -15.50 10.95
N ALA B 378 55.29 -15.55 10.03
CA ALA B 378 56.53 -14.77 10.16
C ALA B 378 56.20 -13.29 10.13
N ALA B 379 55.23 -12.92 9.30
CA ALA B 379 54.81 -11.54 9.16
C ALA B 379 54.18 -11.05 10.47
N LEU B 380 53.35 -11.90 11.05
CA LEU B 380 52.67 -11.55 12.30
C LEU B 380 53.72 -11.23 13.37
N LYS B 381 54.72 -12.10 13.51
CA LYS B 381 55.76 -11.88 14.51
C LYS B 381 56.46 -10.55 14.25
N ARG B 382 56.63 -10.21 12.97
CA ARG B 382 57.25 -8.96 12.56
C ARG B 382 56.32 -7.78 12.84
N GLY B 383 55.03 -8.07 12.98
CA GLY B 383 54.06 -7.00 13.24
C GLY B 383 53.23 -6.63 12.03
N LEU B 384 53.01 -7.60 11.14
CA LEU B 384 52.21 -7.36 9.94
C LEU B 384 51.04 -8.34 9.81
N ILE B 385 49.83 -7.80 9.75
CA ILE B 385 48.63 -8.60 9.61
C ILE B 385 48.38 -8.90 8.13
N THR B 386 48.14 -10.16 7.81
CA THR B 386 47.85 -10.59 6.45
C THR B 386 46.50 -11.29 6.50
N TYR B 387 45.91 -11.57 5.34
CA TYR B 387 44.60 -12.21 5.30
C TYR B 387 44.54 -13.50 6.11
N ASP B 399 49.30 -21.27 -0.58
CA ASP B 399 50.24 -20.85 -1.62
C ASP B 399 49.98 -19.41 -2.08
N HIS B 400 48.87 -18.82 -1.63
CA HIS B 400 48.52 -17.46 -1.99
C HIS B 400 48.47 -16.54 -0.79
N LEU B 401 48.85 -15.28 -1.00
CA LEU B 401 48.83 -14.28 0.04
C LEU B 401 47.95 -13.14 -0.46
N LEU B 402 46.90 -12.83 0.28
CA LEU B 402 45.99 -11.75 -0.11
C LEU B 402 46.32 -10.53 0.74
N LEU B 403 46.56 -9.40 0.08
CA LEU B 403 46.87 -8.16 0.78
C LEU B 403 45.85 -7.08 0.45
N GLY B 404 45.63 -6.19 1.40
CA GLY B 404 44.66 -5.14 1.18
C GLY B 404 44.50 -4.28 2.42
N PRO B 405 45.40 -3.30 2.62
CA PRO B 405 45.36 -2.40 3.76
C PRO B 405 44.23 -1.39 3.62
N PRO B 406 43.96 -0.61 4.67
CA PRO B 406 42.89 0.40 4.62
C PRO B 406 43.13 1.38 3.47
N LEU B 407 42.04 1.80 2.82
CA LEU B 407 42.11 2.73 1.70
C LEU B 407 42.70 4.07 2.10
N SER B 408 42.74 4.31 3.40
CA SER B 408 43.27 5.55 3.96
C SER B 408 44.76 5.45 4.29
N ILE B 409 45.39 4.33 3.97
CA ILE B 409 46.81 4.14 4.26
C ILE B 409 47.64 5.22 3.56
N THR B 410 48.72 5.66 4.21
CA THR B 410 49.57 6.70 3.61
C THR B 410 50.72 6.09 2.82
N ALA B 411 51.34 6.90 1.96
CA ALA B 411 52.47 6.41 1.16
C ALA B 411 53.57 5.87 2.05
N ALA B 412 53.88 6.57 3.13
CA ALA B 412 54.93 6.13 4.04
C ALA B 412 54.53 4.80 4.67
N GLU B 413 53.25 4.65 4.97
CA GLU B 413 52.74 3.43 5.57
C GLU B 413 52.79 2.27 4.57
N VAL B 414 52.62 2.57 3.29
CA VAL B 414 52.70 1.51 2.28
C VAL B 414 54.15 0.98 2.25
N ASP B 415 55.12 1.90 2.32
CA ASP B 415 56.52 1.47 2.33
C ASP B 415 56.81 0.65 3.58
N GLY B 416 56.18 1.03 4.69
CA GLY B 416 56.38 0.30 5.93
C GLY B 416 55.85 -1.11 5.81
N LEU B 417 54.70 -1.24 5.16
CA LEU B 417 54.08 -2.55 4.95
C LEU B 417 55.03 -3.41 4.14
N LEU B 418 55.56 -2.83 3.05
CA LEU B 418 56.49 -3.54 2.19
C LEU B 418 57.73 -3.98 2.94
N ALA B 419 58.24 -3.13 3.82
CA ALA B 419 59.43 -3.46 4.59
C ALA B 419 59.17 -4.67 5.50
N LEU B 420 58.01 -4.67 6.14
CA LEU B 420 57.64 -5.76 7.03
C LEU B 420 57.49 -7.08 6.25
N LEU B 421 56.87 -7.00 5.08
CA LEU B 421 56.67 -8.18 4.26
C LEU B 421 58.02 -8.75 3.83
N ALA B 422 58.93 -7.87 3.43
CA ALA B 422 60.26 -8.28 3.01
C ALA B 422 60.94 -9.06 4.14
N GLY B 423 60.74 -8.59 5.37
CA GLY B 423 61.32 -9.27 6.51
C GLY B 423 60.76 -10.67 6.68
N ALA B 424 59.44 -10.79 6.53
CA ALA B 424 58.77 -12.08 6.66
C ALA B 424 59.28 -13.03 5.57
N LEU B 425 59.41 -12.50 4.36
CA LEU B 425 59.90 -13.32 3.24
C LEU B 425 61.32 -13.77 3.55
N GLU B 426 62.13 -12.86 4.08
CA GLU B 426 63.52 -13.18 4.42
C GLU B 426 63.56 -14.27 5.50
N ASP B 427 62.70 -14.16 6.50
CA ASP B 427 62.67 -15.15 7.58
C ASP B 427 62.34 -16.54 7.06
N VAL B 428 61.33 -16.64 6.20
CA VAL B 428 60.90 -17.92 5.65
C VAL B 428 61.75 -18.43 4.48
N LEU B 429 62.07 -17.54 3.55
CA LEU B 429 62.85 -17.91 2.39
C LEU B 429 64.35 -17.69 2.59
N ASN C 3 -36.27 31.11 -13.36
CA ASN C 3 -34.97 30.79 -14.03
C ASN C 3 -34.71 29.28 -14.08
N VAL C 4 -35.75 28.48 -13.83
CA VAL C 4 -35.59 27.03 -13.86
C VAL C 4 -35.78 26.47 -15.26
N PHE C 5 -34.87 25.58 -15.67
CA PHE C 5 -34.96 24.94 -16.97
C PHE C 5 -35.82 23.70 -16.71
N TYR C 6 -37.12 23.81 -16.97
CA TYR C 6 -38.03 22.70 -16.74
C TYR C 6 -37.80 21.58 -17.77
N ARG C 7 -38.15 20.36 -17.39
CA ARG C 7 -37.98 19.21 -18.28
C ARG C 7 -38.87 19.25 -19.53
N SER C 8 -39.95 20.01 -19.47
CA SER C 8 -40.86 20.13 -20.59
C SER C 8 -41.72 21.39 -20.48
N SER C 9 -42.58 21.62 -21.48
CA SER C 9 -43.44 22.80 -21.51
C SER C 9 -44.69 22.67 -20.65
N LYS C 10 -44.90 21.51 -20.04
CA LYS C 10 -46.08 21.31 -19.21
C LYS C 10 -45.91 22.12 -17.92
N PRO C 11 -47.01 22.41 -17.21
CA PRO C 11 -46.89 23.16 -15.98
C PRO C 11 -46.37 22.28 -14.85
N TYR C 12 -45.34 22.75 -14.15
CA TYR C 12 -44.76 21.99 -13.05
C TYR C 12 -45.12 22.63 -11.72
N PRO C 13 -45.88 21.90 -10.87
CA PRO C 13 -46.25 22.46 -9.58
C PRO C 13 -44.98 22.67 -8.76
N VAL C 14 -44.96 23.70 -7.92
CA VAL C 14 -43.78 23.96 -7.09
C VAL C 14 -43.96 23.39 -5.69
N ALA C 15 -43.21 22.33 -5.40
CA ALA C 15 -43.28 21.70 -4.09
C ALA C 15 -42.60 22.58 -3.05
N VAL C 16 -43.18 22.64 -1.86
CA VAL C 16 -42.59 23.44 -0.80
C VAL C 16 -42.36 22.62 0.46
N ARG C 17 -43.07 21.50 0.58
CA ARG C 17 -42.92 20.68 1.77
C ARG C 17 -43.26 19.20 1.58
N GLY C 18 -42.59 18.35 2.34
CA GLY C 18 -42.82 16.92 2.29
C GLY C 18 -42.89 16.41 3.72
N GLU C 19 -43.98 15.75 4.07
CA GLU C 19 -44.19 15.21 5.42
C GLU C 19 -44.71 13.77 5.33
N GLY C 20 -43.89 12.81 5.75
CA GLY C 20 -44.32 11.43 5.71
C GLY C 20 -44.53 10.97 4.27
N VAL C 21 -45.74 10.49 3.96
CA VAL C 21 -46.02 10.03 2.61
C VAL C 21 -46.66 11.14 1.78
N PHE C 22 -46.68 12.35 2.32
CA PHE C 22 -47.31 13.48 1.62
C PHE C 22 -46.41 14.61 1.13
N LEU C 23 -46.85 15.24 0.05
CA LEU C 23 -46.15 16.38 -0.54
C LEU C 23 -47.13 17.56 -0.61
N TYR C 24 -46.62 18.77 -0.45
CA TYR C 24 -47.45 19.97 -0.50
C TYR C 24 -46.85 20.98 -1.48
N ASP C 25 -47.68 21.60 -2.32
CA ASP C 25 -47.15 22.58 -3.26
C ASP C 25 -47.43 24.01 -2.80
N ASP C 26 -46.96 25.00 -3.56
CA ASP C 26 -47.14 26.39 -3.16
C ASP C 26 -48.53 26.94 -3.39
N ALA C 27 -49.50 26.02 -3.47
CA ALA C 27 -50.90 26.35 -3.63
C ALA C 27 -51.65 25.68 -2.47
N GLY C 28 -50.90 25.05 -1.58
CA GLY C 28 -51.51 24.40 -0.44
C GLY C 28 -52.06 23.02 -0.76
N ARG C 29 -52.00 22.63 -2.04
CA ARG C 29 -52.48 21.31 -2.45
C ARG C 29 -51.65 20.23 -1.80
N ARG C 30 -52.29 19.13 -1.41
CA ARG C 30 -51.58 18.03 -0.79
C ARG C 30 -51.68 16.80 -1.69
N TYR C 31 -50.58 16.05 -1.76
CA TYR C 31 -50.51 14.85 -2.58
C TYR C 31 -49.99 13.67 -1.78
N LEU C 32 -50.53 12.48 -2.05
CA LEU C 32 -50.05 11.27 -1.40
C LEU C 32 -49.02 10.76 -2.41
N ASP C 33 -47.78 10.57 -1.97
CA ASP C 33 -46.71 10.11 -2.84
C ASP C 33 -46.80 8.61 -3.05
N GLY C 34 -47.74 8.20 -3.90
CA GLY C 34 -47.97 6.79 -4.17
C GLY C 34 -46.83 6.02 -4.80
N SER C 35 -45.87 6.72 -5.39
CA SER C 35 -44.73 6.05 -6.02
C SER C 35 -43.40 6.51 -5.41
N SER C 36 -43.47 7.14 -4.24
CA SER C 36 -42.27 7.63 -3.55
C SER C 36 -41.42 8.42 -4.55
N GLY C 37 -42.09 9.28 -5.31
CA GLY C 37 -41.39 10.04 -6.34
C GLY C 37 -41.25 9.07 -7.50
N ALA C 38 -40.07 8.44 -7.59
CA ALA C 38 -39.80 7.45 -8.62
C ALA C 38 -39.18 6.27 -7.89
N LEU C 39 -39.92 5.80 -6.87
CA LEU C 39 -39.48 4.70 -6.01
C LEU C 39 -38.14 5.05 -5.38
N VAL C 40 -38.07 6.30 -4.89
CA VAL C 40 -36.87 6.84 -4.26
C VAL C 40 -37.05 7.09 -2.76
N ALA C 41 -38.13 7.77 -2.39
CA ALA C 41 -38.37 8.14 -0.98
C ALA C 41 -38.88 7.00 -0.10
N ASN C 42 -38.05 5.99 0.06
CA ASN C 42 -38.39 4.80 0.84
C ASN C 42 -38.77 4.98 2.31
N ILE C 43 -38.20 5.98 2.99
CA ILE C 43 -38.54 6.16 4.40
C ILE C 43 -39.44 7.36 4.68
N GLY C 44 -40.01 7.92 3.62
CA GLY C 44 -40.89 9.06 3.80
C GLY C 44 -40.16 10.39 3.75
N HIS C 45 -40.92 11.47 3.68
CA HIS C 45 -40.35 12.81 3.59
C HIS C 45 -40.26 13.54 4.92
N GLY C 46 -39.32 14.48 4.99
CA GLY C 46 -39.13 15.31 6.18
C GLY C 46 -38.46 14.72 7.39
N ARG C 47 -37.60 13.71 7.20
CA ARG C 47 -36.91 13.08 8.33
C ARG C 47 -35.83 14.01 8.88
N ALA C 48 -36.12 14.67 10.00
CA ALA C 48 -35.15 15.57 10.62
C ALA C 48 -33.93 14.79 11.10
N GLU C 49 -34.13 13.52 11.44
CA GLU C 49 -33.05 12.66 11.90
C GLU C 49 -31.94 12.57 10.86
N VAL C 50 -32.35 12.37 9.61
CA VAL C 50 -31.38 12.27 8.52
C VAL C 50 -30.71 13.62 8.31
N GLY C 51 -31.52 14.67 8.31
CA GLY C 51 -31.00 16.01 8.12
C GLY C 51 -29.93 16.36 9.14
N GLU C 52 -30.19 16.00 10.40
CA GLU C 52 -29.24 16.28 11.48
C GLU C 52 -27.93 15.54 11.24
N ARG C 53 -28.02 14.30 10.76
CA ARG C 53 -26.84 13.49 10.50
C ARG C 53 -26.02 14.07 9.36
N MET C 54 -26.69 14.63 8.36
CA MET C 54 -26.00 15.23 7.22
C MET C 54 -25.31 16.51 7.69
N ALA C 55 -26.00 17.27 8.53
CA ALA C 55 -25.44 18.52 9.06
C ALA C 55 -24.18 18.23 9.87
N ALA C 56 -24.24 17.20 10.71
CA ALA C 56 -23.10 16.83 11.53
C ALA C 56 -21.90 16.43 10.66
N GLN C 57 -22.15 15.69 9.58
CA GLN C 57 -21.06 15.27 8.70
C GLN C 57 -20.48 16.47 7.94
N ALA C 58 -21.34 17.41 7.56
CA ALA C 58 -20.88 18.60 6.82
C ALA C 58 -19.95 19.45 7.70
N ALA C 59 -20.28 19.51 8.99
CA ALA C 59 -19.49 20.30 9.94
C ALA C 59 -18.18 19.60 10.33
N ARG C 60 -18.17 18.27 10.23
CA ARG C 60 -17.00 17.47 10.59
C ARG C 60 -16.03 17.19 9.44
N LEU C 61 -16.53 16.61 8.35
CA LEU C 61 -15.72 16.28 7.18
C LEU C 61 -16.67 16.12 6.00
N PRO C 62 -16.92 17.20 5.26
CA PRO C 62 -17.84 17.15 4.12
C PRO C 62 -17.36 16.49 2.84
N PHE C 63 -16.07 16.63 2.54
CA PHE C 63 -15.56 16.13 1.28
C PHE C 63 -14.11 15.68 1.19
N VAL C 64 -13.92 14.56 0.51
CA VAL C 64 -12.60 14.03 0.23
C VAL C 64 -12.81 13.32 -1.10
N HIS C 65 -11.79 13.36 -1.94
CA HIS C 65 -11.89 12.68 -3.22
C HIS C 65 -11.39 11.26 -2.97
N GLY C 66 -12.15 10.28 -3.45
CA GLY C 66 -11.82 8.88 -3.25
C GLY C 66 -10.46 8.43 -3.75
N SER C 67 -9.87 9.17 -4.67
CA SER C 67 -8.55 8.82 -5.20
C SER C 67 -7.47 9.20 -4.20
N GLN C 68 -7.86 9.96 -3.18
CA GLN C 68 -6.92 10.42 -2.16
C GLN C 68 -7.17 9.87 -0.76
N PHE C 69 -8.43 9.86 -0.34
CA PHE C 69 -8.78 9.37 1.00
C PHE C 69 -10.08 8.59 1.04
N SER C 70 -10.20 7.79 2.10
CA SER C 70 -11.41 7.05 2.37
C SER C 70 -11.90 7.92 3.53
N SER C 71 -12.98 7.53 4.20
CA SER C 71 -13.47 8.32 5.34
C SER C 71 -14.03 7.38 6.38
N ASP C 72 -14.02 7.80 7.64
CA ASP C 72 -14.56 6.96 8.69
C ASP C 72 -16.03 6.62 8.46
N VAL C 73 -16.81 7.58 7.93
CA VAL C 73 -18.23 7.30 7.68
C VAL C 73 -18.44 6.28 6.56
N LEU C 74 -17.58 6.31 5.54
CA LEU C 74 -17.70 5.36 4.44
C LEU C 74 -17.32 3.98 4.97
N GLU C 75 -16.23 3.91 5.75
CA GLU C 75 -15.78 2.65 6.33
C GLU C 75 -16.90 2.05 7.18
N GLU C 76 -17.53 2.90 7.99
CA GLU C 76 -18.61 2.45 8.86
C GLU C 76 -19.82 1.99 8.05
N TYR C 77 -20.25 2.85 7.13
CA TYR C 77 -21.41 2.54 6.30
C TYR C 77 -21.25 1.28 5.46
N ALA C 78 -20.10 1.11 4.81
CA ALA C 78 -19.86 -0.05 3.97
C ALA C 78 -20.13 -1.34 4.75
N GLY C 79 -19.60 -1.41 5.96
CA GLY C 79 -19.80 -2.60 6.79
C GLY C 79 -21.25 -2.76 7.20
N ARG C 80 -21.88 -1.67 7.63
CA ARG C 80 -23.27 -1.69 8.05
C ARG C 80 -24.19 -2.13 6.91
N LEU C 81 -23.95 -1.57 5.73
CA LEU C 81 -24.76 -1.90 4.57
C LEU C 81 -24.59 -3.37 4.16
N ALA C 82 -23.34 -3.81 4.07
CA ALA C 82 -23.04 -5.18 3.69
C ALA C 82 -23.77 -6.17 4.59
N ARG C 83 -23.75 -5.92 5.89
CA ARG C 83 -24.42 -6.80 6.85
C ARG C 83 -25.94 -6.78 6.72
N PHE C 84 -26.51 -5.58 6.52
CA PHE C 84 -27.95 -5.45 6.39
C PHE C 84 -28.50 -6.30 5.24
N VAL C 85 -27.88 -6.21 4.07
CA VAL C 85 -28.36 -6.95 2.90
C VAL C 85 -27.98 -8.42 2.86
N GLY C 86 -27.32 -8.90 3.92
CA GLY C 86 -26.95 -10.31 3.95
C GLY C 86 -25.75 -10.68 3.11
N LEU C 87 -24.88 -9.70 2.86
CA LEU C 87 -23.65 -9.90 2.09
C LEU C 87 -22.52 -9.31 2.93
N PRO C 88 -22.38 -9.75 4.19
CA PRO C 88 -21.36 -9.26 5.11
C PRO C 88 -19.90 -9.17 4.66
N THR C 89 -19.49 -10.01 3.71
CA THR C 89 -18.12 -9.98 3.24
C THR C 89 -17.91 -9.19 1.96
N PHE C 90 -19.00 -8.69 1.36
CA PHE C 90 -18.90 -7.95 0.11
C PHE C 90 -18.30 -6.54 0.24
N ARG C 91 -17.73 -6.07 -0.86
CA ARG C 91 -17.09 -4.76 -0.93
C ARG C 91 -17.99 -3.74 -1.60
N PHE C 92 -18.15 -2.59 -0.94
CA PHE C 92 -19.01 -1.51 -1.39
C PHE C 92 -18.30 -0.44 -2.21
N TRP C 93 -18.76 -0.28 -3.44
CA TRP C 93 -18.23 0.73 -4.36
C TRP C 93 -19.32 1.81 -4.42
N ALA C 94 -19.07 2.93 -3.77
CA ALA C 94 -20.05 4.02 -3.71
C ALA C 94 -19.95 4.99 -4.87
N VAL C 95 -21.11 5.37 -5.40
CA VAL C 95 -21.19 6.35 -6.48
C VAL C 95 -22.39 7.25 -6.20
N SER C 96 -22.70 8.16 -7.14
CA SER C 96 -23.79 9.10 -6.94
C SER C 96 -25.13 8.72 -7.54
N GLY C 97 -25.13 7.88 -8.57
CA GLY C 97 -26.39 7.51 -9.20
C GLY C 97 -26.47 6.07 -9.68
N GLY C 98 -27.68 5.62 -9.96
CA GLY C 98 -27.89 4.26 -10.43
C GLY C 98 -27.19 3.91 -11.71
N SER C 99 -27.19 4.83 -12.67
CA SER C 99 -26.53 4.56 -13.94
C SER C 99 -25.04 4.36 -13.75
N GLU C 100 -24.41 5.20 -12.93
CA GLU C 100 -22.99 5.07 -12.65
C GLU C 100 -22.72 3.72 -12.01
N ALA C 101 -23.62 3.31 -11.13
CA ALA C 101 -23.48 2.04 -10.42
C ALA C 101 -23.59 0.84 -11.36
N THR C 102 -24.54 0.93 -12.28
CA THR C 102 -24.76 -0.12 -13.27
C THR C 102 -23.58 -0.23 -14.22
N GLU C 103 -23.10 0.90 -14.71
CA GLU C 103 -21.95 0.88 -15.60
C GLU C 103 -20.72 0.35 -14.86
N SER C 104 -20.59 0.67 -13.58
CA SER C 104 -19.46 0.19 -12.78
C SER C 104 -19.52 -1.32 -12.72
N ALA C 105 -20.74 -1.86 -12.53
CA ALA C 105 -20.95 -3.30 -12.43
C ALA C 105 -20.52 -4.03 -13.70
N VAL C 106 -20.89 -3.45 -14.84
CA VAL C 106 -20.55 -4.03 -16.13
C VAL C 106 -19.04 -3.99 -16.34
N LYS C 107 -18.43 -2.85 -16.02
CA LYS C 107 -16.99 -2.68 -16.18
C LYS C 107 -16.26 -3.72 -15.33
N LEU C 108 -16.73 -3.89 -14.09
CA LEU C 108 -16.15 -4.85 -13.16
C LEU C 108 -16.25 -6.30 -13.66
N ALA C 109 -17.42 -6.66 -14.20
CA ALA C 109 -17.61 -8.02 -14.71
C ALA C 109 -16.62 -8.29 -15.82
N ARG C 110 -16.44 -7.31 -16.71
CA ARG C 110 -15.51 -7.46 -17.82
C ARG C 110 -14.07 -7.55 -17.30
N GLN C 111 -13.68 -6.62 -16.43
CA GLN C 111 -12.33 -6.63 -15.89
C GLN C 111 -12.01 -7.93 -15.15
N TYR C 112 -12.98 -8.45 -14.42
CA TYR C 112 -12.79 -9.70 -13.67
C TYR C 112 -12.23 -10.80 -14.56
N HIS C 113 -12.86 -11.03 -15.70
CA HIS C 113 -12.41 -12.08 -16.62
C HIS C 113 -11.09 -11.77 -17.30
N VAL C 114 -10.85 -10.50 -17.59
CA VAL C 114 -9.61 -10.09 -18.23
C VAL C 114 -8.43 -10.34 -17.27
N GLU C 115 -8.63 -10.03 -15.99
CA GLU C 115 -7.58 -10.22 -15.00
C GLU C 115 -7.24 -11.69 -14.83
N ARG C 116 -8.23 -12.56 -15.02
CA ARG C 116 -8.04 -13.99 -14.88
C ARG C 116 -7.51 -14.66 -16.15
N GLY C 117 -7.20 -13.84 -17.16
CA GLY C 117 -6.67 -14.38 -18.39
C GLY C 117 -7.69 -14.97 -19.34
N GLU C 118 -8.93 -14.50 -19.24
CA GLU C 118 -10.01 -14.97 -20.11
C GLU C 118 -10.68 -13.80 -20.80
N PRO C 119 -9.93 -13.09 -21.66
CA PRO C 119 -10.45 -11.94 -22.40
C PRO C 119 -11.53 -12.29 -23.41
N GLY C 120 -11.72 -13.58 -23.66
CA GLY C 120 -12.75 -13.99 -24.59
C GLY C 120 -14.15 -13.78 -24.04
N ARG C 121 -14.26 -13.63 -22.72
CA ARG C 121 -15.56 -13.42 -22.06
C ARG C 121 -15.90 -11.93 -22.05
N PHE C 122 -16.80 -11.51 -22.93
CA PHE C 122 -17.15 -10.09 -23.02
C PHE C 122 -18.66 -9.80 -23.07
N LYS C 123 -19.46 -10.80 -23.39
CA LYS C 123 -20.91 -10.61 -23.49
C LYS C 123 -21.61 -10.41 -22.15
N VAL C 124 -22.59 -9.52 -22.14
CA VAL C 124 -23.38 -9.27 -20.95
C VAL C 124 -24.83 -9.57 -21.31
N ILE C 125 -25.32 -10.69 -20.80
CA ILE C 125 -26.69 -11.08 -21.07
C ILE C 125 -27.64 -10.27 -20.21
N THR C 126 -28.68 -9.72 -20.82
CA THR C 126 -29.71 -8.99 -20.10
C THR C 126 -31.03 -9.62 -20.52
N ARG C 127 -32.11 -9.29 -19.82
CA ARG C 127 -33.39 -9.91 -20.09
C ARG C 127 -34.49 -8.95 -20.53
N VAL C 128 -35.28 -9.38 -21.52
CA VAL C 128 -36.39 -8.59 -22.01
C VAL C 128 -37.34 -8.39 -20.82
N PRO C 129 -37.89 -7.18 -20.65
CA PRO C 129 -37.70 -5.97 -21.45
C PRO C 129 -36.82 -4.95 -20.73
N SER C 130 -35.98 -5.44 -19.81
CA SER C 130 -35.08 -4.59 -19.04
C SER C 130 -33.88 -4.13 -19.89
N ARG C 148 -8.23 1.08 -22.55
CA ARG C 148 -9.46 1.16 -23.34
C ARG C 148 -9.67 -0.04 -24.24
N GLU C 149 -8.60 -0.49 -24.91
CA GLU C 149 -8.68 -1.62 -25.82
C GLU C 149 -9.21 -2.89 -25.17
N LEU C 150 -9.20 -2.93 -23.84
CA LEU C 150 -9.69 -4.09 -23.11
C LEU C 150 -11.20 -4.04 -22.90
N TYR C 151 -11.80 -2.89 -23.15
CA TYR C 151 -13.24 -2.72 -22.95
C TYR C 151 -14.05 -2.41 -24.20
N THR C 152 -13.37 -2.21 -25.32
CA THR C 152 -14.05 -1.93 -26.58
C THR C 152 -15.01 -3.04 -27.04
N PRO C 153 -14.76 -4.30 -26.63
CA PRO C 153 -15.69 -5.32 -27.09
C PRO C 153 -17.12 -5.12 -26.59
N LEU C 154 -17.27 -4.35 -25.52
CA LEU C 154 -18.59 -4.06 -24.96
C LEU C 154 -19.39 -3.13 -25.86
N MET C 155 -18.70 -2.51 -26.82
CA MET C 155 -19.33 -1.60 -27.76
C MET C 155 -20.00 -2.35 -28.91
N ARG C 156 -19.64 -3.62 -29.08
CA ARG C 156 -20.22 -4.41 -30.17
C ARG C 156 -21.64 -4.86 -29.87
N PRO C 157 -22.51 -4.81 -30.89
CA PRO C 157 -23.91 -5.22 -30.72
C PRO C 157 -23.98 -6.66 -30.21
N GLU C 158 -23.04 -7.48 -30.65
CA GLU C 158 -23.00 -8.88 -30.26
C GLU C 158 -22.69 -9.09 -28.78
N ALA C 159 -22.29 -8.01 -28.11
CA ALA C 159 -21.94 -8.09 -26.69
C ALA C 159 -23.18 -8.07 -25.80
N TRP C 160 -24.34 -7.82 -26.38
CA TRP C 160 -25.56 -7.74 -25.59
C TRP C 160 -26.71 -8.65 -25.98
N PRO C 161 -26.52 -9.97 -25.80
CA PRO C 161 -27.57 -10.94 -26.14
C PRO C 161 -28.73 -10.78 -25.17
N LYS C 162 -29.93 -11.13 -25.61
CA LYS C 162 -31.13 -10.99 -24.78
C LYS C 162 -31.78 -12.30 -24.39
N LEU C 163 -32.15 -12.39 -23.11
CA LEU C 163 -32.83 -13.56 -22.58
C LEU C 163 -34.32 -13.23 -22.62
N PRO C 164 -35.18 -14.22 -22.90
CA PRO C 164 -36.62 -13.97 -22.96
C PRO C 164 -37.21 -13.46 -21.64
N LYS C 165 -38.31 -12.74 -21.74
CA LYS C 165 -38.99 -12.21 -20.56
C LYS C 165 -39.38 -13.40 -19.68
N PRO C 166 -39.33 -13.22 -18.35
CA PRO C 166 -39.71 -14.33 -17.47
C PRO C 166 -41.20 -14.63 -17.59
N ASP C 167 -41.58 -15.87 -17.32
CA ASP C 167 -42.97 -16.28 -17.39
C ASP C 167 -43.38 -16.79 -16.01
N PRO C 168 -44.01 -15.92 -15.21
CA PRO C 168 -44.48 -16.24 -13.85
C PRO C 168 -45.44 -17.43 -13.77
N ALA C 169 -46.06 -17.77 -14.89
CA ALA C 169 -47.01 -18.87 -14.93
C ALA C 169 -46.35 -20.22 -15.20
N ARG C 170 -45.05 -20.20 -15.50
CA ARG C 170 -44.31 -21.41 -15.76
C ARG C 170 -43.48 -21.78 -14.54
N ASN C 171 -43.13 -23.06 -14.42
CA ASN C 171 -42.29 -23.52 -13.31
C ASN C 171 -41.00 -22.68 -13.37
N GLY C 172 -40.68 -22.03 -12.26
CA GLY C 172 -39.49 -21.18 -12.19
C GLY C 172 -38.17 -21.75 -12.69
N ALA C 173 -37.81 -22.94 -12.23
CA ALA C 173 -36.57 -23.56 -12.66
C ALA C 173 -36.58 -23.84 -14.15
N GLU C 174 -37.71 -24.35 -14.64
CA GLU C 174 -37.88 -24.66 -16.06
C GLU C 174 -37.74 -23.38 -16.88
N ASP C 175 -38.31 -22.30 -16.39
CA ASP C 175 -38.28 -21.01 -17.09
C ASP C 175 -36.83 -20.48 -17.12
N ALA C 176 -36.13 -20.66 -16.01
CA ALA C 176 -34.74 -20.20 -15.90
C ALA C 176 -33.80 -20.97 -16.83
N GLU C 177 -34.16 -22.20 -17.19
CA GLU C 177 -33.34 -23.00 -18.07
C GLU C 177 -33.13 -22.30 -19.42
N GLY C 178 -33.93 -21.28 -19.69
CA GLY C 178 -33.77 -20.54 -20.92
C GLY C 178 -32.38 -19.91 -20.95
N LEU C 179 -31.81 -19.67 -19.77
CA LEU C 179 -30.49 -19.07 -19.67
C LEU C 179 -29.43 -20.05 -20.17
N ARG C 180 -29.59 -21.33 -19.84
CA ARG C 180 -28.63 -22.33 -20.31
C ARG C 180 -28.70 -22.38 -21.82
N ALA C 181 -29.92 -22.37 -22.36
CA ALA C 181 -30.13 -22.43 -23.80
C ALA C 181 -29.44 -21.27 -24.52
N LEU C 182 -29.56 -20.07 -23.96
CA LEU C 182 -28.93 -18.89 -24.56
C LEU C 182 -27.41 -19.01 -24.48
N LEU C 183 -26.91 -19.48 -23.34
CA LEU C 183 -25.49 -19.63 -23.17
C LEU C 183 -24.93 -20.61 -24.18
N GLU C 184 -25.67 -21.70 -24.43
CA GLU C 184 -25.23 -22.71 -25.38
C GLU C 184 -25.10 -22.16 -26.79
N ARG C 185 -26.04 -21.32 -27.21
CA ARG C 185 -25.98 -20.77 -28.56
C ARG C 185 -25.00 -19.60 -28.68
N GLU C 186 -24.74 -18.91 -27.58
CA GLU C 186 -23.81 -17.78 -27.59
C GLU C 186 -22.38 -18.28 -27.44
N GLY C 187 -22.23 -19.39 -26.73
CA GLY C 187 -20.91 -19.94 -26.46
C GLY C 187 -20.58 -19.40 -25.08
N PRO C 188 -20.70 -20.23 -24.03
CA PRO C 188 -20.40 -19.79 -22.67
C PRO C 188 -19.03 -19.13 -22.46
N GLU C 189 -18.06 -19.50 -23.29
CA GLU C 189 -16.71 -18.95 -23.16
C GLU C 189 -16.62 -17.51 -23.67
N THR C 190 -17.70 -17.02 -24.26
CA THR C 190 -17.71 -15.65 -24.77
C THR C 190 -18.53 -14.74 -23.85
N VAL C 191 -19.13 -15.32 -22.82
CA VAL C 191 -19.96 -14.56 -21.90
C VAL C 191 -19.31 -14.14 -20.59
N ALA C 192 -19.46 -12.86 -20.26
CA ALA C 192 -18.89 -12.32 -19.03
C ALA C 192 -19.88 -12.30 -17.88
N ALA C 193 -21.15 -12.00 -18.17
CA ALA C 193 -22.12 -11.90 -17.09
C ALA C 193 -23.57 -11.98 -17.54
N PHE C 194 -24.44 -12.05 -16.54
CA PHE C 194 -25.88 -12.05 -16.73
C PHE C 194 -26.38 -11.04 -15.71
N MET C 195 -27.07 -10.01 -16.18
CA MET C 195 -27.60 -8.99 -15.30
C MET C 195 -29.12 -8.94 -15.41
N ALA C 196 -29.79 -8.86 -14.26
CA ALA C 196 -31.25 -8.79 -14.25
C ALA C 196 -31.79 -8.13 -12.98
N GLU C 197 -32.98 -7.53 -13.11
CA GLU C 197 -33.66 -6.93 -11.96
C GLU C 197 -34.42 -8.12 -11.39
N PRO C 198 -34.24 -8.43 -10.10
CA PRO C 198 -34.98 -9.59 -9.56
C PRO C 198 -36.47 -9.44 -9.82
N VAL C 199 -36.99 -8.24 -9.56
CA VAL C 199 -38.39 -7.91 -9.79
C VAL C 199 -38.27 -6.72 -10.73
N VAL C 200 -38.92 -6.81 -11.89
CA VAL C 200 -38.84 -5.75 -12.90
C VAL C 200 -39.51 -4.44 -12.49
N GLY C 201 -38.92 -3.35 -12.93
CA GLY C 201 -39.44 -2.02 -12.61
C GLY C 201 -40.35 -1.46 -13.68
N ALA C 202 -40.10 -0.21 -14.06
CA ALA C 202 -40.88 0.51 -15.04
C ALA C 202 -41.16 -0.23 -16.36
N SER C 203 -40.16 -0.91 -16.90
CA SER C 203 -40.30 -1.63 -18.17
C SER C 203 -41.50 -2.58 -18.22
N ASP C 204 -41.75 -3.29 -17.13
CA ASP C 204 -42.87 -4.21 -17.04
C ASP C 204 -43.24 -4.24 -15.56
N ALA C 205 -44.01 -3.23 -15.17
CA ALA C 205 -44.44 -3.01 -13.78
C ALA C 205 -44.53 -4.21 -12.84
N ALA C 206 -43.51 -4.36 -12.00
CA ALA C 206 -43.45 -5.40 -10.99
C ALA C 206 -43.50 -6.84 -11.45
N LEU C 207 -43.09 -7.11 -12.68
CA LEU C 207 -43.07 -8.49 -13.17
C LEU C 207 -42.06 -9.27 -12.35
N ALA C 208 -42.47 -10.40 -11.81
CA ALA C 208 -41.59 -11.22 -10.99
C ALA C 208 -41.65 -12.68 -11.43
N PRO C 209 -40.49 -13.33 -11.55
CA PRO C 209 -40.41 -14.74 -11.95
C PRO C 209 -41.04 -15.62 -10.88
N ALA C 210 -41.34 -16.87 -11.24
CA ALA C 210 -41.95 -17.81 -10.31
C ALA C 210 -40.89 -18.37 -9.36
N PRO C 211 -41.33 -18.99 -8.26
CA PRO C 211 -40.37 -19.55 -7.32
C PRO C 211 -39.46 -20.53 -8.07
N GLY C 212 -38.22 -20.64 -7.61
CA GLY C 212 -37.26 -21.53 -8.24
C GLY C 212 -36.44 -20.94 -9.37
N TYR C 213 -36.87 -19.79 -9.88
CA TYR C 213 -36.18 -19.14 -11.01
C TYR C 213 -34.74 -18.71 -10.71
N TYR C 214 -34.55 -17.84 -9.72
CA TYR C 214 -33.21 -17.38 -9.43
C TYR C 214 -32.29 -18.42 -8.81
N GLU C 215 -32.86 -19.44 -8.17
CA GLU C 215 -32.05 -20.51 -7.61
C GLU C 215 -31.38 -21.20 -8.80
N ARG C 216 -32.15 -21.44 -9.85
CA ARG C 216 -31.63 -22.09 -11.05
C ARG C 216 -30.68 -21.15 -11.80
N VAL C 217 -31.00 -19.86 -11.87
CA VAL C 217 -30.13 -18.91 -12.53
C VAL C 217 -28.75 -18.88 -11.84
N ARG C 218 -28.76 -18.84 -10.51
CA ARG C 218 -27.53 -18.82 -9.72
C ARG C 218 -26.66 -20.03 -10.08
N ASP C 219 -27.28 -21.20 -10.11
CA ASP C 219 -26.59 -22.44 -10.43
C ASP C 219 -26.05 -22.45 -11.86
N ILE C 220 -26.87 -22.04 -12.82
CA ILE C 220 -26.43 -22.00 -14.21
C ILE C 220 -25.23 -21.06 -14.35
N CYS C 221 -25.27 -19.94 -13.65
CA CYS C 221 -24.17 -18.98 -13.70
C CYS C 221 -22.90 -19.58 -13.12
N ASP C 222 -23.03 -20.31 -12.03
CA ASP C 222 -21.87 -20.95 -11.41
C ASP C 222 -21.25 -21.99 -12.35
N GLU C 223 -22.09 -22.78 -13.00
CA GLU C 223 -21.59 -23.79 -13.93
C GLU C 223 -20.88 -23.17 -15.11
N ALA C 224 -21.44 -22.08 -15.64
CA ALA C 224 -20.87 -21.40 -16.79
C ALA C 224 -19.67 -20.52 -16.45
N GLY C 225 -19.52 -20.18 -15.17
CA GLY C 225 -18.42 -19.34 -14.75
C GLY C 225 -18.64 -17.88 -15.07
N ILE C 226 -19.89 -17.45 -15.18
CA ILE C 226 -20.19 -16.05 -15.49
C ILE C 226 -20.62 -15.29 -14.23
N ILE C 227 -20.44 -13.98 -14.25
CA ILE C 227 -20.80 -13.12 -13.12
C ILE C 227 -22.30 -12.85 -13.12
N PHE C 228 -22.94 -13.10 -11.98
CA PHE C 228 -24.37 -12.85 -11.84
C PHE C 228 -24.54 -11.49 -11.17
N ILE C 229 -25.10 -10.54 -11.92
CA ILE C 229 -25.31 -9.18 -11.42
C ILE C 229 -26.79 -8.97 -11.14
N ALA C 230 -27.12 -8.60 -9.91
CA ALA C 230 -28.50 -8.34 -9.55
C ALA C 230 -28.70 -6.82 -9.55
N ASP C 231 -29.56 -6.34 -10.44
CA ASP C 231 -29.85 -4.91 -10.52
C ASP C 231 -30.97 -4.64 -9.53
N GLU C 232 -30.60 -4.19 -8.35
CA GLU C 232 -31.54 -3.89 -7.27
C GLU C 232 -31.73 -2.40 -7.09
N VAL C 233 -31.41 -1.61 -8.11
CA VAL C 233 -31.54 -0.16 -7.99
C VAL C 233 -32.95 0.24 -7.54
N MET C 234 -33.96 -0.48 -8.00
CA MET C 234 -35.33 -0.16 -7.62
C MET C 234 -35.92 -1.13 -6.61
N SER C 235 -35.55 -2.40 -6.73
CA SER C 235 -36.09 -3.46 -5.87
C SER C 235 -35.39 -3.68 -4.54
N GLY C 236 -34.23 -3.05 -4.35
CA GLY C 236 -33.49 -3.25 -3.11
C GLY C 236 -33.86 -2.40 -1.90
N MET C 237 -33.11 -2.63 -0.83
CA MET C 237 -33.26 -1.93 0.44
C MET C 237 -34.64 -2.00 1.11
N GLY C 238 -35.23 -3.19 1.11
CA GLY C 238 -36.52 -3.39 1.74
C GLY C 238 -37.75 -3.18 0.90
N ARG C 239 -37.58 -2.51 -0.24
CA ARG C 239 -38.68 -2.20 -1.16
C ARG C 239 -39.61 -3.39 -1.41
N CYS C 240 -39.02 -4.56 -1.67
CA CYS C 240 -39.81 -5.75 -1.96
C CYS C 240 -40.01 -6.69 -0.77
N GLY C 241 -39.95 -6.15 0.44
CA GLY C 241 -40.15 -6.96 1.63
C GLY C 241 -38.96 -7.82 2.04
N SER C 242 -37.79 -7.48 1.55
CA SER C 242 -36.55 -8.20 1.84
C SER C 242 -35.39 -7.21 1.66
N PRO C 243 -34.29 -7.37 2.42
CA PRO C 243 -33.16 -6.43 2.28
C PRO C 243 -32.84 -6.27 0.79
N LEU C 244 -32.70 -7.40 0.10
CA LEU C 244 -32.48 -7.40 -1.34
C LEU C 244 -33.57 -8.32 -1.86
N ALA C 245 -34.25 -7.92 -2.94
CA ALA C 245 -35.34 -8.72 -3.49
C ALA C 245 -34.92 -10.12 -3.92
N LEU C 246 -33.69 -10.23 -4.41
CA LEU C 246 -33.17 -11.52 -4.87
C LEU C 246 -33.23 -12.60 -3.80
N SER C 247 -33.02 -12.19 -2.55
CA SER C 247 -33.03 -13.11 -1.41
C SER C 247 -34.37 -13.81 -1.18
N ARG C 248 -35.44 -13.26 -1.74
CA ARG C 248 -36.76 -13.88 -1.56
C ARG C 248 -36.76 -15.27 -2.20
N TRP C 249 -35.82 -15.48 -3.11
CA TRP C 249 -35.68 -16.77 -3.78
C TRP C 249 -34.64 -17.63 -3.04
N SER C 250 -35.07 -18.27 -1.97
CA SER C 250 -34.20 -19.15 -1.18
C SER C 250 -32.89 -18.53 -0.72
N GLY C 251 -32.90 -17.22 -0.47
CA GLY C 251 -31.69 -16.55 -0.01
C GLY C 251 -30.57 -16.47 -1.02
N VAL C 252 -30.87 -16.63 -2.31
CA VAL C 252 -29.86 -16.56 -3.34
C VAL C 252 -29.12 -15.23 -3.29
N THR C 253 -27.81 -15.28 -3.53
CA THR C 253 -26.98 -14.08 -3.53
C THR C 253 -26.26 -13.97 -4.86
N PRO C 254 -26.07 -12.75 -5.37
CA PRO C 254 -25.40 -12.52 -6.64
C PRO C 254 -23.90 -12.34 -6.42
N ASP C 255 -23.17 -12.15 -7.50
CA ASP C 255 -21.73 -11.90 -7.41
C ASP C 255 -21.55 -10.39 -7.28
N ILE C 256 -22.50 -9.63 -7.83
CA ILE C 256 -22.49 -8.17 -7.74
C ILE C 256 -23.94 -7.70 -7.57
N ALA C 257 -24.18 -6.89 -6.54
CA ALA C 257 -25.52 -6.34 -6.31
C ALA C 257 -25.44 -4.84 -6.56
N VAL C 258 -26.29 -4.33 -7.45
CA VAL C 258 -26.30 -2.91 -7.78
C VAL C 258 -27.41 -2.20 -7.00
N LEU C 259 -27.03 -1.13 -6.29
CA LEU C 259 -27.96 -0.37 -5.48
C LEU C 259 -28.08 1.08 -5.91
N GLY C 260 -29.21 1.71 -5.59
CA GLY C 260 -29.42 3.09 -5.95
C GLY C 260 -30.74 3.61 -5.41
N LYS C 261 -31.16 4.79 -5.89
CA LYS C 261 -32.43 5.40 -5.47
C LYS C 261 -32.73 5.33 -3.98
N GLY C 262 -33.25 4.19 -3.55
CA GLY C 262 -33.62 4.03 -2.16
C GLY C 262 -32.48 3.92 -1.15
N LEU C 263 -31.24 3.86 -1.64
CA LEU C 263 -30.09 3.75 -0.76
C LEU C 263 -30.07 4.88 0.27
N ALA C 264 -30.19 6.12 -0.20
CA ALA C 264 -30.24 7.27 0.70
C ALA C 264 -31.68 7.82 0.73
N ALA C 265 -32.59 7.07 0.15
CA ALA C 265 -34.03 7.39 0.12
C ALA C 265 -34.43 8.85 -0.16
N GLY C 266 -33.76 9.47 -1.12
CA GLY C 266 -34.09 10.85 -1.48
C GLY C 266 -33.39 11.93 -0.69
N TYR C 267 -32.61 11.56 0.31
CA TYR C 267 -31.90 12.54 1.13
C TYR C 267 -30.57 12.98 0.57
N ALA C 268 -30.01 12.17 -0.33
CA ALA C 268 -28.74 12.49 -0.95
C ALA C 268 -28.54 11.62 -2.19
N PRO C 269 -27.78 12.12 -3.17
CA PRO C 269 -27.54 11.33 -4.39
C PRO C 269 -26.51 10.26 -4.05
N LEU C 270 -26.99 9.06 -3.76
CA LEU C 270 -26.13 7.95 -3.40
C LEU C 270 -26.60 6.65 -4.07
N ALA C 271 -25.63 5.88 -4.54
CA ALA C 271 -25.86 4.60 -5.21
C ALA C 271 -24.57 3.83 -5.08
N GLY C 272 -24.52 2.62 -5.65
CA GLY C 272 -23.30 1.86 -5.55
C GLY C 272 -23.52 0.40 -5.82
N LEU C 273 -22.49 -0.40 -5.60
CA LEU C 273 -22.60 -1.84 -5.80
C LEU C 273 -21.84 -2.56 -4.70
N LEU C 274 -22.22 -3.81 -4.49
CA LEU C 274 -21.57 -4.66 -3.49
C LEU C 274 -21.03 -5.81 -4.30
N ALA C 275 -19.71 -6.03 -4.23
CA ALA C 275 -19.06 -7.10 -4.98
C ALA C 275 -18.52 -8.18 -4.07
N ALA C 276 -18.63 -9.42 -4.53
CA ALA C 276 -18.13 -10.56 -3.76
C ALA C 276 -16.63 -10.40 -3.58
N PRO C 277 -16.08 -10.84 -2.43
CA PRO C 277 -14.65 -10.74 -2.14
C PRO C 277 -13.76 -11.22 -3.29
N GLN C 278 -14.14 -12.36 -3.88
CA GLN C 278 -13.42 -12.95 -5.00
C GLN C 278 -13.26 -11.97 -6.16
N VAL C 279 -14.34 -11.28 -6.49
CA VAL C 279 -14.32 -10.32 -7.58
C VAL C 279 -13.45 -9.11 -7.21
N TYR C 280 -13.63 -8.60 -6.00
CA TYR C 280 -12.84 -7.45 -5.54
C TYR C 280 -11.35 -7.76 -5.54
N GLU C 281 -10.98 -8.89 -4.95
CA GLU C 281 -9.57 -9.30 -4.88
C GLU C 281 -8.93 -9.50 -6.25
N THR C 282 -9.72 -9.97 -7.21
CA THR C 282 -9.22 -10.19 -8.57
C THR C 282 -8.87 -8.86 -9.24
N VAL C 283 -9.74 -7.88 -9.07
CA VAL C 283 -9.51 -6.57 -9.66
C VAL C 283 -8.39 -5.80 -8.94
N MET C 284 -8.28 -5.97 -7.62
CA MET C 284 -7.24 -5.29 -6.87
C MET C 284 -5.86 -5.81 -7.26
N GLY C 285 -5.80 -7.09 -7.62
CA GLY C 285 -4.54 -7.68 -8.03
C GLY C 285 -4.15 -7.18 -9.41
N GLY C 286 -2.90 -7.42 -9.79
CA GLY C 286 -2.43 -6.98 -11.09
C GLY C 286 -2.82 -5.56 -11.40
N PHE C 290 -9.25 0.22 -10.27
CA PHE C 290 -10.57 -0.12 -10.79
C PHE C 290 -11.14 0.97 -11.68
N MET C 291 -11.34 2.16 -11.12
CA MET C 291 -11.88 3.29 -11.87
C MET C 291 -11.25 4.61 -11.37
N HIS C 292 -11.27 5.65 -12.21
CA HIS C 292 -10.64 6.93 -11.85
C HIS C 292 -11.50 8.18 -11.58
N GLY C 293 -12.45 8.47 -12.46
CA GLY C 293 -13.27 9.67 -12.28
C GLY C 293 -14.11 9.75 -11.02
N PHE C 294 -15.42 9.95 -11.22
CA PHE C 294 -16.40 10.04 -10.14
C PHE C 294 -16.00 10.97 -8.99
N THR C 295 -16.13 12.27 -9.25
CA THR C 295 -15.77 13.27 -8.25
C THR C 295 -16.45 13.08 -6.90
N TYR C 296 -17.76 12.81 -6.92
CA TYR C 296 -18.51 12.65 -5.69
C TYR C 296 -18.69 11.21 -5.21
N ALA C 297 -17.94 10.27 -5.80
CA ALA C 297 -18.04 8.87 -5.37
C ALA C 297 -17.53 8.79 -3.94
N GLY C 298 -18.33 8.23 -3.04
CA GLY C 298 -17.93 8.12 -1.64
C GLY C 298 -18.12 9.38 -0.81
N HIS C 299 -18.73 10.39 -1.40
CA HIS C 299 -18.99 11.68 -0.75
C HIS C 299 -19.45 11.49 0.70
N PRO C 300 -18.67 11.99 1.67
CA PRO C 300 -19.02 11.85 3.09
C PRO C 300 -20.43 12.27 3.52
N VAL C 301 -20.89 13.44 3.11
CA VAL C 301 -22.22 13.85 3.54
C VAL C 301 -23.30 12.93 2.97
N SER C 302 -23.13 12.52 1.73
CA SER C 302 -24.10 11.64 1.09
C SER C 302 -24.07 10.26 1.74
N VAL C 303 -22.87 9.82 2.10
CA VAL C 303 -22.72 8.52 2.75
C VAL C 303 -23.37 8.58 4.14
N ALA C 304 -23.18 9.69 4.83
CA ALA C 304 -23.77 9.86 6.16
C ALA C 304 -25.30 9.78 6.04
N ALA C 305 -25.85 10.30 4.93
CA ALA C 305 -27.28 10.25 4.71
C ALA C 305 -27.71 8.79 4.57
N GLY C 306 -26.92 8.02 3.81
CA GLY C 306 -27.21 6.62 3.62
C GLY C 306 -27.19 5.88 4.94
N LEU C 307 -26.18 6.16 5.76
CA LEU C 307 -26.06 5.51 7.07
C LEU C 307 -27.25 5.82 7.98
N SER C 308 -27.68 7.08 7.98
CA SER C 308 -28.81 7.49 8.82
C SER C 308 -30.09 6.81 8.32
N VAL C 309 -30.25 6.73 7.01
CA VAL C 309 -31.41 6.08 6.42
C VAL C 309 -31.41 4.60 6.80
N LEU C 310 -30.23 3.98 6.76
CA LEU C 310 -30.13 2.57 7.13
C LEU C 310 -30.53 2.35 8.60
N ASP C 311 -30.11 3.25 9.49
CA ASP C 311 -30.46 3.14 10.90
C ASP C 311 -31.98 3.08 11.05
N ILE C 312 -32.67 3.93 10.30
CA ILE C 312 -34.12 4.01 10.32
C ILE C 312 -34.78 2.76 9.74
N VAL C 313 -34.27 2.32 8.59
CA VAL C 313 -34.81 1.13 7.93
C VAL C 313 -34.75 -0.07 8.87
N GLU C 314 -33.65 -0.20 9.60
CA GLU C 314 -33.49 -1.30 10.54
C GLU C 314 -34.29 -1.10 11.82
N ARG C 315 -34.16 0.08 12.43
CA ARG C 315 -34.89 0.36 13.66
C ARG C 315 -36.41 0.24 13.52
N GLU C 316 -36.95 0.72 12.41
CA GLU C 316 -38.39 0.66 12.18
C GLU C 316 -38.82 -0.60 11.44
N ASP C 317 -37.86 -1.47 11.14
CA ASP C 317 -38.12 -2.72 10.42
C ASP C 317 -39.01 -2.44 9.22
N LEU C 318 -38.55 -1.52 8.36
CA LEU C 318 -39.32 -1.16 7.19
C LEU C 318 -39.36 -2.29 6.17
N THR C 319 -38.46 -3.25 6.30
CA THR C 319 -38.46 -4.39 5.39
C THR C 319 -39.69 -5.22 5.74
N GLY C 320 -39.93 -5.38 7.04
CA GLY C 320 -41.08 -6.13 7.50
C GLY C 320 -42.36 -5.36 7.20
N ALA C 321 -42.27 -4.04 7.30
CA ALA C 321 -43.39 -3.16 7.03
C ALA C 321 -43.80 -3.28 5.56
N ALA C 322 -42.80 -3.35 4.68
CA ALA C 322 -43.06 -3.46 3.26
C ALA C 322 -43.84 -4.73 2.95
N LYS C 323 -43.57 -5.80 3.71
CA LYS C 323 -44.27 -7.07 3.51
C LYS C 323 -45.75 -6.93 3.86
N GLU C 324 -46.01 -6.39 5.05
CA GLU C 324 -47.37 -6.20 5.54
C GLU C 324 -48.17 -5.19 4.71
N ARG C 325 -47.62 -4.01 4.51
CA ARG C 325 -48.30 -2.97 3.74
C ARG C 325 -48.42 -3.37 2.27
N GLY C 326 -47.41 -4.09 1.77
CA GLY C 326 -47.43 -4.54 0.39
C GLY C 326 -48.56 -5.51 0.15
N ALA C 327 -48.76 -6.42 1.11
CA ALA C 327 -49.84 -7.40 1.02
C ALA C 327 -51.18 -6.68 1.02
N GLN C 328 -51.32 -5.71 1.90
CA GLN C 328 -52.56 -4.93 2.01
C GLN C 328 -52.86 -4.19 0.71
N LEU C 329 -51.86 -3.51 0.16
CA LEU C 329 -52.05 -2.75 -1.06
C LEU C 329 -52.38 -3.68 -2.24
N LEU C 330 -51.67 -4.80 -2.33
CA LEU C 330 -51.93 -5.75 -3.42
C LEU C 330 -53.38 -6.26 -3.34
N ALA C 331 -53.83 -6.58 -2.13
CA ALA C 331 -55.18 -7.08 -1.93
C ALA C 331 -56.18 -6.01 -2.39
N GLY C 332 -55.85 -4.75 -2.12
CA GLY C 332 -56.72 -3.65 -2.51
C GLY C 332 -56.81 -3.51 -4.02
N LEU C 333 -55.69 -3.66 -4.71
CA LEU C 333 -55.68 -3.55 -6.17
C LEU C 333 -56.47 -4.70 -6.77
N GLN C 334 -56.36 -5.89 -6.17
CA GLN C 334 -57.07 -7.05 -6.68
C GLN C 334 -58.57 -6.85 -6.46
N ALA C 335 -58.93 -6.19 -5.37
CA ALA C 335 -60.33 -5.92 -5.07
C ALA C 335 -60.92 -4.93 -6.08
N LEU C 336 -60.09 -4.00 -6.56
CA LEU C 336 -60.54 -3.01 -7.52
C LEU C 336 -60.83 -3.58 -8.91
N GLN C 337 -60.23 -4.73 -9.24
CA GLN C 337 -60.44 -5.33 -10.55
C GLN C 337 -61.89 -5.67 -10.84
N ALA C 338 -62.65 -6.02 -9.80
CA ALA C 338 -64.05 -6.36 -9.97
C ALA C 338 -64.82 -5.17 -10.54
N ARG C 339 -64.49 -4.00 -10.02
CA ARG C 339 -65.13 -2.76 -10.44
C ARG C 339 -64.52 -2.26 -11.74
N PHE C 340 -63.22 -2.50 -11.91
CA PHE C 340 -62.51 -2.06 -13.11
C PHE C 340 -61.80 -3.20 -13.81
N PRO C 341 -62.55 -4.02 -14.57
CA PRO C 341 -61.94 -5.15 -15.28
C PRO C 341 -60.96 -4.73 -16.38
N GLN C 342 -60.80 -3.43 -16.59
CA GLN C 342 -59.83 -2.96 -17.58
C GLN C 342 -58.45 -3.20 -16.99
N MET C 343 -58.41 -3.51 -15.70
CA MET C 343 -57.16 -3.82 -15.01
C MET C 343 -56.85 -5.26 -15.43
N MET C 344 -56.12 -5.40 -16.54
CA MET C 344 -55.75 -6.69 -17.12
C MET C 344 -55.00 -7.61 -16.16
N GLN C 345 -54.13 -7.02 -15.36
CA GLN C 345 -53.35 -7.80 -14.41
C GLN C 345 -52.84 -6.91 -13.28
N VAL C 346 -52.78 -7.49 -12.09
CA VAL C 346 -52.30 -6.78 -10.91
C VAL C 346 -51.19 -7.65 -10.31
N ARG C 347 -50.07 -7.01 -9.96
CA ARG C 347 -48.93 -7.73 -9.41
C ARG C 347 -48.25 -6.95 -8.31
N GLY C 348 -47.56 -7.66 -7.42
CA GLY C 348 -46.85 -7.00 -6.35
C GLY C 348 -45.94 -7.90 -5.55
N THR C 349 -44.77 -7.35 -5.19
CA THR C 349 -43.80 -8.06 -4.37
C THR C 349 -43.40 -6.99 -3.36
N GLY C 350 -43.83 -7.13 -2.11
CA GLY C 350 -43.54 -6.11 -1.12
C GLY C 350 -44.25 -4.84 -1.57
N LEU C 351 -43.59 -3.69 -1.50
CA LEU C 351 -44.22 -2.45 -1.91
C LEU C 351 -43.81 -1.97 -3.30
N LEU C 352 -43.60 -2.93 -4.20
CA LEU C 352 -43.30 -2.65 -5.60
C LEU C 352 -44.47 -3.36 -6.30
N LEU C 353 -45.42 -2.59 -6.81
CA LEU C 353 -46.59 -3.18 -7.45
C LEU C 353 -46.83 -2.63 -8.84
N GLY C 354 -47.62 -3.37 -9.62
CA GLY C 354 -47.90 -2.94 -10.98
C GLY C 354 -49.32 -3.27 -11.40
N VAL C 355 -49.86 -2.43 -12.27
CA VAL C 355 -51.20 -2.62 -12.80
C VAL C 355 -51.11 -2.50 -14.32
N VAL C 356 -51.53 -3.55 -15.01
CA VAL C 356 -51.51 -3.56 -16.46
C VAL C 356 -52.93 -3.23 -16.93
N LEU C 357 -53.06 -2.23 -17.79
CA LEU C 357 -54.37 -1.80 -18.26
C LEU C 357 -54.61 -2.12 -19.73
N GLY C 358 -55.89 -2.27 -20.09
CA GLY C 358 -56.26 -2.57 -21.46
C GLY C 358 -57.75 -2.36 -21.67
N ASP C 359 -58.24 -2.58 -22.90
CA ASP C 359 -59.65 -2.41 -23.20
C ASP C 359 -60.38 -3.73 -22.97
N LEU C 360 -61.65 -3.65 -22.55
CA LEU C 360 -62.43 -4.85 -22.27
C LEU C 360 -62.58 -5.78 -23.48
N ILE C 371 -52.55 5.53 -21.98
CA ILE C 371 -53.66 5.45 -21.03
C ILE C 371 -53.17 5.56 -19.59
N ALA C 372 -52.06 4.89 -19.29
CA ALA C 372 -51.49 4.93 -17.95
C ALA C 372 -51.24 6.38 -17.57
N SER C 373 -50.99 7.21 -18.58
CA SER C 373 -50.75 8.62 -18.37
C SER C 373 -52.08 9.33 -18.12
N ARG C 374 -53.12 8.85 -18.79
CA ARG C 374 -54.45 9.42 -18.63
C ARG C 374 -54.94 9.17 -17.22
N ILE C 375 -54.68 7.97 -16.70
CA ILE C 375 -55.08 7.64 -15.34
C ILE C 375 -54.14 8.34 -14.37
N GLY C 376 -52.89 8.53 -14.80
CA GLY C 376 -51.92 9.20 -13.96
C GLY C 376 -52.28 10.65 -13.76
N ALA C 377 -52.71 11.30 -14.84
CA ALA C 377 -53.10 12.70 -14.78
C ALA C 377 -54.32 12.86 -13.89
N ALA C 378 -55.28 11.96 -14.04
CA ALA C 378 -56.51 11.99 -13.25
C ALA C 378 -56.17 11.78 -11.78
N ALA C 379 -55.21 10.88 -11.51
CA ALA C 379 -54.79 10.61 -10.15
C ALA C 379 -54.16 11.86 -9.55
N LEU C 380 -53.30 12.52 -10.32
CA LEU C 380 -52.65 13.73 -9.85
C LEU C 380 -53.71 14.77 -9.48
N LYS C 381 -54.71 14.90 -10.36
CA LYS C 381 -55.81 15.84 -10.15
C LYS C 381 -56.44 15.61 -8.78
N ARG C 382 -56.56 14.34 -8.39
CA ARG C 382 -57.15 13.98 -7.10
C ARG C 382 -56.15 14.01 -5.96
N GLY C 383 -54.88 14.24 -6.29
CA GLY C 383 -53.87 14.30 -5.24
C GLY C 383 -53.10 13.02 -5.00
N LEU C 384 -52.92 12.23 -6.05
CA LEU C 384 -52.17 10.99 -5.94
C LEU C 384 -51.01 10.96 -6.93
N ILE C 385 -49.81 10.77 -6.41
CA ILE C 385 -48.60 10.72 -7.23
C ILE C 385 -48.36 9.27 -7.67
N THR C 386 -48.13 9.08 -8.96
CA THR C 386 -47.84 7.75 -9.51
C THR C 386 -46.50 7.85 -10.25
N TYR C 387 -45.95 6.72 -10.68
CA TYR C 387 -44.66 6.74 -11.36
C TYR C 387 -44.65 7.63 -12.58
N ASP C 399 -49.40 1.67 -20.83
CA ASP C 399 -50.45 0.74 -20.43
C ASP C 399 -50.18 0.12 -19.06
N HIS C 400 -49.07 0.50 -18.44
CA HIS C 400 -48.69 -0.02 -17.13
C HIS C 400 -48.62 1.09 -16.10
N LEU C 401 -49.01 0.76 -14.87
CA LEU C 401 -48.97 1.71 -13.77
C LEU C 401 -48.08 1.11 -12.69
N LEU C 402 -47.02 1.82 -12.32
CA LEU C 402 -46.11 1.34 -11.29
C LEU C 402 -46.41 2.07 -9.98
N LEU C 403 -46.67 1.30 -8.93
CA LEU C 403 -46.96 1.88 -7.63
C LEU C 403 -45.93 1.43 -6.59
N GLY C 404 -45.70 2.29 -5.61
CA GLY C 404 -44.74 1.95 -4.58
C GLY C 404 -44.55 3.13 -3.63
N PRO C 405 -45.43 3.26 -2.63
CA PRO C 405 -45.34 4.34 -1.65
C PRO C 405 -44.20 4.07 -0.66
N PRO C 406 -43.89 5.04 0.21
CA PRO C 406 -42.82 4.87 1.19
C PRO C 406 -43.07 3.65 2.08
N LEU C 407 -42.00 2.95 2.42
CA LEU C 407 -42.07 1.75 3.25
C LEU C 407 -42.65 2.04 4.63
N SER C 408 -42.68 3.33 4.98
CA SER C 408 -43.20 3.79 6.26
C SER C 408 -44.69 4.15 6.22
N ILE C 409 -45.33 3.93 5.07
CA ILE C 409 -46.75 4.24 4.92
C ILE C 409 -47.58 3.44 5.94
N THR C 410 -48.63 4.05 6.47
CA THR C 410 -49.48 3.37 7.45
C THR C 410 -50.62 2.62 6.76
N ALA C 411 -51.27 1.73 7.50
CA ALA C 411 -52.39 0.96 6.95
C ALA C 411 -53.49 1.91 6.48
N ALA C 412 -53.78 2.93 7.28
CA ALA C 412 -54.81 3.89 6.93
C ALA C 412 -54.44 4.62 5.65
N GLU C 413 -53.16 4.96 5.52
CA GLU C 413 -52.69 5.68 4.34
C GLU C 413 -52.75 4.78 3.09
N VAL C 414 -52.57 3.47 3.27
CA VAL C 414 -52.67 2.55 2.14
C VAL C 414 -54.11 2.58 1.64
N ASP C 415 -55.07 2.61 2.56
CA ASP C 415 -56.47 2.64 2.16
C ASP C 415 -56.78 3.96 1.46
N GLY C 416 -56.15 5.05 1.93
CA GLY C 416 -56.38 6.35 1.30
C GLY C 416 -55.85 6.35 -0.12
N LEU C 417 -54.69 5.73 -0.31
CA LEU C 417 -54.08 5.64 -1.63
C LEU C 417 -55.04 4.89 -2.56
N LEU C 418 -55.58 3.78 -2.07
CA LEU C 418 -56.51 2.97 -2.85
C LEU C 418 -57.77 3.76 -3.22
N ALA C 419 -58.27 4.58 -2.29
CA ALA C 419 -59.45 5.39 -2.54
C ALA C 419 -59.17 6.41 -3.63
N LEU C 420 -58.00 7.03 -3.58
CA LEU C 420 -57.63 8.01 -4.58
C LEU C 420 -57.48 7.35 -5.96
N LEU C 421 -56.88 6.17 -5.99
CA LEU C 421 -56.70 5.45 -7.23
C LEU C 421 -58.05 5.06 -7.83
N ALA C 422 -58.97 4.62 -6.98
CA ALA C 422 -60.30 4.23 -7.43
C ALA C 422 -60.98 5.43 -8.08
N GLY C 423 -60.76 6.61 -7.52
CA GLY C 423 -61.35 7.81 -8.08
C GLY C 423 -60.80 8.12 -9.47
N ALA C 424 -59.48 7.96 -9.63
CA ALA C 424 -58.82 8.20 -10.90
C ALA C 424 -59.33 7.22 -11.95
N LEU C 425 -59.46 5.96 -11.56
CA LEU C 425 -59.95 4.93 -12.47
C LEU C 425 -61.38 5.26 -12.88
N GLU C 426 -62.16 5.77 -11.93
CA GLU C 426 -63.54 6.14 -12.18
C GLU C 426 -63.60 7.31 -13.18
N ASP C 427 -62.75 8.29 -13.00
CA ASP C 427 -62.73 9.45 -13.89
C ASP C 427 -62.43 9.07 -15.33
N VAL C 428 -61.41 8.23 -15.52
CA VAL C 428 -61.00 7.80 -16.85
C VAL C 428 -61.86 6.67 -17.43
N LEU C 429 -62.12 5.65 -16.62
CA LEU C 429 -62.91 4.51 -17.08
C LEU C 429 -64.40 4.68 -16.81
N ASN D 3 15.04 4.74 -2.80
CA ASN D 3 15.91 3.66 -3.35
C ASN D 3 15.92 2.44 -2.44
N VAL D 4 14.95 2.35 -1.54
CA VAL D 4 14.90 1.21 -0.63
C VAL D 4 14.20 0.00 -1.25
N PHE D 5 14.80 -1.17 -1.09
CA PHE D 5 14.21 -2.40 -1.60
C PHE D 5 13.27 -2.88 -0.50
N TYR D 6 12.00 -2.51 -0.60
CA TYR D 6 11.03 -2.92 0.42
C TYR D 6 10.78 -4.42 0.36
N ARG D 7 10.32 -4.98 1.47
CA ARG D 7 10.05 -6.41 1.55
C ARG D 7 8.86 -6.84 0.73
N SER D 8 7.93 -5.92 0.51
CA SER D 8 6.72 -6.22 -0.25
C SER D 8 6.09 -4.94 -0.76
N SER D 9 4.97 -5.08 -1.45
CA SER D 9 4.26 -3.94 -2.01
C SER D 9 3.48 -3.16 -0.96
N LYS D 10 3.24 -3.75 0.20
CA LYS D 10 2.48 -3.07 1.25
C LYS D 10 3.22 -1.84 1.77
N PRO D 11 2.51 -0.95 2.49
CA PRO D 11 3.13 0.26 3.04
C PRO D 11 4.10 0.01 4.20
N TYR D 12 5.20 0.75 4.18
CA TYR D 12 6.21 0.65 5.22
C TYR D 12 6.49 2.07 5.70
N PRO D 13 5.71 2.55 6.67
CA PRO D 13 5.89 3.89 7.21
C PRO D 13 7.34 4.12 7.61
N VAL D 14 7.83 5.33 7.37
CA VAL D 14 9.20 5.67 7.71
C VAL D 14 9.32 6.10 9.17
N ALA D 15 9.99 5.27 9.97
CA ALA D 15 10.19 5.59 11.38
C ALA D 15 11.31 6.61 11.51
N VAL D 16 11.18 7.55 12.44
CA VAL D 16 12.19 8.57 12.63
C VAL D 16 12.68 8.69 14.07
N ARG D 17 11.85 8.29 15.02
CA ARG D 17 12.22 8.38 16.43
C ARG D 17 11.64 7.26 17.27
N GLY D 18 12.43 6.83 18.26
CA GLY D 18 11.99 5.79 19.17
C GLY D 18 12.37 6.25 20.55
N GLU D 19 11.40 6.26 21.47
CA GLU D 19 11.66 6.69 22.83
C GLU D 19 10.88 5.83 23.82
N GLY D 20 11.60 5.10 24.66
CA GLY D 20 10.95 4.23 25.62
C GLY D 20 10.25 3.10 24.89
N VAL D 21 8.95 2.96 25.10
CA VAL D 21 8.22 1.90 24.42
C VAL D 21 7.50 2.45 23.20
N PHE D 22 7.79 3.69 22.84
CA PHE D 22 7.13 4.33 21.70
C PHE D 22 7.99 4.60 20.46
N LEU D 23 7.35 4.47 19.30
CA LEU D 23 7.97 4.73 18.01
C LEU D 23 7.16 5.83 17.31
N TYR D 24 7.84 6.67 16.54
CA TYR D 24 7.21 7.78 15.82
C TYR D 24 7.67 7.80 14.36
N ASP D 25 6.74 7.96 13.42
CA ASP D 25 7.11 8.02 12.00
C ASP D 25 7.23 9.46 11.51
N ASP D 26 7.71 9.63 10.28
CA ASP D 26 7.89 10.96 9.70
C ASP D 26 6.58 11.71 9.48
N ALA D 27 5.47 11.03 9.73
CA ALA D 27 4.15 11.61 9.56
C ALA D 27 3.63 12.08 10.92
N GLY D 28 4.46 11.93 11.95
CA GLY D 28 4.09 12.35 13.30
C GLY D 28 3.36 11.33 14.14
N ARG D 29 2.94 10.22 13.53
CA ARG D 29 2.20 9.18 14.24
C ARG D 29 3.02 8.46 15.31
N ARG D 30 2.36 8.08 16.39
CA ARG D 30 3.01 7.37 17.49
C ARG D 30 2.46 5.96 17.63
N TYR D 31 3.33 5.02 17.94
CA TYR D 31 2.94 3.62 18.10
C TYR D 31 3.51 3.06 19.41
N LEU D 32 2.73 2.21 20.08
CA LEU D 32 3.20 1.57 21.31
C LEU D 32 3.81 0.25 20.83
N ASP D 33 5.10 0.06 21.08
CA ASP D 33 5.78 -1.14 20.63
C ASP D 33 5.45 -2.34 21.51
N GLY D 34 4.27 -2.91 21.30
CA GLY D 34 3.80 -4.03 22.08
C GLY D 34 4.54 -5.35 21.95
N SER D 35 5.36 -5.49 20.91
CA SER D 35 6.13 -6.70 20.71
C SER D 35 7.62 -6.42 20.63
N SER D 36 8.02 -5.21 21.04
CA SER D 36 9.43 -4.80 21.02
C SER D 36 10.00 -5.13 19.65
N GLY D 37 9.21 -4.87 18.61
CA GLY D 37 9.63 -5.19 17.26
C GLY D 37 9.31 -6.66 17.07
N ALA D 38 10.33 -7.49 17.22
CA ALA D 38 10.17 -8.94 17.12
C ALA D 38 10.81 -9.47 18.41
N LEU D 39 10.33 -8.94 19.54
CA LEU D 39 10.84 -9.25 20.87
C LEU D 39 12.34 -9.06 20.89
N VAL D 40 12.76 -7.90 20.40
CA VAL D 40 14.15 -7.48 20.30
C VAL D 40 14.52 -6.33 21.23
N ALA D 41 13.76 -5.24 21.16
CA ALA D 41 14.01 -4.03 21.95
C ALA D 41 13.66 -4.18 23.42
N ASN D 42 14.37 -5.09 24.08
CA ASN D 42 14.14 -5.39 25.48
C ASN D 42 14.32 -4.28 26.51
N ILE D 43 15.13 -3.27 26.20
CA ILE D 43 15.33 -2.20 27.18
C ILE D 43 14.77 -0.86 26.76
N GLY D 44 13.90 -0.89 25.75
CA GLY D 44 13.28 0.33 25.26
C GLY D 44 14.13 1.01 24.21
N HIS D 45 13.54 2.00 23.56
CA HIS D 45 14.20 2.76 22.51
C HIS D 45 14.83 4.07 22.96
N GLY D 46 15.89 4.47 22.26
CA GLY D 46 16.56 5.72 22.53
C GLY D 46 17.51 5.81 23.72
N ARG D 47 18.18 4.70 24.05
CA ARG D 47 19.11 4.72 25.19
C ARG D 47 20.42 5.38 24.76
N ALA D 48 20.56 6.65 25.11
CA ALA D 48 21.77 7.40 24.78
C ALA D 48 22.97 6.76 25.45
N GLU D 49 22.73 6.09 26.57
CA GLU D 49 23.79 5.43 27.31
C GLU D 49 24.47 4.38 26.42
N VAL D 50 23.66 3.56 25.77
CA VAL D 50 24.20 2.52 24.90
C VAL D 50 24.90 3.15 23.70
N GLY D 51 24.32 4.22 23.17
CA GLY D 51 24.95 4.90 22.03
C GLY D 51 26.34 5.40 22.39
N GLU D 52 26.47 6.00 23.56
CA GLU D 52 27.77 6.52 23.98
C GLU D 52 28.80 5.40 24.16
N ARG D 53 28.36 4.24 24.62
CA ARG D 53 29.26 3.12 24.81
C ARG D 53 29.74 2.58 23.47
N MET D 54 28.85 2.54 22.49
CA MET D 54 29.20 2.08 21.15
C MET D 54 30.17 3.08 20.52
N ALA D 55 29.91 4.37 20.75
CA ALA D 55 30.77 5.42 20.21
C ALA D 55 32.19 5.31 20.75
N ALA D 56 32.29 5.05 22.06
CA ALA D 56 33.60 4.91 22.69
C ALA D 56 34.35 3.72 22.11
N GLN D 57 33.63 2.64 21.84
CA GLN D 57 34.26 1.45 21.29
C GLN D 57 34.71 1.70 19.86
N ALA D 58 33.88 2.39 19.09
CA ALA D 58 34.22 2.68 17.70
C ALA D 58 35.49 3.52 17.63
N ALA D 59 35.63 4.48 18.54
CA ALA D 59 36.81 5.36 18.57
C ALA D 59 38.05 4.67 19.10
N ARG D 60 37.86 3.62 19.90
CA ARG D 60 38.96 2.89 20.51
C ARG D 60 39.46 1.67 19.72
N LEU D 61 38.53 0.78 19.38
CA LEU D 61 38.84 -0.45 18.63
C LEU D 61 37.53 -0.93 18.04
N PRO D 62 37.21 -0.51 16.80
CA PRO D 62 35.96 -0.92 16.17
C PRO D 62 35.92 -2.34 15.62
N PHE D 63 37.03 -2.81 15.09
CA PHE D 63 37.05 -4.11 14.44
C PHE D 63 38.32 -4.93 14.49
N VAL D 64 38.15 -6.23 14.70
CA VAL D 64 39.24 -7.21 14.65
C VAL D 64 38.53 -8.48 14.17
N HIS D 65 39.21 -9.30 13.39
CA HIS D 65 38.61 -10.53 12.91
C HIS D 65 39.01 -11.62 13.89
N GLY D 66 38.03 -12.42 14.31
CA GLY D 66 38.26 -13.48 15.28
C GLY D 66 39.32 -14.51 15.00
N SER D 67 39.72 -14.67 13.74
CA SER D 67 40.75 -15.65 13.41
C SER D 67 42.13 -15.06 13.73
N GLN D 68 42.17 -13.75 13.97
CA GLN D 68 43.42 -13.04 14.24
C GLN D 68 43.55 -12.51 15.66
N PHE D 69 42.50 -11.91 16.19
CA PHE D 69 42.54 -11.32 17.53
C PHE D 69 41.24 -11.48 18.32
N SER D 70 41.38 -11.46 19.64
CA SER D 70 40.22 -11.46 20.52
C SER D 70 40.27 -9.98 20.88
N SER D 71 39.44 -9.52 21.80
CA SER D 71 39.48 -8.10 22.18
C SER D 71 39.20 -7.99 23.66
N ASP D 72 39.66 -6.90 24.28
CA ASP D 72 39.41 -6.76 25.70
C ASP D 72 37.92 -6.63 26.01
N VAL D 73 37.17 -5.96 25.14
CA VAL D 73 35.74 -5.82 25.40
C VAL D 73 35.02 -7.16 25.30
N LEU D 74 35.46 -8.04 24.40
CA LEU D 74 34.82 -9.35 24.28
C LEU D 74 35.18 -10.20 25.49
N GLU D 75 36.44 -10.14 25.93
CA GLU D 75 36.86 -10.90 27.11
C GLU D 75 36.02 -10.45 28.32
N GLU D 76 35.83 -9.13 28.44
CA GLU D 76 35.06 -8.57 29.55
C GLU D 76 33.60 -9.01 29.47
N TYR D 77 32.99 -8.78 28.30
CA TYR D 77 31.60 -9.15 28.09
C TYR D 77 31.32 -10.63 28.28
N ALA D 78 32.20 -11.48 27.76
CA ALA D 78 32.01 -12.92 27.89
C ALA D 78 31.82 -13.34 29.34
N GLY D 79 32.69 -12.81 30.21
CA GLY D 79 32.59 -13.15 31.63
C GLY D 79 31.34 -12.58 32.28
N ARG D 80 31.04 -11.31 31.99
CA ARG D 80 29.87 -10.63 32.54
C ARG D 80 28.56 -11.32 32.14
N LEU D 81 28.46 -11.69 30.88
CA LEU D 81 27.25 -12.36 30.36
C LEU D 81 27.08 -13.73 31.00
N ALA D 82 28.15 -14.52 31.00
CA ALA D 82 28.13 -15.85 31.57
C ALA D 82 27.63 -15.79 33.00
N ARG D 83 28.14 -14.84 33.77
CA ARG D 83 27.72 -14.70 35.17
C ARG D 83 26.26 -14.29 35.30
N PHE D 84 25.83 -13.32 34.50
CA PHE D 84 24.44 -12.87 34.57
C PHE D 84 23.43 -13.98 34.33
N VAL D 85 23.68 -14.83 33.34
CA VAL D 85 22.73 -15.89 33.01
C VAL D 85 22.80 -17.14 33.88
N GLY D 86 23.72 -17.15 34.84
CA GLY D 86 23.84 -18.30 35.71
C GLY D 86 24.67 -19.43 35.15
N LEU D 87 25.50 -19.14 34.14
CA LEU D 87 26.39 -20.12 33.52
C LEU D 87 27.78 -19.47 33.53
N PRO D 88 28.24 -19.03 34.71
CA PRO D 88 29.53 -18.37 34.91
C PRO D 88 30.80 -18.96 34.33
N THR D 89 30.87 -20.28 34.19
CA THR D 89 32.07 -20.89 33.64
C THR D 89 31.97 -21.23 32.15
N PHE D 90 30.81 -20.99 31.56
CA PHE D 90 30.60 -21.30 30.14
C PHE D 90 31.36 -20.40 29.18
N ARG D 91 31.61 -20.93 27.99
CA ARG D 91 32.36 -20.22 26.95
C ARG D 91 31.43 -19.57 25.94
N PHE D 92 31.61 -18.27 25.75
CA PHE D 92 30.78 -17.49 24.84
C PHE D 92 31.30 -17.39 23.41
N TRP D 93 30.46 -17.83 22.47
CA TRP D 93 30.77 -17.81 21.05
C TRP D 93 29.85 -16.73 20.46
N ALA D 94 30.44 -15.58 20.12
CA ALA D 94 29.67 -14.46 19.60
C ALA D 94 29.51 -14.44 18.09
N VAL D 95 28.29 -14.19 17.64
CA VAL D 95 27.97 -14.08 16.22
C VAL D 95 27.09 -12.85 16.02
N SER D 96 26.55 -12.64 14.83
CA SER D 96 25.75 -11.43 14.61
C SER D 96 24.23 -11.57 14.54
N GLY D 97 23.73 -12.80 14.50
CA GLY D 97 22.30 -13.01 14.42
C GLY D 97 21.85 -14.35 14.97
N GLY D 98 20.56 -14.44 15.31
CA GLY D 98 20.00 -15.66 15.85
C GLY D 98 20.24 -16.91 15.02
N SER D 99 20.02 -16.79 13.71
CA SER D 99 20.22 -17.94 12.82
C SER D 99 21.66 -18.44 12.86
N GLU D 100 22.61 -17.51 12.91
CA GLU D 100 24.01 -17.89 12.97
C GLU D 100 24.29 -18.58 14.29
N ALA D 101 23.61 -18.14 15.35
CA ALA D 101 23.81 -18.72 16.67
C ALA D 101 23.27 -20.15 16.73
N THR D 102 22.07 -20.37 16.22
CA THR D 102 21.49 -21.70 16.25
C THR D 102 22.30 -22.64 15.35
N GLU D 103 22.72 -22.14 14.20
CA GLU D 103 23.55 -22.92 13.28
C GLU D 103 24.83 -23.36 13.98
N SER D 104 25.45 -22.43 14.71
CA SER D 104 26.68 -22.72 15.43
C SER D 104 26.47 -23.77 16.51
N ALA D 105 25.33 -23.68 17.19
CA ALA D 105 25.01 -24.61 18.27
C ALA D 105 24.88 -26.04 17.73
N VAL D 106 24.19 -26.19 16.60
CA VAL D 106 24.02 -27.51 16.00
C VAL D 106 25.36 -28.06 15.52
N LYS D 107 26.17 -27.21 14.87
CA LYS D 107 27.46 -27.67 14.40
C LYS D 107 28.34 -28.07 15.57
N LEU D 108 28.26 -27.31 16.67
CA LEU D 108 29.06 -27.60 17.84
C LEU D 108 28.67 -28.93 18.48
N ALA D 109 27.38 -29.19 18.58
CA ALA D 109 26.89 -30.43 19.18
C ALA D 109 27.34 -31.63 18.37
N ARG D 110 27.28 -31.51 17.05
CA ARG D 110 27.70 -32.59 16.17
C ARG D 110 29.20 -32.82 16.24
N GLN D 111 29.96 -31.72 16.23
CA GLN D 111 31.40 -31.85 16.30
C GLN D 111 31.86 -32.45 17.63
N TYR D 112 31.11 -32.18 18.69
CA TYR D 112 31.42 -32.70 20.03
C TYR D 112 31.57 -34.22 19.99
N HIS D 113 30.63 -34.89 19.33
CA HIS D 113 30.65 -36.34 19.24
C HIS D 113 31.73 -36.85 18.31
N VAL D 114 31.98 -36.12 17.23
CA VAL D 114 33.02 -36.52 16.29
C VAL D 114 34.37 -36.50 17.01
N GLU D 115 34.57 -35.52 17.88
CA GLU D 115 35.81 -35.40 18.63
C GLU D 115 35.96 -36.59 19.59
N ARG D 116 34.82 -37.10 20.07
CA ARG D 116 34.81 -38.22 21.00
C ARG D 116 34.78 -39.58 20.30
N GLY D 117 34.94 -39.56 18.99
CA GLY D 117 34.94 -40.79 18.22
C GLY D 117 33.58 -41.42 17.98
N GLU D 118 32.53 -40.61 18.00
CA GLU D 118 31.18 -41.11 17.76
C GLU D 118 30.50 -40.32 16.64
N PRO D 119 31.03 -40.45 15.40
CA PRO D 119 30.53 -39.77 14.20
C PRO D 119 29.08 -40.12 13.87
N GLY D 120 28.62 -41.25 14.39
CA GLY D 120 27.26 -41.69 14.14
C GLY D 120 26.19 -40.84 14.79
N ARG D 121 26.57 -40.07 15.80
CA ARG D 121 25.61 -39.19 16.49
C ARG D 121 25.45 -37.93 15.67
N PHE D 122 24.49 -37.94 14.75
CA PHE D 122 24.27 -36.79 13.87
C PHE D 122 22.87 -36.20 13.96
N LYS D 123 21.93 -36.95 14.52
CA LYS D 123 20.55 -36.46 14.62
C LYS D 123 20.36 -35.38 15.67
N VAL D 124 19.56 -34.38 15.32
CA VAL D 124 19.25 -33.30 16.25
C VAL D 124 17.75 -33.30 16.46
N ILE D 125 17.33 -33.68 17.66
CA ILE D 125 15.92 -33.72 17.98
C ILE D 125 15.42 -32.32 18.30
N THR D 126 14.31 -31.92 17.66
CA THR D 126 13.68 -30.64 17.94
C THR D 126 12.24 -30.95 18.28
N ARG D 127 11.49 -29.94 18.72
CA ARG D 127 10.11 -30.15 19.15
C ARG D 127 9.08 -29.35 18.36
N VAL D 128 8.01 -30.02 17.94
CA VAL D 128 6.94 -29.35 17.20
C VAL D 128 6.35 -28.24 18.09
N PRO D 129 6.05 -27.06 17.52
CA PRO D 129 6.20 -26.64 16.13
C PRO D 129 7.39 -25.72 15.95
N SER D 130 8.32 -25.76 16.90
CA SER D 130 9.53 -24.93 16.85
C SER D 130 10.40 -25.40 15.69
N ARG D 156 17.40 -33.94 4.42
CA ARG D 156 17.65 -35.07 5.31
C ARG D 156 16.72 -35.06 6.52
N PRO D 157 15.43 -35.33 6.28
CA PRO D 157 14.41 -35.35 7.33
C PRO D 157 14.71 -36.31 8.48
N GLU D 158 15.33 -37.45 8.17
CA GLU D 158 15.66 -38.44 9.21
C GLU D 158 16.64 -37.90 10.23
N ALA D 159 17.43 -36.90 9.83
CA ALA D 159 18.41 -36.30 10.72
C ALA D 159 17.77 -35.33 11.72
N TRP D 160 16.49 -35.05 11.51
CA TRP D 160 15.78 -34.12 12.39
C TRP D 160 14.49 -34.67 12.96
N PRO D 161 14.60 -35.63 13.90
CA PRO D 161 13.42 -36.22 14.53
C PRO D 161 12.65 -35.18 15.33
N LYS D 162 11.33 -35.33 15.41
CA LYS D 162 10.49 -34.37 16.11
C LYS D 162 9.78 -34.91 17.35
N LEU D 163 9.87 -34.16 18.44
CA LEU D 163 9.19 -34.52 19.68
C LEU D 163 7.87 -33.77 19.63
N PRO D 164 6.77 -34.38 20.12
CA PRO D 164 5.47 -33.71 20.10
C PRO D 164 5.49 -32.40 20.88
N LYS D 165 4.64 -31.46 20.52
CA LYS D 165 4.62 -30.18 21.23
C LYS D 165 4.24 -30.41 22.69
N PRO D 166 4.72 -29.52 23.58
CA PRO D 166 4.42 -29.65 25.01
C PRO D 166 2.92 -29.58 25.28
N ASP D 167 2.50 -30.22 26.35
CA ASP D 167 1.10 -30.22 26.77
C ASP D 167 1.08 -29.79 28.23
N PRO D 168 0.83 -28.49 28.49
CA PRO D 168 0.79 -27.94 29.85
C PRO D 168 -0.24 -28.65 30.72
N ALA D 169 -1.24 -29.24 30.08
CA ALA D 169 -2.30 -29.95 30.78
C ALA D 169 -1.77 -31.20 31.46
N ARG D 170 -0.80 -31.84 30.82
CA ARG D 170 -0.20 -33.06 31.36
C ARG D 170 0.90 -32.76 32.37
N ASN D 171 1.30 -33.79 33.11
CA ASN D 171 2.35 -33.64 34.10
C ASN D 171 3.66 -33.29 33.37
N GLY D 172 4.41 -32.35 33.92
CA GLY D 172 5.66 -31.93 33.30
C GLY D 172 6.63 -33.06 33.02
N ALA D 173 6.90 -33.89 34.02
CA ALA D 173 7.82 -35.01 33.87
C ALA D 173 7.22 -36.03 32.92
N GLU D 174 5.93 -36.31 33.10
CA GLU D 174 5.20 -37.26 32.27
C GLU D 174 5.34 -36.85 30.81
N ASP D 175 5.09 -35.58 30.56
CA ASP D 175 5.15 -35.02 29.22
C ASP D 175 6.55 -35.12 28.61
N ALA D 176 7.58 -34.81 29.41
CA ALA D 176 8.96 -34.85 28.94
C ALA D 176 9.47 -36.27 28.69
N GLU D 177 8.92 -37.24 29.40
CA GLU D 177 9.33 -38.64 29.25
C GLU D 177 9.26 -39.07 27.79
N GLY D 178 8.45 -38.37 27.00
CA GLY D 178 8.32 -38.70 25.59
C GLY D 178 9.66 -38.61 24.86
N LEU D 179 10.58 -37.81 25.40
CA LEU D 179 11.89 -37.66 24.78
C LEU D 179 12.69 -38.96 24.89
N ARG D 180 12.55 -39.66 26.00
CA ARG D 180 13.26 -40.91 26.21
C ARG D 180 12.75 -41.96 25.23
N ALA D 181 11.43 -42.03 25.08
CA ALA D 181 10.81 -42.99 24.18
C ALA D 181 11.30 -42.76 22.74
N LEU D 182 11.40 -41.48 22.37
CA LEU D 182 11.86 -41.12 21.03
C LEU D 182 13.31 -41.52 20.83
N LEU D 183 14.14 -41.31 21.85
CA LEU D 183 15.55 -41.68 21.78
C LEU D 183 15.72 -43.18 21.55
N GLU D 184 14.94 -43.97 22.27
CA GLU D 184 15.01 -45.43 22.14
C GLU D 184 14.58 -45.85 20.75
N ARG D 185 13.60 -45.13 20.20
CA ARG D 185 13.08 -45.41 18.87
C ARG D 185 14.11 -45.05 17.80
N GLU D 186 14.80 -43.93 18.00
CA GLU D 186 15.80 -43.45 17.05
C GLU D 186 17.14 -44.14 17.22
N GLY D 187 17.44 -44.55 18.45
CA GLY D 187 18.71 -45.18 18.74
C GLY D 187 19.61 -44.07 19.25
N PRO D 188 19.72 -43.90 20.58
CA PRO D 188 20.55 -42.84 21.15
C PRO D 188 21.95 -42.71 20.55
N GLU D 189 22.50 -43.81 20.04
CA GLU D 189 23.83 -43.75 19.45
C GLU D 189 23.85 -43.06 18.08
N THR D 190 22.70 -42.60 17.63
CA THR D 190 22.60 -41.90 16.36
C THR D 190 22.17 -40.46 16.60
N VAL D 191 21.99 -40.11 17.88
CA VAL D 191 21.55 -38.77 18.24
C VAL D 191 22.66 -37.93 18.88
N ALA D 192 22.79 -36.71 18.39
CA ALA D 192 23.78 -35.78 18.89
C ALA D 192 23.20 -34.79 19.90
N ALA D 193 21.95 -34.40 19.71
CA ALA D 193 21.38 -33.42 20.62
C ALA D 193 19.87 -33.27 20.57
N PHE D 194 19.37 -32.53 21.56
CA PHE D 194 17.96 -32.20 21.70
C PHE D 194 17.99 -30.68 21.84
N MET D 195 17.30 -29.98 20.95
CA MET D 195 17.26 -28.52 21.01
C MET D 195 15.82 -28.09 21.21
N ALA D 196 15.61 -27.11 22.09
CA ALA D 196 14.26 -26.63 22.35
C ALA D 196 14.23 -25.22 22.92
N GLU D 197 13.13 -24.52 22.66
CA GLU D 197 12.92 -23.19 23.20
C GLU D 197 12.27 -23.49 24.55
N PRO D 198 12.85 -23.04 25.67
CA PRO D 198 12.24 -23.33 26.98
C PRO D 198 10.75 -22.98 26.96
N VAL D 199 10.46 -21.77 26.49
CA VAL D 199 9.11 -21.26 26.32
C VAL D 199 9.05 -20.99 24.82
N VAL D 200 8.05 -21.53 24.13
CA VAL D 200 7.93 -21.37 22.69
C VAL D 200 7.61 -19.96 22.22
N GLY D 201 8.16 -19.60 21.07
CA GLY D 201 7.94 -18.27 20.50
C GLY D 201 6.75 -18.19 19.56
N ALA D 202 6.95 -17.55 18.41
CA ALA D 202 5.89 -17.35 17.43
C ALA D 202 5.16 -18.59 16.93
N SER D 203 5.86 -19.71 16.77
CA SER D 203 5.25 -20.93 16.27
C SER D 203 4.03 -21.37 17.08
N ASP D 204 4.02 -21.03 18.37
CA ASP D 204 2.91 -21.36 19.26
C ASP D 204 3.07 -20.43 20.47
N ALA D 205 2.69 -19.19 20.23
CA ALA D 205 2.77 -18.09 21.20
C ALA D 205 2.85 -18.41 22.68
N ALA D 206 4.06 -18.28 23.22
CA ALA D 206 4.33 -18.49 24.65
C ALA D 206 3.92 -19.83 25.24
N LEU D 207 3.90 -20.88 24.42
CA LEU D 207 3.55 -22.20 24.93
C LEU D 207 4.66 -22.64 25.88
N ALA D 208 4.29 -22.99 27.11
CA ALA D 208 5.27 -23.40 28.11
C ALA D 208 4.88 -24.73 28.76
N PRO D 209 5.87 -25.64 28.89
CA PRO D 209 5.67 -26.95 29.50
C PRO D 209 5.32 -26.80 30.98
N ALA D 210 4.73 -27.84 31.56
CA ALA D 210 4.36 -27.80 32.98
C ALA D 210 5.62 -27.96 33.82
N PRO D 211 5.55 -27.64 35.12
CA PRO D 211 6.76 -27.79 35.93
C PRO D 211 7.21 -29.25 35.93
N GLY D 212 8.52 -29.46 36.08
CA GLY D 212 9.08 -30.80 36.09
C GLY D 212 9.56 -31.27 34.72
N TYR D 213 9.11 -30.57 33.67
CA TYR D 213 9.46 -30.92 32.30
C TYR D 213 10.95 -30.90 31.98
N TYR D 214 11.59 -29.74 32.15
CA TYR D 214 13.01 -29.65 31.83
C TYR D 214 13.92 -30.37 32.81
N GLU D 215 13.43 -30.60 34.02
CA GLU D 215 14.25 -31.33 34.99
C GLU D 215 14.37 -32.75 34.44
N ARG D 216 13.28 -33.30 33.91
CA ARG D 216 13.29 -34.63 33.34
C ARG D 216 14.12 -34.65 32.06
N VAL D 217 13.98 -33.61 31.24
CA VAL D 217 14.73 -33.53 29.99
C VAL D 217 16.23 -33.59 30.27
N ARG D 218 16.67 -32.83 31.27
CA ARG D 218 18.07 -32.78 31.66
C ARG D 218 18.59 -34.18 32.00
N ASP D 219 17.84 -34.92 32.82
CA ASP D 219 18.26 -36.27 33.19
C ASP D 219 18.28 -37.20 31.99
N ILE D 220 17.27 -37.10 31.12
CA ILE D 220 17.20 -37.95 29.94
C ILE D 220 18.40 -37.72 29.02
N CYS D 221 18.75 -36.45 28.83
CA CYS D 221 19.90 -36.13 27.97
C CYS D 221 21.20 -36.64 28.58
N ASP D 222 21.37 -36.44 29.89
CA ASP D 222 22.58 -36.90 30.57
C ASP D 222 22.72 -38.40 30.41
N GLU D 223 21.64 -39.12 30.65
CA GLU D 223 21.64 -40.58 30.54
C GLU D 223 21.91 -41.05 29.12
N ALA D 224 21.39 -40.30 28.15
CA ALA D 224 21.57 -40.65 26.74
C ALA D 224 22.94 -40.19 26.23
N GLY D 225 23.54 -39.26 26.97
CA GLY D 225 24.84 -38.75 26.58
C GLY D 225 24.73 -37.80 25.40
N ILE D 226 23.57 -37.18 25.26
CA ILE D 226 23.35 -36.23 24.16
C ILE D 226 23.42 -34.81 24.68
N ILE D 227 23.68 -33.87 23.78
CA ILE D 227 23.81 -32.46 24.10
C ILE D 227 22.44 -31.78 24.21
N PHE D 228 22.19 -31.12 25.34
CA PHE D 228 20.93 -30.42 25.54
C PHE D 228 21.14 -28.95 25.13
N ILE D 229 20.43 -28.53 24.10
CA ILE D 229 20.55 -27.16 23.59
C ILE D 229 19.29 -26.35 23.90
N ALA D 230 19.48 -25.25 24.63
CA ALA D 230 18.35 -24.38 24.96
C ALA D 230 18.40 -23.17 24.04
N ASP D 231 17.39 -23.04 23.20
CA ASP D 231 17.29 -21.91 22.28
C ASP D 231 16.60 -20.80 23.05
N GLU D 232 17.39 -19.87 23.58
CA GLU D 232 16.86 -18.76 24.35
C GLU D 232 17.00 -17.46 23.58
N VAL D 233 17.06 -17.56 22.25
CA VAL D 233 17.19 -16.38 21.41
C VAL D 233 16.11 -15.37 21.70
N MET D 234 14.88 -15.85 21.93
CA MET D 234 13.77 -14.95 22.24
C MET D 234 13.43 -14.94 23.73
N SER D 235 13.52 -16.11 24.37
CA SER D 235 13.19 -16.26 25.78
C SER D 235 14.23 -15.82 26.81
N GLY D 236 15.47 -15.62 26.38
CA GLY D 236 16.52 -15.24 27.31
C GLY D 236 16.66 -13.78 27.66
N MET D 237 17.69 -13.49 28.46
CA MET D 237 18.05 -12.15 28.91
C MET D 237 16.98 -11.39 29.70
N GLY D 238 16.24 -12.10 30.54
CA GLY D 238 15.22 -11.48 31.37
C GLY D 238 13.83 -11.45 30.79
N ARG D 239 13.70 -11.76 29.50
CA ARG D 239 12.41 -11.76 28.81
C ARG D 239 11.31 -12.49 29.57
N CYS D 240 11.64 -13.66 30.10
CA CYS D 240 10.65 -14.46 30.82
C CYS D 240 10.75 -14.38 32.35
N GLY D 241 11.25 -13.26 32.85
CA GLY D 241 11.36 -13.09 34.30
C GLY D 241 12.44 -13.91 34.95
N SER D 242 13.45 -14.26 34.15
CA SER D 242 14.60 -15.03 34.62
C SER D 242 15.73 -14.72 33.64
N PRO D 243 17.00 -14.73 34.11
CA PRO D 243 18.11 -14.44 33.18
C PRO D 243 17.99 -15.32 31.94
N LEU D 244 17.69 -16.60 32.17
CA LEU D 244 17.46 -17.58 31.11
C LEU D 244 16.16 -18.25 31.51
N ALA D 245 15.22 -18.40 30.58
CA ALA D 245 13.94 -19.01 30.91
C ALA D 245 14.04 -20.44 31.46
N LEU D 246 15.01 -21.20 30.95
CA LEU D 246 15.18 -22.59 31.38
C LEU D 246 15.41 -22.70 32.89
N SER D 247 16.05 -21.70 33.47
CA SER D 247 16.36 -21.67 34.90
C SER D 247 15.12 -21.69 35.80
N ARG D 248 13.98 -21.29 35.24
CA ARG D 248 12.74 -21.28 36.01
C ARG D 248 12.36 -22.69 36.42
N TRP D 249 12.91 -23.69 35.72
CA TRP D 249 12.66 -25.09 36.02
C TRP D 249 13.77 -25.65 36.91
N SER D 250 13.67 -25.38 38.21
CA SER D 250 14.64 -25.87 39.19
C SER D 250 16.11 -25.57 38.87
N GLY D 251 16.37 -24.40 38.30
CA GLY D 251 17.74 -24.03 37.98
C GLY D 251 18.47 -24.92 36.98
N VAL D 252 17.71 -25.69 36.20
CA VAL D 252 18.31 -26.56 35.19
C VAL D 252 19.20 -25.76 34.25
N THR D 253 20.34 -26.35 33.88
CA THR D 253 21.28 -25.71 32.97
C THR D 253 21.49 -26.60 31.77
N PRO D 254 21.61 -26.01 30.57
CA PRO D 254 21.83 -26.79 29.35
C PRO D 254 23.31 -26.98 29.09
N ASP D 255 23.63 -27.71 28.03
CA ASP D 255 25.02 -27.91 27.66
C ASP D 255 25.42 -26.76 26.74
N ILE D 256 24.42 -26.23 26.04
CA ILE D 256 24.62 -25.09 25.14
C ILE D 256 23.38 -24.20 25.25
N ALA D 257 23.58 -22.91 25.52
CA ALA D 257 22.46 -21.97 25.58
C ALA D 257 22.65 -21.01 24.42
N VAL D 258 21.63 -20.86 23.59
CA VAL D 258 21.70 -19.97 22.44
C VAL D 258 21.02 -18.66 22.79
N LEU D 259 21.69 -17.56 22.47
CA LEU D 259 21.19 -16.22 22.78
C LEU D 259 21.15 -15.31 21.55
N GLY D 260 20.35 -14.24 21.65
CA GLY D 260 20.22 -13.29 20.57
C GLY D 260 19.18 -12.24 20.93
N LYS D 261 18.74 -11.47 19.94
CA LYS D 261 17.73 -10.44 20.14
C LYS D 261 17.96 -9.54 21.34
N GLY D 262 17.45 -9.94 22.51
CA GLY D 262 17.61 -9.14 23.71
C GLY D 262 19.05 -8.94 24.15
N LEU D 263 19.96 -9.68 23.54
CA LEU D 263 21.39 -9.58 23.89
C LEU D 263 21.85 -8.13 23.80
N ALA D 264 21.69 -7.53 22.62
CA ALA D 264 22.06 -6.13 22.44
C ALA D 264 20.79 -5.30 22.35
N ALA D 265 19.65 -5.97 22.55
CA ALA D 265 18.33 -5.35 22.56
C ALA D 265 18.03 -4.35 21.45
N GLY D 266 18.45 -4.67 20.23
CA GLY D 266 18.18 -3.79 19.11
C GLY D 266 19.19 -2.69 18.87
N TYR D 267 20.24 -2.62 19.69
CA TYR D 267 21.26 -1.59 19.50
C TYR D 267 22.38 -2.01 18.56
N ALA D 268 22.53 -3.33 18.38
CA ALA D 268 23.55 -3.87 17.49
C ALA D 268 23.19 -5.32 17.12
N PRO D 269 23.63 -5.79 15.95
CA PRO D 269 23.32 -7.17 15.56
C PRO D 269 24.26 -8.06 16.37
N LEU D 270 23.73 -8.64 17.44
CA LEU D 270 24.52 -9.48 18.31
C LEU D 270 23.75 -10.71 18.78
N ALA D 271 24.41 -11.85 18.71
CA ALA D 271 23.83 -13.11 19.16
C ALA D 271 24.99 -14.01 19.56
N GLY D 272 24.70 -15.23 20.00
CA GLY D 272 25.78 -16.11 20.36
C GLY D 272 25.30 -17.31 21.14
N LEU D 273 26.26 -18.06 21.67
CA LEU D 273 25.94 -19.24 22.46
C LEU D 273 26.94 -19.36 23.59
N LEU D 274 26.51 -20.02 24.66
CA LEU D 274 27.37 -20.26 25.81
C LEU D 274 27.47 -21.78 25.88
N ALA D 275 28.68 -22.30 25.83
CA ALA D 275 28.89 -23.74 25.87
C ALA D 275 29.56 -24.17 27.17
N ALA D 276 29.12 -25.28 27.72
CA ALA D 276 29.69 -25.80 28.94
C ALA D 276 31.18 -26.11 28.72
N PRO D 277 32.02 -25.93 29.75
CA PRO D 277 33.45 -26.19 29.64
C PRO D 277 33.74 -27.56 29.01
N GLN D 278 32.94 -28.55 29.37
CA GLN D 278 33.07 -29.91 28.85
C GLN D 278 33.03 -29.90 27.33
N VAL D 279 32.05 -29.18 26.78
CA VAL D 279 31.89 -29.09 25.35
C VAL D 279 33.03 -28.32 24.68
N TYR D 280 33.38 -27.16 25.24
CA TYR D 280 34.46 -26.35 24.70
C TYR D 280 35.80 -27.08 24.71
N GLU D 281 36.16 -27.66 25.85
CA GLU D 281 37.43 -28.38 25.97
C GLU D 281 37.53 -29.60 25.07
N THR D 282 36.40 -30.22 24.78
CA THR D 282 36.38 -31.41 23.93
C THR D 282 36.78 -31.04 22.50
N VAL D 283 36.27 -29.91 22.00
CA VAL D 283 36.62 -29.48 20.66
C VAL D 283 38.04 -28.93 20.61
N MET D 284 38.41 -28.14 21.62
CA MET D 284 39.74 -27.55 21.68
C MET D 284 40.81 -28.61 21.89
N GLY D 285 40.51 -29.60 22.73
CA GLY D 285 41.46 -30.66 23.00
C GLY D 285 41.59 -31.67 21.89
N GLY D 286 40.62 -31.70 20.99
CA GLY D 286 40.67 -32.64 19.88
C GLY D 286 41.33 -32.01 18.69
N SER D 287 40.54 -31.75 17.64
CA SER D 287 41.04 -31.14 16.42
C SER D 287 41.60 -29.76 16.75
N GLY D 288 41.06 -29.14 17.81
CA GLY D 288 41.52 -27.83 18.22
C GLY D 288 41.03 -26.68 17.36
N ALA D 289 39.94 -26.91 16.63
CA ALA D 289 39.36 -25.88 15.77
C ALA D 289 37.85 -26.04 15.69
N PHE D 290 37.14 -24.91 15.61
CA PHE D 290 35.67 -24.94 15.53
C PHE D 290 35.11 -24.42 14.21
N MET D 291 34.91 -23.11 14.09
CA MET D 291 34.37 -22.53 12.86
C MET D 291 35.25 -21.43 12.30
N HIS D 292 35.20 -21.23 10.98
CA HIS D 292 36.03 -20.22 10.32
C HIS D 292 35.23 -19.08 9.68
N GLY D 293 33.92 -19.24 9.59
CA GLY D 293 33.10 -18.20 8.97
C GLY D 293 32.66 -17.11 9.92
N PHE D 294 31.77 -16.24 9.44
CA PHE D 294 31.23 -15.14 10.23
C PHE D 294 32.22 -14.00 10.42
N THR D 295 32.33 -13.15 9.41
CA THR D 295 33.23 -12.02 9.43
C THR D 295 33.09 -11.12 10.67
N TYR D 296 31.87 -10.77 11.01
CA TYR D 296 31.62 -9.90 12.16
C TYR D 296 31.45 -10.59 13.51
N ALA D 297 31.80 -11.88 13.57
CA ALA D 297 31.70 -12.60 14.84
C ALA D 297 32.66 -11.96 15.86
N GLY D 298 32.14 -11.57 17.02
CA GLY D 298 32.98 -10.95 18.04
C GLY D 298 33.19 -9.46 17.83
N HIS D 299 32.51 -8.92 16.83
CA HIS D 299 32.60 -7.50 16.49
C HIS D 299 32.64 -6.62 17.75
N PRO D 300 33.78 -5.97 18.02
CA PRO D 300 33.93 -5.12 19.20
C PRO D 300 32.81 -4.11 19.46
N VAL D 301 32.41 -3.34 18.46
CA VAL D 301 31.36 -2.35 18.68
C VAL D 301 30.03 -2.97 19.08
N SER D 302 29.65 -4.07 18.44
CA SER D 302 28.41 -4.75 18.76
C SER D 302 28.49 -5.38 20.14
N VAL D 303 29.67 -5.93 20.45
CA VAL D 303 29.88 -6.55 21.75
C VAL D 303 29.78 -5.47 22.85
N ALA D 304 30.30 -4.28 22.56
CA ALA D 304 30.24 -3.17 23.52
C ALA D 304 28.79 -2.78 23.78
N ALA D 305 27.95 -2.89 22.75
CA ALA D 305 26.53 -2.56 22.90
C ALA D 305 25.93 -3.61 23.84
N GLY D 306 26.31 -4.87 23.63
CA GLY D 306 25.79 -5.93 24.47
C GLY D 306 26.18 -5.70 25.92
N LEU D 307 27.43 -5.28 26.14
CA LEU D 307 27.91 -5.03 27.50
C LEU D 307 27.14 -3.90 28.16
N SER D 308 26.86 -2.83 27.41
CA SER D 308 26.11 -1.69 27.93
C SER D 308 24.66 -2.08 28.23
N VAL D 309 24.05 -2.84 27.32
CA VAL D 309 22.68 -3.29 27.53
C VAL D 309 22.66 -4.17 28.78
N LEU D 310 23.71 -4.98 28.97
CA LEU D 310 23.78 -5.84 30.14
C LEU D 310 23.86 -5.00 31.42
N ASP D 311 24.65 -3.94 31.39
CA ASP D 311 24.78 -3.06 32.56
C ASP D 311 23.40 -2.54 32.96
N ILE D 312 22.62 -2.15 31.96
CA ILE D 312 21.28 -1.62 32.19
C ILE D 312 20.32 -2.68 32.70
N VAL D 313 20.34 -3.86 32.08
CA VAL D 313 19.46 -4.93 32.50
C VAL D 313 19.67 -5.29 33.97
N GLU D 314 20.93 -5.28 34.40
CA GLU D 314 21.24 -5.61 35.79
C GLU D 314 20.93 -4.44 36.73
N ARG D 315 21.31 -3.24 36.34
CA ARG D 315 21.07 -2.06 37.17
C ARG D 315 19.60 -1.78 37.45
N GLU D 316 18.77 -1.86 36.41
CA GLU D 316 17.34 -1.60 36.55
C GLU D 316 16.54 -2.86 36.89
N ASP D 317 17.24 -3.97 37.11
CA ASP D 317 16.62 -5.25 37.43
C ASP D 317 15.44 -5.54 36.52
N LEU D 318 15.69 -5.49 35.21
CA LEU D 318 14.62 -5.72 34.24
C LEU D 318 14.11 -7.15 34.28
N THR D 319 14.89 -8.06 34.84
CA THR D 319 14.45 -9.44 34.97
C THR D 319 13.30 -9.43 35.99
N GLY D 320 13.47 -8.65 37.06
CA GLY D 320 12.43 -8.57 38.06
C GLY D 320 11.25 -7.78 37.51
N ALA D 321 11.53 -6.77 36.71
CA ALA D 321 10.49 -5.95 36.12
C ALA D 321 9.62 -6.81 35.21
N ALA D 322 10.25 -7.71 34.46
CA ALA D 322 9.51 -8.58 33.56
C ALA D 322 8.51 -9.44 34.33
N LYS D 323 8.90 -9.88 35.51
CA LYS D 323 8.01 -10.68 36.34
C LYS D 323 6.78 -9.87 36.72
N GLU D 324 7.02 -8.67 37.22
CA GLU D 324 5.94 -7.80 37.68
C GLU D 324 5.03 -7.29 36.56
N ARG D 325 5.63 -6.70 35.53
CA ARG D 325 4.84 -6.18 34.42
C ARG D 325 4.17 -7.34 33.66
N GLY D 326 4.82 -8.49 33.67
CA GLY D 326 4.29 -9.67 33.00
C GLY D 326 3.05 -10.20 33.69
N ALA D 327 3.04 -10.17 35.01
CA ALA D 327 1.89 -10.63 35.77
C ALA D 327 0.73 -9.68 35.52
N GLN D 328 1.03 -8.39 35.47
CA GLN D 328 0.02 -7.37 35.22
C GLN D 328 -0.61 -7.54 33.83
N LEU D 329 0.23 -7.74 32.83
CA LEU D 329 -0.26 -7.90 31.47
C LEU D 329 -1.06 -9.19 31.32
N LEU D 330 -0.61 -10.27 31.97
CA LEU D 330 -1.31 -11.54 31.88
C LEU D 330 -2.70 -11.43 32.51
N ALA D 331 -2.75 -10.78 33.68
CA ALA D 331 -4.03 -10.60 34.36
C ALA D 331 -4.95 -9.80 33.45
N GLY D 332 -4.38 -8.84 32.74
CA GLY D 332 -5.18 -8.03 31.82
C GLY D 332 -5.73 -8.84 30.67
N LEU D 333 -4.94 -9.78 30.16
CA LEU D 333 -5.38 -10.62 29.05
C LEU D 333 -6.47 -11.59 29.51
N GLN D 334 -6.35 -12.07 30.75
CA GLN D 334 -7.33 -13.01 31.27
C GLN D 334 -8.66 -12.31 31.47
N ALA D 335 -8.61 -11.04 31.88
CA ALA D 335 -9.84 -10.28 32.07
C ALA D 335 -10.52 -10.16 30.71
N LEU D 336 -9.73 -9.85 29.69
CA LEU D 336 -10.26 -9.72 28.33
C LEU D 336 -10.82 -11.05 27.84
N GLN D 337 -10.20 -12.14 28.26
CA GLN D 337 -10.65 -13.48 27.86
C GLN D 337 -12.09 -13.73 28.34
N ALA D 338 -12.44 -13.21 29.50
CA ALA D 338 -13.79 -13.38 30.04
C ALA D 338 -14.80 -12.64 29.17
N ARG D 339 -14.33 -11.62 28.47
CA ARG D 339 -15.18 -10.81 27.60
C ARG D 339 -15.20 -11.36 26.16
N PHE D 340 -14.07 -11.88 25.72
CA PHE D 340 -13.91 -12.43 24.38
C PHE D 340 -13.60 -13.92 24.42
N PRO D 341 -14.64 -14.77 24.43
CA PRO D 341 -14.46 -16.22 24.47
C PRO D 341 -13.61 -16.76 23.32
N GLN D 342 -13.49 -15.98 22.24
CA GLN D 342 -12.68 -16.40 21.11
C GLN D 342 -11.22 -16.55 21.54
N MET D 343 -10.87 -15.90 22.65
CA MET D 343 -9.52 -15.99 23.21
C MET D 343 -9.48 -17.33 23.92
N MET D 344 -9.33 -18.41 23.14
CA MET D 344 -9.31 -19.77 23.67
C MET D 344 -8.26 -19.98 24.76
N GLN D 345 -7.07 -19.45 24.54
CA GLN D 345 -6.00 -19.61 25.51
C GLN D 345 -5.21 -18.32 25.67
N VAL D 346 -4.80 -18.06 26.90
CA VAL D 346 -3.99 -16.89 27.23
C VAL D 346 -2.82 -17.44 28.04
N ARG D 347 -1.61 -17.23 27.53
CA ARG D 347 -0.40 -17.73 28.19
C ARG D 347 0.57 -16.61 28.52
N GLY D 348 1.46 -16.88 29.47
CA GLY D 348 2.45 -15.88 29.83
C GLY D 348 3.50 -16.35 30.81
N THR D 349 4.75 -16.03 30.49
CA THR D 349 5.89 -16.35 31.36
C THR D 349 6.68 -15.05 31.30
N GLY D 350 6.66 -14.27 32.38
CA GLY D 350 7.36 -12.99 32.37
C GLY D 350 6.69 -12.14 31.30
N LEU D 351 7.48 -11.45 30.48
CA LEU D 351 6.90 -10.61 29.44
C LEU D 351 6.84 -11.24 28.04
N LEU D 352 6.71 -12.57 28.02
CA LEU D 352 6.56 -13.31 26.77
C LEU D 352 5.14 -13.86 26.92
N LEU D 353 4.19 -13.27 26.19
CA LEU D 353 2.81 -13.70 26.29
C LEU D 353 2.17 -14.06 24.95
N GLY D 354 1.12 -14.87 25.02
CA GLY D 354 0.44 -15.29 23.80
C GLY D 354 -1.04 -15.47 23.97
N VAL D 355 -1.77 -15.29 22.88
CA VAL D 355 -3.21 -15.44 22.88
C VAL D 355 -3.56 -16.36 21.72
N VAL D 356 -4.21 -17.47 22.05
CA VAL D 356 -4.63 -18.44 21.04
C VAL D 356 -6.10 -18.17 20.75
N LEU D 357 -6.40 -17.95 19.48
CA LEU D 357 -7.75 -17.66 19.05
C LEU D 357 -8.36 -18.80 18.25
N GLY D 358 -9.66 -18.99 18.41
CA GLY D 358 -10.36 -20.05 17.70
C GLY D 358 -11.72 -19.60 17.23
N ILE D 371 -7.59 -14.89 12.04
CA ILE D 371 -8.17 -14.14 13.15
C ILE D 371 -7.10 -13.30 13.85
N ALA D 372 -5.97 -13.92 14.17
CA ALA D 372 -4.87 -13.22 14.83
C ALA D 372 -4.33 -12.15 13.90
N SER D 373 -4.29 -12.47 12.61
CA SER D 373 -3.79 -11.54 11.61
C SER D 373 -4.67 -10.29 11.57
N ARG D 374 -5.98 -10.50 11.63
CA ARG D 374 -6.94 -9.40 11.59
C ARG D 374 -6.79 -8.52 12.83
N ILE D 375 -6.58 -9.15 13.98
CA ILE D 375 -6.41 -8.41 15.23
C ILE D 375 -5.14 -7.55 15.14
N GLY D 376 -4.10 -8.12 14.56
CA GLY D 376 -2.85 -7.39 14.41
C GLY D 376 -3.04 -6.14 13.56
N ALA D 377 -3.77 -6.28 12.46
CA ALA D 377 -4.02 -5.16 11.58
C ALA D 377 -4.86 -4.10 12.28
N ALA D 378 -5.90 -4.55 12.99
CA ALA D 378 -6.78 -3.63 13.71
C ALA D 378 -5.99 -2.93 14.81
N ALA D 379 -5.11 -3.68 15.47
CA ALA D 379 -4.29 -3.11 16.53
C ALA D 379 -3.33 -2.07 15.96
N LEU D 380 -2.77 -2.34 14.78
CA LEU D 380 -1.83 -1.43 14.15
C LEU D 380 -2.52 -0.10 13.81
N LYS D 381 -3.75 -0.17 13.31
CA LYS D 381 -4.48 1.04 12.98
C LYS D 381 -4.74 1.88 14.23
N ARG D 382 -4.74 1.22 15.39
CA ARG D 382 -4.94 1.91 16.65
C ARG D 382 -3.63 2.35 17.27
N GLY D 383 -2.51 2.02 16.62
CA GLY D 383 -1.21 2.42 17.12
C GLY D 383 -0.51 1.42 18.02
N LEU D 384 -0.88 0.15 17.93
CA LEU D 384 -0.25 -0.89 18.74
C LEU D 384 0.50 -1.86 17.84
N ILE D 385 1.81 -1.94 18.03
CA ILE D 385 2.65 -2.84 17.26
C ILE D 385 2.58 -4.23 17.88
N THR D 386 2.34 -5.24 17.05
CA THR D 386 2.28 -6.62 17.52
C THR D 386 3.35 -7.40 16.76
N TYR D 387 3.61 -8.64 17.16
CA TYR D 387 4.64 -9.44 16.50
C TYR D 387 4.43 -9.51 14.99
N ASP D 399 -3.50 -18.08 13.85
CA ASP D 399 -4.45 -18.02 14.95
C ASP D 399 -3.80 -17.74 16.30
N HIS D 400 -2.53 -17.36 16.27
CA HIS D 400 -1.79 -17.03 17.49
C HIS D 400 -1.34 -15.58 17.48
N LEU D 401 -1.34 -14.96 18.65
CA LEU D 401 -0.89 -13.58 18.80
C LEU D 401 0.20 -13.59 19.86
N LEU D 402 1.39 -13.13 19.50
CA LEU D 402 2.50 -13.09 20.45
C LEU D 402 2.71 -11.66 20.92
N LEU D 403 2.75 -11.47 22.24
CA LEU D 403 2.95 -10.13 22.80
C LEU D 403 4.22 -10.12 23.63
N GLY D 404 4.90 -8.98 23.65
CA GLY D 404 6.13 -8.86 24.41
C GLY D 404 6.73 -7.48 24.32
N PRO D 405 6.23 -6.53 25.14
CA PRO D 405 6.74 -5.16 25.13
C PRO D 405 8.09 -5.08 25.82
N PRO D 406 8.77 -3.93 25.71
CA PRO D 406 10.07 -3.76 26.35
C PRO D 406 9.99 -4.05 27.85
N LEU D 407 11.02 -4.68 28.40
CA LEU D 407 11.06 -5.03 29.81
C LEU D 407 11.03 -3.79 30.70
N SER D 408 11.31 -2.64 30.09
CA SER D 408 11.33 -1.35 30.77
C SER D 408 9.97 -0.64 30.78
N ILE D 409 8.95 -1.30 30.25
CA ILE D 409 7.61 -0.74 30.19
C ILE D 409 7.08 -0.45 31.59
N THR D 410 6.33 0.65 31.72
CA THR D 410 5.77 1.02 33.03
C THR D 410 4.37 0.43 33.20
N ALA D 411 3.88 0.45 34.44
CA ALA D 411 2.55 -0.08 34.73
C ALA D 411 1.50 0.67 33.93
N ALA D 412 1.64 1.99 33.84
CA ALA D 412 0.67 2.79 33.09
C ALA D 412 0.69 2.40 31.61
N GLU D 413 1.88 2.11 31.09
CA GLU D 413 2.01 1.75 29.69
C GLU D 413 1.44 0.35 29.41
N VAL D 414 1.52 -0.54 30.39
CA VAL D 414 0.97 -1.87 30.21
C VAL D 414 -0.55 -1.71 30.08
N ASP D 415 -1.14 -0.86 30.93
CA ASP D 415 -2.58 -0.63 30.86
C ASP D 415 -2.94 0.02 29.51
N GLY D 416 -2.04 0.86 29.00
CA GLY D 416 -2.29 1.52 27.73
C GLY D 416 -2.29 0.49 26.61
N LEU D 417 -1.38 -0.48 26.72
CA LEU D 417 -1.27 -1.55 25.72
C LEU D 417 -2.57 -2.36 25.73
N LEU D 418 -3.04 -2.71 26.92
CA LEU D 418 -4.26 -3.49 27.07
C LEU D 418 -5.48 -2.74 26.50
N ALA D 419 -5.50 -1.42 26.65
CA ALA D 419 -6.61 -0.63 26.13
C ALA D 419 -6.63 -0.66 24.61
N LEU D 420 -5.45 -0.56 24.00
CA LEU D 420 -5.36 -0.59 22.54
C LEU D 420 -5.75 -1.98 22.04
N LEU D 421 -5.27 -3.02 22.73
CA LEU D 421 -5.59 -4.39 22.34
C LEU D 421 -7.08 -4.65 22.45
N ALA D 422 -7.69 -4.19 23.54
CA ALA D 422 -9.13 -4.37 23.74
C ALA D 422 -9.89 -3.78 22.56
N GLY D 423 -9.46 -2.62 22.10
CA GLY D 423 -10.11 -1.98 20.97
C GLY D 423 -9.99 -2.81 19.70
N ALA D 424 -8.81 -3.38 19.47
CA ALA D 424 -8.56 -4.20 18.31
C ALA D 424 -9.40 -5.47 18.38
N LEU D 425 -9.51 -6.03 19.58
CA LEU D 425 -10.31 -7.23 19.78
C LEU D 425 -11.78 -6.95 19.49
N GLU D 426 -12.28 -5.82 19.97
CA GLU D 426 -13.66 -5.43 19.74
C GLU D 426 -13.91 -5.24 18.23
N ASP D 427 -12.94 -4.67 17.54
CA ASP D 427 -13.06 -4.44 16.10
C ASP D 427 -13.28 -5.75 15.34
N VAL D 428 -12.49 -6.76 15.69
CA VAL D 428 -12.55 -8.05 15.03
C VAL D 428 -13.55 -9.05 15.61
N LEU D 429 -13.76 -9.00 16.93
CA LEU D 429 -14.66 -9.93 17.57
C LEU D 429 -15.99 -9.32 18.02
#